data_6SPE
#
_entry.id   6SPE
#
_cell.length_a   1.00
_cell.length_b   1.00
_cell.length_c   1.00
_cell.angle_alpha   90.00
_cell.angle_beta   90.00
_cell.angle_gamma   90.00
#
_symmetry.space_group_name_H-M   'P 1'
#
loop_
_entity.id
_entity.type
_entity.pdbx_description
1 polymer '16S ribosomal RNA'
2 polymer '30S ribosomal protein S2'
3 polymer '30S ribosomal protein S3'
4 polymer '30S ribosomal protein S4'
5 polymer '30S ribosomal protein S5'
6 polymer '30S ribosomal protein S6'
7 polymer '30S ribosomal protein S7'
8 polymer '30S ribosomal protein S8'
9 polymer '30S ribosomal protein S9'
10 polymer '30S ribosomal protein S10'
11 polymer '30S ribosomal protein S11'
12 polymer '30S ribosomal protein S12'
13 polymer '30S ribosomal protein S13'
14 polymer '30S ribosomal protein S14'
15 polymer '30S ribosomal protein S15'
16 polymer '30S ribosomal protein S16'
17 polymer '30S ribosomal protein S17'
18 polymer '30S ribosomal protein S18'
19 polymer '30S ribosomal protein S19'
20 polymer '30S ribosomal protein S20'
21 polymer '30S ribosomal protein S21'
#
loop_
_entity_poly.entity_id
_entity_poly.type
_entity_poly.pdbx_seq_one_letter_code
_entity_poly.pdbx_strand_id
1 'polyribonucleotide'
;AACUGAAGAGUUUGAUCAUGGCUCAGAUUGAACGCUGGCGGCAGGCCUAACACAUGCAAGUCGAGCGGAUAAAGGGAGCU
UGCUCCUGGAUUCAGCGGCGGACGGGUGAGUAAUGCCUAGGAAUCUGCCUGGUAGUGGGGGAUAACGUCCGGAAACGGGC
GCUAAUACCGCAUACGUCCUGAGGGAGAAAGUGGGGGAUCUUCGGACCUCACGCUAUCAGAUGAGCCUAGGUCGGAUUAG
CUAGUUGGUGGGGUAAAGGCCUACCAAGGCGACGAUCCGUAACUGGUCUGAGAGGAUGAUCAGUCACACUGGAACUGAGA
CACGGUCCAGACUCCUACGGGAGGCAGCAGUGGGGAAUAUUGGACAAUGGGCGAAAGCCUGAUCCAGCCAUGCCGCGUGU
GUGAAGAAGGUCUUCGGAUUGUAAAGCACUUUAAGUUGGGAGGAAGGGCAGUAAGUUAAUACCUUGCUGUUUUGACGUUA
CCAACAGAAUAAGCACCGGCUAACUUCGUGCCAGCAGCCGCGGUAAUACGAAGGGUGCAAGCGUUAAUCGGAAUUACUGG
GCGUAAAGCGCGCGUAGGUGGUUCAGCAAGUUGGAUGUGAAAUCCCCGGGCUCAACCUGGGAACUGCAUCCAAAACUACU
GAGCUAGAGUACGGUAGAGGGUGGUGGAAUUUCCUGUGUAGCGGUGAAAUGCGUAGAUAUAGGAAGGAACACCAGUGGCG
AAGGCGACCACCUGGACUGAUACUGACACUGAGGUGCGAAAGCGUGGGGAGCAAACAGGAUUAGAUACCCUGGUAGUCCA
CGCCGUAAACGAUGUCGACUAGCCGUUGGGAUCCUUGAGAUCUUAGUGGCGCAGCUAACGCGAUAAGUCGACCGCCUGGG
GAGUACGGCCGCAAGGUUAAAACUCAAAUGAAUUGACGGGGGCCCGCACAAGCGGUGGAGCAUGUGGUUUAAUUCGAAGC
AACGCGAAGAACCUUACCUGGCCUUGACAUGCUGAGAACUUUCCAGAGAUGGAUUGGUGCCUUCGGGAACUCAGACACAG
GUGCUGCAUGGCUGUCGUCAGCUCGUGUCGUGAGAUGUUGGGUUAAGUCCCGUAACGAGCGCAACCCUUGUCCUUAGUUA
CCAGCACCUCGGGUGGGCACUCUAAGGAGACUGCCGGUGACAAACCGGAGGAAGGUGGGGAUGACGUCAAGUCAUCAUGG
CCCUUACGGCCAGGGCUACACACGUGCUACAAUGGUCGGUACAAAGGGUUGCCAAGCCGCGAGGUGGAGCUAAUCCCAUA
AAACCGAUCGUAGUCCGGAUCGCAGUCUGCAACUCGACUGCGUGAAGUCGGAAUCGCUAGUAAUCGUGAAUCAGAAUGUC
ACGGUGAAUACGUUCCCGGGCCUUGUACACACCGCCCGUCACACCAUGGGAGUGGGUUGCUCCAGAAGUAGCUAGUCUAA
CCGCAAGGGGGACGGUUACCACGGAGUGAUUCAUGACUGGGGUGAAGUCGUAACAAGGUAGCCGUAGGGGAACCUGCGGC
UGGAUC
;
a
2 'polypeptide(L)'
;QVNMRDMLKAGVHFGHQTRYWNPKMGKFIFGARNKIHIINLEKTLPMFNEALTFVERLAAGKNKILFVGTKRSAGKIVRE
EAARCGMPYVDHRWLGGMLTNYKTIRQSIKRLRDLETQSQDGTFDKLTKKEALMRSRDLEKLERSLGGIKDMGGLPDALF
VIDVDHERIAITEANKLGIPVIGVVDTNSSPEGVDYVIPGNDDAIRAVQLYLNSMAEAVIRGKQGAATSADEFVEEAPA
;
b
3 'polypeptide(L)'
;QKVHPNGIRLGIVKEHTSVWYADRKNYADYLFADLKVREYLQDKLKSASVSRIDIHRPAQTARITIHTARPGIVIGKKGE
DVEKLRQDLTKQMGVPVHINIEEIRKPELDAMLVAQSVAQQLERRVMFRRAMKRAVQNAMRIGAKGIKIQVSGRLGGAEI
ARTEWYREGRVPLHTLRADIDYATYEAHTTYGVIGVKVWIFKGEV
;
c
4 'polypeptide(L)'
;ARYIGPKCKLSRREGTDLFLKSGARALDSKCKAENVPGQHGQRRGRLSDYGLQLREKQKVRRIYGVLERQFRGYYQEASR
RKGSTGENLLQLLECRLDNVVYRMGFGSTRSESRQLVSHKAITVNGQTVNIPSYQVKAGDVVAVREKSKNQLRIAQALEL
CGQRGRVEWVEVDLDKKAGTFKSAPARSDLSADINENLIVELYSK
;
d
5 'polypeptide(L)'
;GYIEKLVQVNRVAKTVKGGRIFAFTALTVVGDGKGRVGFGRGKAREVPAAIQKAMEAARRNMIQVDLNGTTLQYPTKSAH
GASKVYMQPASEGTGIIAGGAMRAVLEVAGVQNVLAKCYGSTNPVNVVYATFKGLKNMQAPEAVAAKRGKSVEEIL
;
e
6 'polypeptide(L)'
;RHYEIVFLVHPDQSEQVGGMVERYTKAIEEDGGKIHRLEDWGRRQLAYAINNVHKAHYVLMNVECSAKALAELEDNFRYN
DAVIRNLVMRRDEAVTEQSEMLKAE
;
f
7 'polypeptide(L)'
;RRRVAAKREVLADPKYGSQILAKFMNHVMESGKKAVAERIVYGALDKVKERGKADPLETFEKALDAIAPLVEVKSRRVGG
ATYQVPVEVRPSRRNALAMRWLVDFARKRGEKSMALRLAGELLDAAEGKGAAVKKREDVHRMAEANKAFSHYRF
;
g
8 'polypeptide(L)'
;SMQDPLADMLTRIRNAQMAEKTVVSMPSSKLKAAVAKVLKDEGYIADFQISSEVKPQLSIELKYFEGKPVIEEVKRISRP
GLRQYKSVEQLPKVRGGLGVSIVSTNKGVMTDRAARAAGVGGEVLCTVF
;
h
9 'polypeptide(L)'
;ATQNYGTGRRKTATARVFLRPGTGKISINNRGLDQFFGRETARMVVRQPLELTETVEKFDIFVTVVGGGVSGQAGAIRHG
ITRALIEYDETLRSSLRKAGYVTRDAREVERKKVGLRKARKRPQYS
;
i
10 'polypeptide(L)'
;IRLKAFDHRLIDQSTQEIVETAKRTGAQVRGPIPLPTRKERFTVLISPHVNKDARDQYEIRTHKRVLDIVQPTDKTVDAL
MKLDLAAGVEVQISLG
;
j
11 'polypeptide(L)'
;KTVVDGIAHIHASFNNTIVTITDRQGNALSWATSGGSGFRGSRKSTPFAAQVAAERAGQAALEYGLKNLDVNVKGPGPGR
ESAVRALNACGYKIASITDVTPIPHNGCRPPKKRR
;
k
12 'polypeptide(L)'
;ATINQLVRKPRKRMVDKSDVPALQNCPQRRGVCTRVYTTTPKKPNSALRKVCRVRLTNGFEVSSYIGGEGHNLQEHSVVL
IRGGRVKDLPGVRYHTVRGSLDTSGVKDRKQGRSKYGAKRP
;
l
13 'polypeptide(L)'
;RIAGVNIPDNKHTVISLTYIYGVGRTTAQSICAATGVNPAAKIKDLSDEQIDQLRNEVAKITTEGDLRREINMNIKRLMD
LGCYRGLRHRRGLPVRGQRTKTNARTRKGP
;
m
14 'polypeptide(L)'
;KESMKNRELKRQLTVAKYAKKRAELKAIIANPNSSAEERWNAQVALQKQPRDASASRLRNRCRLTGRPHGFYRKFGLSRN
KLREAAMRGDVPGLVKAS
;
n
15 'polypeptide(L)'
;LSVEEKAQIVNEYKQAEGDTGSPEVQVALLSANINKLQDHFKANGKDHHSRRGLIRMVNQRRKLLDYLKGKDVSRYTALI
GRLGLR
;
o
16 'polypeptide(L)' MVTIRLARGGSKKRPFYHLTVTNSRNARDGRFVERIGFFNPVATGGEVRLSVDQERATYWLGQGAQPSERVAQLLKDA p
17 'polypeptide(L)' RTLTGRVVSDKMDKTVTVLIERRVKHPIYGKYVKRSTKLHAHDESNQCRIGDLVTIRETRPLAKTKAWTLVDIVER q
18 'polypeptide(L)' FFRRRRFCRFTAEGVKEIDYKDLNTLKAYVSETGKIVPSRITGTKAKYQRQLATAIKRARYLALLPYTDSH r
19 'polypeptide(L)' PRSLKKGPFIDLHLLKKVEVAVEKNDRKPIKTWSRRSMILPHMVGLTIAVHNGRQHVPVLVNEDMVGHKLGEFAATRTYR s
20 'polypeptide(L)'
;NTPSAKKRAKQAEKRRSHNASLRSMVRTYIKNVVKAIDAKDLEKAQAAFTAAVPVIDRMADKGIIHKNKAARHKSRLSGH
IKALS
;
t
21 'polypeptide(L)' KVKENEPFDVALRRFKRSCEKAGALAEVRSREFYEKPTAERKRKAAAAVKRHAKKVQREQRRR u
#
# COMPACT_ATOMS: atom_id res chain seq x y z
N GLN B 1 36.33 -33.57 -34.46
CA GLN B 1 35.73 -32.54 -35.30
C GLN B 1 34.48 -33.07 -35.98
N VAL B 2 34.57 -33.25 -37.30
CA VAL B 2 33.47 -33.81 -38.09
C VAL B 2 33.43 -35.33 -37.98
N ASN B 3 34.46 -35.93 -37.37
CA ASN B 3 34.56 -37.38 -37.26
C ASN B 3 33.43 -37.95 -36.40
N MET B 4 32.98 -39.15 -36.77
CA MET B 4 31.85 -39.76 -36.09
C MET B 4 32.26 -40.36 -34.76
N ARG B 5 33.47 -40.90 -34.66
CA ARG B 5 33.90 -41.52 -33.41
C ARG B 5 34.26 -40.48 -32.36
N ASP B 6 34.41 -39.21 -32.75
CA ASP B 6 34.40 -38.15 -31.76
C ASP B 6 33.04 -38.02 -31.11
N MET B 7 31.97 -38.23 -31.89
CA MET B 7 30.63 -38.14 -31.35
C MET B 7 30.26 -39.38 -30.56
N LEU B 8 30.77 -40.54 -30.96
CA LEU B 8 30.40 -41.80 -30.31
C LEU B 8 31.10 -41.98 -28.96
N LYS B 9 32.36 -41.56 -28.87
CA LYS B 9 33.17 -41.85 -27.70
C LYS B 9 33.06 -40.78 -26.62
N ALA B 10 32.63 -39.56 -26.98
CA ALA B 10 32.57 -38.49 -25.99
C ALA B 10 31.36 -38.62 -25.07
N GLY B 11 30.32 -39.30 -25.51
CA GLY B 11 29.09 -39.36 -24.74
C GLY B 11 28.14 -38.24 -25.11
N VAL B 12 27.84 -38.14 -26.41
CA VAL B 12 26.92 -37.12 -26.89
C VAL B 12 25.49 -37.62 -26.87
N HIS B 13 25.29 -38.92 -27.08
CA HIS B 13 23.98 -39.43 -27.46
C HIS B 13 22.99 -39.42 -26.30
N PHE B 14 23.48 -39.47 -25.07
CA PHE B 14 22.63 -39.69 -23.90
C PHE B 14 22.01 -38.39 -23.42
N GLY B 15 20.81 -38.48 -22.88
CA GLY B 15 20.11 -37.32 -22.37
C GLY B 15 20.05 -37.36 -20.85
N HIS B 16 19.22 -36.48 -20.29
CA HIS B 16 19.12 -36.36 -18.83
C HIS B 16 18.35 -37.55 -18.27
N GLN B 17 17.04 -37.65 -18.49
CA GLN B 17 16.17 -38.72 -18.03
C GLN B 17 14.96 -38.73 -18.93
N THR B 18 13.90 -39.39 -18.47
CA THR B 18 12.68 -39.45 -19.29
C THR B 18 11.59 -38.55 -18.73
N ARG B 19 11.67 -38.17 -17.45
CA ARG B 19 10.66 -37.27 -16.92
C ARG B 19 11.12 -35.81 -16.99
N TYR B 20 12.41 -35.56 -16.87
CA TYR B 20 12.93 -34.24 -17.21
C TYR B 20 12.92 -34.11 -18.72
N TRP B 21 11.99 -33.32 -19.24
CA TRP B 21 11.57 -33.52 -20.62
C TRP B 21 10.96 -32.25 -21.16
N ASN B 22 11.08 -32.07 -22.47
CA ASN B 22 10.52 -30.92 -23.17
C ASN B 22 10.15 -31.33 -24.59
N PRO B 23 8.86 -31.30 -24.94
CA PRO B 23 8.46 -31.68 -26.31
C PRO B 23 8.72 -30.61 -27.36
N LYS B 24 9.18 -29.42 -26.99
CA LYS B 24 9.65 -28.48 -28.01
C LYS B 24 11.00 -28.89 -28.57
N MET B 25 11.73 -29.74 -27.84
CA MET B 25 12.99 -30.30 -28.30
C MET B 25 12.80 -31.65 -28.97
N GLY B 26 11.69 -32.33 -28.70
CA GLY B 26 11.46 -33.72 -29.09
C GLY B 26 11.45 -34.06 -30.57
N LYS B 27 11.60 -33.06 -31.44
CA LYS B 27 11.82 -33.35 -32.86
C LYS B 27 13.21 -33.95 -33.07
N PHE B 28 14.16 -33.60 -32.21
CA PHE B 28 15.57 -33.92 -32.41
C PHE B 28 15.99 -35.08 -31.52
N ILE B 29 15.08 -36.02 -31.28
CA ILE B 29 15.33 -37.14 -30.40
C ILE B 29 15.27 -38.43 -31.22
N PHE B 30 15.92 -39.46 -30.71
CA PHE B 30 16.01 -40.74 -31.40
C PHE B 30 15.35 -41.90 -30.66
N GLY B 31 15.41 -41.93 -29.32
CA GLY B 31 14.83 -43.05 -28.62
C GLY B 31 14.78 -42.82 -27.13
N ALA B 32 14.31 -43.86 -26.43
CA ALA B 32 14.12 -43.86 -24.98
C ALA B 32 14.66 -45.14 -24.37
N ARG B 33 15.90 -45.48 -24.72
CA ARG B 33 16.49 -46.75 -24.33
C ARG B 33 16.87 -46.74 -22.85
N ASN B 34 16.33 -47.71 -22.10
CA ASN B 34 16.60 -47.92 -20.67
C ASN B 34 16.26 -46.70 -19.83
N LYS B 35 15.10 -46.10 -20.12
CA LYS B 35 14.51 -44.93 -19.44
C LYS B 35 15.39 -43.68 -19.50
N ILE B 36 16.40 -43.64 -20.37
CA ILE B 36 17.23 -42.46 -20.59
C ILE B 36 17.16 -42.13 -22.07
N HIS B 37 16.86 -40.87 -22.38
CA HIS B 37 16.59 -40.49 -23.76
C HIS B 37 17.86 -40.39 -24.59
N ILE B 38 17.80 -40.97 -25.80
CA ILE B 38 18.90 -41.00 -26.74
C ILE B 38 18.65 -39.93 -27.79
N ILE B 39 19.60 -39.00 -27.92
CA ILE B 39 19.44 -37.92 -28.89
C ILE B 39 19.72 -38.46 -30.29
N ASN B 40 19.30 -37.69 -31.29
CA ASN B 40 19.54 -38.11 -32.68
C ASN B 40 21.00 -37.89 -33.05
N LEU B 41 21.51 -38.82 -33.85
CA LEU B 41 22.91 -38.84 -34.25
C LEU B 41 23.17 -38.27 -35.64
N GLU B 42 22.14 -38.18 -36.49
CA GLU B 42 22.32 -37.87 -37.89
C GLU B 42 21.97 -36.45 -38.28
N LYS B 43 21.16 -35.76 -37.48
CA LYS B 43 20.87 -34.35 -37.73
C LYS B 43 21.77 -33.42 -36.95
N THR B 44 22.72 -33.95 -36.19
CA THR B 44 23.57 -33.10 -35.35
C THR B 44 24.66 -32.44 -36.17
N LEU B 45 25.45 -33.24 -36.86
CA LEU B 45 26.64 -32.79 -37.59
C LEU B 45 26.39 -31.89 -38.81
N PRO B 46 25.28 -31.99 -39.55
CA PRO B 46 24.96 -30.89 -40.47
C PRO B 46 24.68 -29.57 -39.76
N MET B 47 24.01 -29.61 -38.61
CA MET B 47 23.81 -28.39 -37.84
C MET B 47 25.12 -27.94 -37.20
N PHE B 48 25.95 -28.90 -36.79
CA PHE B 48 27.18 -28.56 -36.08
C PHE B 48 28.23 -27.97 -37.00
N ASN B 49 28.29 -28.44 -38.26
CA ASN B 49 29.27 -27.90 -39.20
C ASN B 49 28.89 -26.50 -39.65
N GLU B 50 27.60 -26.24 -39.82
CA GLU B 50 27.14 -24.93 -40.25
C GLU B 50 27.20 -23.90 -39.15
N ALA B 51 27.33 -24.32 -37.89
CA ALA B 51 27.58 -23.37 -36.81
C ALA B 51 28.98 -22.82 -36.89
N LEU B 52 29.97 -23.69 -37.12
CA LEU B 52 31.35 -23.25 -37.30
C LEU B 52 31.57 -22.48 -38.59
N THR B 53 30.64 -22.59 -39.55
CA THR B 53 30.74 -21.81 -40.77
C THR B 53 30.53 -20.31 -40.49
N PHE B 54 29.57 -19.99 -39.63
CA PHE B 54 29.32 -18.60 -39.29
C PHE B 54 30.17 -18.11 -38.12
N VAL B 55 30.82 -19.00 -37.39
CA VAL B 55 31.87 -18.57 -36.47
C VAL B 55 33.07 -18.05 -37.25
N GLU B 56 33.52 -18.83 -38.24
CA GLU B 56 34.62 -18.41 -39.10
C GLU B 56 34.24 -17.23 -39.97
N ARG B 57 32.95 -17.09 -40.29
CA ARG B 57 32.50 -15.95 -41.07
C ARG B 57 32.59 -14.67 -40.26
N LEU B 58 32.38 -14.74 -38.95
CA LEU B 58 32.55 -13.56 -38.11
C LEU B 58 34.00 -13.34 -37.73
N ALA B 59 34.75 -14.43 -37.49
CA ALA B 59 36.07 -14.33 -36.85
C ALA B 59 37.09 -13.60 -37.71
N ALA B 60 36.93 -13.62 -39.03
CA ALA B 60 37.77 -12.85 -39.93
C ALA B 60 37.18 -11.48 -40.23
N GLY B 61 36.27 -10.99 -39.38
CA GLY B 61 35.61 -9.73 -39.64
C GLY B 61 35.79 -8.68 -38.56
N LYS B 62 36.81 -8.84 -37.70
CA LYS B 62 37.23 -7.87 -36.69
C LYS B 62 36.10 -7.59 -35.70
N ASN B 63 35.78 -8.60 -34.91
CA ASN B 63 34.76 -8.48 -33.88
C ASN B 63 35.13 -9.37 -32.69
N LYS B 64 34.17 -9.63 -31.82
CA LYS B 64 34.41 -10.37 -30.59
C LYS B 64 33.51 -11.59 -30.50
N ILE B 65 33.99 -12.59 -29.77
CA ILE B 65 33.26 -13.84 -29.53
C ILE B 65 33.31 -14.11 -28.04
N LEU B 66 32.15 -14.32 -27.42
CA LEU B 66 32.05 -14.42 -25.98
C LEU B 66 31.73 -15.84 -25.55
N PHE B 67 32.54 -16.37 -24.63
CA PHE B 67 32.39 -17.72 -24.10
C PHE B 67 31.82 -17.64 -22.69
N VAL B 68 30.69 -18.31 -22.46
CA VAL B 68 30.01 -18.31 -21.17
C VAL B 68 29.72 -19.72 -20.72
N GLY B 69 28.97 -19.87 -19.63
CA GLY B 69 28.55 -21.16 -19.16
C GLY B 69 29.30 -21.63 -17.94
N THR B 70 29.45 -20.74 -16.96
CA THR B 70 30.29 -21.01 -15.80
C THR B 70 29.61 -21.99 -14.85
N LYS B 71 30.01 -23.25 -14.94
CA LYS B 71 29.86 -24.21 -13.88
C LYS B 71 31.24 -24.54 -13.32
N ARG B 72 31.33 -24.62 -12.00
CA ARG B 72 32.62 -24.91 -11.37
C ARG B 72 33.06 -26.34 -11.62
N SER B 73 32.15 -27.23 -12.02
CA SER B 73 32.49 -28.62 -12.28
C SER B 73 33.18 -28.78 -13.63
N ALA B 74 32.49 -28.43 -14.72
CA ALA B 74 32.98 -28.75 -16.06
C ALA B 74 33.12 -27.51 -16.93
N GLY B 75 33.27 -26.33 -16.34
CA GLY B 75 33.52 -25.13 -17.10
C GLY B 75 34.98 -24.73 -17.20
N LYS B 76 35.90 -25.56 -16.71
CA LYS B 76 37.32 -25.21 -16.74
C LYS B 76 37.91 -25.34 -18.12
N ILE B 77 37.26 -26.09 -19.02
CA ILE B 77 37.70 -26.10 -20.40
C ILE B 77 37.39 -24.76 -21.06
N VAL B 78 36.34 -24.08 -20.61
CA VAL B 78 36.06 -22.73 -21.07
C VAL B 78 37.06 -21.76 -20.47
N ARG B 79 37.57 -22.08 -19.28
CA ARG B 79 38.65 -21.29 -18.70
C ARG B 79 39.96 -21.51 -19.45
N GLU B 80 40.11 -22.67 -20.09
CA GLU B 80 41.40 -23.11 -20.61
C GLU B 80 41.60 -22.81 -22.08
N GLU B 81 40.60 -23.06 -22.92
CA GLU B 81 40.76 -22.93 -24.37
C GLU B 81 40.22 -21.58 -24.83
N ALA B 82 40.50 -20.57 -24.02
CA ALA B 82 40.10 -19.20 -24.24
C ALA B 82 41.21 -18.32 -23.67
N ALA B 83 40.88 -17.07 -23.37
CA ALA B 83 41.80 -16.06 -22.83
C ALA B 83 42.95 -15.80 -23.81
N ARG B 84 42.56 -15.44 -25.02
CA ARG B 84 43.45 -14.85 -26.01
C ARG B 84 42.79 -13.59 -26.55
N CYS B 85 43.50 -12.90 -27.45
CA CYS B 85 43.23 -11.51 -27.77
C CYS B 85 41.93 -11.28 -28.52
N GLY B 86 41.24 -12.32 -28.95
CA GLY B 86 40.02 -12.14 -29.71
C GLY B 86 38.75 -12.63 -29.04
N MET B 87 38.88 -13.25 -27.87
CA MET B 87 37.69 -13.78 -27.21
C MET B 87 37.66 -13.51 -25.72
N PRO B 88 36.74 -12.67 -25.24
CA PRO B 88 36.52 -12.58 -23.79
C PRO B 88 35.80 -13.81 -23.27
N TYR B 89 35.79 -13.95 -21.95
CA TYR B 89 35.12 -15.07 -21.30
C TYR B 89 34.71 -14.66 -19.90
N VAL B 90 33.99 -15.54 -19.21
CA VAL B 90 33.54 -15.30 -17.84
C VAL B 90 33.91 -16.49 -16.97
N ASP B 91 34.03 -16.21 -15.67
CA ASP B 91 34.50 -17.17 -14.68
C ASP B 91 33.51 -17.41 -13.53
N HIS B 92 32.66 -16.44 -13.22
CA HIS B 92 31.74 -16.52 -12.11
C HIS B 92 30.32 -16.46 -12.68
N ARG B 93 29.33 -16.32 -11.80
CA ARG B 93 27.93 -16.18 -12.18
C ARG B 93 27.73 -14.97 -13.09
N TRP B 94 26.91 -15.16 -14.12
CA TRP B 94 26.55 -14.09 -15.04
C TRP B 94 25.80 -13.00 -14.31
N LEU B 95 26.29 -11.76 -14.40
CA LEU B 95 25.70 -10.67 -13.65
C LEU B 95 24.37 -10.27 -14.27
N GLY B 96 23.40 -9.99 -13.40
CA GLY B 96 22.10 -9.60 -13.90
C GLY B 96 22.14 -8.21 -14.48
N GLY B 97 22.15 -8.17 -15.80
CA GLY B 97 22.22 -6.93 -16.54
C GLY B 97 23.66 -6.65 -16.86
N MET B 98 24.12 -7.10 -18.01
CA MET B 98 25.47 -6.79 -18.45
C MET B 98 25.49 -6.17 -19.83
N LEU B 99 24.79 -6.78 -20.79
CA LEU B 99 24.69 -6.19 -22.12
C LEU B 99 23.77 -4.99 -22.10
N THR B 100 22.75 -5.01 -21.25
CA THR B 100 21.77 -3.92 -21.18
C THR B 100 22.17 -2.84 -20.19
N ASN B 101 22.98 -3.16 -19.18
CA ASN B 101 23.44 -2.20 -18.20
C ASN B 101 24.94 -2.01 -18.34
N TYR B 102 25.41 -1.91 -19.58
CA TYR B 102 26.84 -1.85 -19.85
C TYR B 102 27.44 -0.51 -19.47
N LYS B 103 26.62 0.53 -19.32
CA LYS B 103 27.10 1.82 -18.86
C LYS B 103 27.59 1.76 -17.42
N THR B 104 26.96 0.92 -16.60
CA THR B 104 27.42 0.76 -15.22
C THR B 104 28.72 -0.02 -15.17
N ILE B 105 28.85 -1.04 -16.03
CA ILE B 105 30.02 -1.90 -16.00
C ILE B 105 31.25 -1.18 -16.53
N ARG B 106 31.05 -0.17 -17.39
CA ARG B 106 32.15 0.72 -17.77
C ARG B 106 32.69 1.48 -16.58
N GLN B 107 31.83 1.81 -15.63
CA GLN B 107 32.27 2.51 -14.43
C GLN B 107 32.94 1.56 -13.43
N SER B 108 32.55 0.29 -13.43
CA SER B 108 33.09 -0.66 -12.48
C SER B 108 34.36 -1.34 -12.96
N ILE B 109 34.73 -1.16 -14.24
CA ILE B 109 36.03 -1.60 -14.72
C ILE B 109 37.10 -0.56 -14.44
N LYS B 110 36.70 0.64 -14.01
CA LYS B 110 37.64 1.66 -13.61
C LYS B 110 38.40 1.25 -12.35
N ARG B 111 37.71 0.54 -11.45
CA ARG B 111 38.39 -0.04 -10.29
C ARG B 111 39.32 -1.17 -10.70
N LEU B 112 38.96 -1.93 -11.74
CA LEU B 112 39.77 -3.04 -12.18
C LEU B 112 41.09 -2.58 -12.78
N ARG B 113 41.08 -1.44 -13.47
CA ARG B 113 42.28 -0.88 -14.10
C ARG B 113 43.21 -0.19 -13.12
N ASP B 114 42.92 -0.22 -11.83
CA ASP B 114 43.79 0.42 -10.86
C ASP B 114 44.35 -0.54 -9.84
N LEU B 115 43.53 -1.45 -9.32
CA LEU B 115 43.89 -2.22 -8.12
C LEU B 115 44.96 -3.27 -8.40
N GLU B 116 45.21 -3.61 -9.66
CA GLU B 116 46.41 -4.37 -9.98
C GLU B 116 47.66 -3.51 -9.77
N THR B 117 47.66 -2.31 -10.34
CA THR B 117 48.80 -1.40 -10.21
C THR B 117 48.88 -0.82 -8.81
N GLN B 118 47.72 -0.66 -8.14
CA GLN B 118 47.68 -0.09 -6.80
C GLN B 118 48.37 -0.97 -5.77
N SER B 119 48.48 -2.28 -6.01
CA SER B 119 49.19 -3.18 -5.13
C SER B 119 50.72 -3.09 -5.27
N GLN B 120 51.24 -2.10 -6.00
CA GLN B 120 52.65 -1.74 -5.94
C GLN B 120 53.06 -1.36 -4.52
N ASP B 121 52.26 -0.50 -3.89
CA ASP B 121 52.61 -0.04 -2.54
C ASP B 121 52.36 -1.13 -1.51
N GLY B 122 51.11 -1.53 -1.32
CA GLY B 122 50.78 -2.51 -0.30
C GLY B 122 50.91 -1.96 1.11
N THR B 128 48.09 1.12 5.98
CA THR B 128 48.91 0.42 6.95
C THR B 128 49.02 -1.06 6.64
N LYS B 129 48.98 -1.90 7.67
CA LYS B 129 49.19 -3.34 7.50
C LYS B 129 47.93 -4.04 7.03
N LYS B 130 46.88 -4.00 7.84
CA LYS B 130 45.61 -4.61 7.46
C LYS B 130 44.90 -3.81 6.37
N GLU B 131 45.21 -2.52 6.26
CA GLU B 131 44.61 -1.66 5.24
C GLU B 131 45.01 -2.10 3.83
N ALA B 132 46.19 -2.68 3.67
CA ALA B 132 46.55 -3.30 2.40
C ALA B 132 45.69 -4.52 2.12
N LEU B 133 45.36 -5.29 3.16
CA LEU B 133 44.49 -6.44 3.01
C LEU B 133 43.03 -6.04 2.83
N MET B 134 42.65 -4.82 3.23
CA MET B 134 41.28 -4.36 3.05
C MET B 134 40.96 -4.07 1.58
N ARG B 135 41.97 -3.79 0.77
CA ARG B 135 41.76 -3.55 -0.65
C ARG B 135 42.26 -4.68 -1.54
N SER B 136 43.24 -5.45 -1.09
CA SER B 136 43.68 -6.61 -1.85
C SER B 136 42.71 -7.79 -1.70
N ARG B 137 41.77 -7.71 -0.78
CA ARG B 137 40.70 -8.70 -0.72
C ARG B 137 39.71 -8.51 -1.87
N ASP B 138 39.38 -7.25 -2.18
CA ASP B 138 38.43 -6.95 -3.25
C ASP B 138 38.98 -7.24 -4.64
N LEU B 139 40.31 -7.37 -4.76
CA LEU B 139 40.89 -7.72 -6.04
C LEU B 139 40.56 -9.15 -6.44
N GLU B 140 40.28 -10.01 -5.47
CA GLU B 140 39.94 -11.41 -5.77
C GLU B 140 38.55 -11.53 -6.37
N LYS B 141 37.57 -10.79 -5.84
CA LYS B 141 36.22 -10.86 -6.38
C LYS B 141 36.12 -10.21 -7.75
N LEU B 142 36.82 -9.09 -7.95
CA LEU B 142 36.84 -8.46 -9.26
C LEU B 142 37.58 -9.30 -10.28
N GLU B 143 38.60 -10.05 -9.85
CA GLU B 143 39.24 -11.01 -10.74
C GLU B 143 38.32 -12.18 -11.02
N ARG B 144 37.47 -12.53 -10.06
CA ARG B 144 36.59 -13.67 -10.20
C ARG B 144 35.48 -13.42 -11.22
N SER B 145 35.03 -12.17 -11.35
CA SER B 145 33.93 -11.85 -12.24
C SER B 145 34.37 -10.97 -13.41
N LEU B 146 34.95 -9.81 -13.14
CA LEU B 146 35.35 -8.92 -14.21
C LEU B 146 36.71 -9.25 -14.79
N GLY B 147 37.37 -10.31 -14.30
CA GLY B 147 38.73 -10.59 -14.74
C GLY B 147 38.79 -11.07 -16.18
N GLY B 148 37.83 -11.90 -16.59
CA GLY B 148 37.82 -12.45 -17.94
C GLY B 148 37.54 -11.41 -19.02
N ILE B 149 36.90 -10.31 -18.67
CA ILE B 149 36.66 -9.23 -19.61
C ILE B 149 37.67 -8.13 -19.34
N LYS B 150 38.65 -8.01 -20.22
CA LYS B 150 39.50 -6.83 -20.26
C LYS B 150 39.13 -5.90 -21.40
N ASP B 151 38.31 -6.36 -22.33
CA ASP B 151 37.83 -5.52 -23.41
C ASP B 151 36.88 -4.45 -22.87
N MET B 152 36.94 -3.26 -23.49
CA MET B 152 35.97 -2.22 -23.25
C MET B 152 35.60 -1.61 -24.59
N GLY B 153 34.33 -1.28 -24.76
CA GLY B 153 33.87 -0.66 -25.99
C GLY B 153 33.14 -1.64 -26.89
N GLY B 154 31.98 -1.22 -27.37
CA GLY B 154 31.17 -2.08 -28.20
C GLY B 154 30.51 -3.18 -27.40
N LEU B 155 29.85 -4.07 -28.12
CA LEU B 155 29.18 -5.22 -27.57
C LEU B 155 29.61 -6.46 -28.35
N PRO B 156 29.74 -7.61 -27.68
CA PRO B 156 30.24 -8.82 -28.36
C PRO B 156 29.24 -9.32 -29.39
N ASP B 157 29.74 -9.55 -30.60
CA ASP B 157 28.91 -9.95 -31.73
C ASP B 157 28.67 -11.45 -31.80
N ALA B 158 29.14 -12.22 -30.83
CA ALA B 158 28.95 -13.66 -30.85
C ALA B 158 28.90 -14.16 -29.42
N LEU B 159 27.71 -14.55 -28.98
CA LEU B 159 27.53 -15.16 -27.67
C LEU B 159 27.48 -16.67 -27.87
N PHE B 160 28.49 -17.37 -27.36
CA PHE B 160 28.54 -18.82 -27.44
C PHE B 160 28.13 -19.38 -26.08
N VAL B 161 26.89 -19.84 -25.99
CA VAL B 161 26.35 -20.39 -24.76
C VAL B 161 26.54 -21.90 -24.78
N ILE B 162 27.22 -22.43 -23.76
CA ILE B 162 27.43 -23.87 -23.74
C ILE B 162 26.26 -24.62 -23.10
N ASP B 163 25.42 -23.94 -22.34
CA ASP B 163 24.31 -24.61 -21.64
C ASP B 163 23.14 -23.62 -21.58
N VAL B 164 22.05 -23.96 -22.27
CA VAL B 164 20.94 -23.04 -22.41
C VAL B 164 20.04 -23.07 -21.18
N ASP B 165 19.86 -24.26 -20.58
CA ASP B 165 18.98 -24.41 -19.42
C ASP B 165 19.54 -23.71 -18.19
N HIS B 166 20.84 -23.47 -18.13
CA HIS B 166 21.44 -22.87 -16.95
C HIS B 166 21.37 -21.35 -16.96
N GLU B 167 21.45 -20.73 -18.14
CA GLU B 167 21.55 -19.27 -18.24
C GLU B 167 20.50 -18.75 -19.22
N ARG B 168 19.30 -18.47 -18.73
CA ARG B 168 18.33 -17.70 -19.48
C ARG B 168 18.55 -16.21 -19.36
N ILE B 169 19.52 -15.78 -18.55
CA ILE B 169 19.74 -14.36 -18.32
C ILE B 169 20.38 -13.72 -19.54
N ALA B 170 21.44 -14.33 -20.06
CA ALA B 170 22.18 -13.74 -21.16
C ALA B 170 21.41 -13.83 -22.47
N ILE B 171 20.56 -14.85 -22.63
CA ILE B 171 19.79 -15.01 -23.85
C ILE B 171 18.75 -13.90 -23.96
N THR B 172 18.10 -13.57 -22.84
CA THR B 172 17.13 -12.48 -22.80
C THR B 172 17.79 -11.14 -23.09
N GLU B 173 18.96 -10.90 -22.50
CA GLU B 173 19.65 -9.63 -22.69
C GLU B 173 20.33 -9.55 -24.05
N ALA B 174 20.55 -10.68 -24.72
CA ALA B 174 21.06 -10.67 -26.08
C ALA B 174 19.97 -10.25 -27.07
N ASN B 175 18.82 -10.89 -27.00
CA ASN B 175 17.73 -10.62 -27.95
C ASN B 175 17.08 -9.27 -27.74
N LYS B 176 17.34 -8.58 -26.62
CA LYS B 176 16.94 -7.19 -26.52
C LYS B 176 17.81 -6.28 -27.37
N LEU B 177 19.00 -6.74 -27.75
CA LEU B 177 19.93 -5.94 -28.52
C LEU B 177 20.17 -6.45 -29.93
N GLY B 178 19.87 -7.72 -30.19
CA GLY B 178 19.98 -8.28 -31.53
C GLY B 178 21.39 -8.75 -31.87
N ILE B 179 21.94 -9.63 -31.05
CA ILE B 179 23.25 -10.21 -31.34
C ILE B 179 23.08 -11.71 -31.51
N PRO B 180 23.90 -12.37 -32.34
CA PRO B 180 23.73 -13.82 -32.55
C PRO B 180 24.14 -14.63 -31.33
N VAL B 181 23.36 -15.68 -31.06
CA VAL B 181 23.54 -16.53 -29.89
C VAL B 181 23.84 -17.94 -30.38
N ILE B 182 25.02 -18.45 -30.07
CA ILE B 182 25.43 -19.78 -30.49
C ILE B 182 25.19 -20.68 -29.28
N GLY B 183 23.99 -21.26 -29.21
CA GLY B 183 23.64 -22.06 -28.06
C GLY B 183 23.88 -23.54 -28.28
N VAL B 184 24.07 -24.26 -27.18
CA VAL B 184 24.19 -25.71 -27.17
C VAL B 184 23.06 -26.24 -26.29
N VAL B 185 21.98 -26.66 -26.93
CA VAL B 185 20.81 -27.13 -26.18
C VAL B 185 21.00 -28.58 -25.80
N ASP B 186 20.17 -29.06 -24.88
CA ASP B 186 20.11 -30.45 -24.46
C ASP B 186 18.70 -30.96 -24.76
N THR B 187 18.39 -32.14 -24.22
CA THR B 187 17.04 -32.69 -24.31
C THR B 187 16.04 -31.81 -23.55
N ASN B 188 16.32 -31.54 -22.28
CA ASN B 188 15.34 -30.85 -21.44
C ASN B 188 15.23 -29.35 -21.73
N SER B 189 16.27 -28.73 -22.28
CA SER B 189 16.23 -27.29 -22.49
C SER B 189 15.46 -26.96 -23.77
N SER B 190 14.95 -25.73 -23.82
CA SER B 190 14.10 -25.38 -24.94
C SER B 190 14.91 -24.72 -26.04
N PRO B 191 14.64 -25.05 -27.31
CA PRO B 191 15.37 -24.46 -28.43
C PRO B 191 14.80 -23.13 -28.90
N GLU B 192 14.51 -22.24 -27.96
CA GLU B 192 13.95 -20.94 -28.29
C GLU B 192 14.76 -19.85 -27.61
N GLY B 193 15.11 -18.82 -28.38
CA GLY B 193 16.04 -17.80 -27.97
C GLY B 193 17.43 -17.98 -28.54
N VAL B 194 17.86 -19.22 -28.72
CA VAL B 194 19.13 -19.51 -29.36
C VAL B 194 18.98 -19.39 -30.87
N ASP B 195 20.04 -18.96 -31.54
CA ASP B 195 20.00 -18.72 -32.98
C ASP B 195 20.51 -19.91 -33.78
N TYR B 196 21.77 -20.30 -33.58
CA TYR B 196 22.36 -21.45 -34.26
C TYR B 196 22.46 -22.58 -33.25
N VAL B 197 21.55 -23.53 -33.37
CA VAL B 197 21.41 -24.59 -32.37
C VAL B 197 22.52 -25.61 -32.53
N ILE B 198 22.89 -26.24 -31.43
CA ILE B 198 23.75 -27.42 -31.43
C ILE B 198 23.07 -28.46 -30.55
N PRO B 199 22.30 -29.38 -31.13
CA PRO B 199 21.59 -30.37 -30.30
C PRO B 199 22.53 -31.40 -29.71
N GLY B 200 23.19 -31.04 -28.62
CA GLY B 200 24.20 -31.88 -28.02
C GLY B 200 23.91 -32.15 -26.56
N ASN B 201 24.97 -32.41 -25.81
CA ASN B 201 24.88 -32.90 -24.45
C ASN B 201 25.90 -32.18 -23.59
N ASP B 202 25.58 -32.05 -22.30
CA ASP B 202 26.44 -31.38 -21.33
C ASP B 202 26.61 -32.24 -20.09
N ASP B 203 26.88 -33.53 -20.27
CA ASP B 203 26.93 -34.45 -19.15
C ASP B 203 28.26 -35.20 -19.07
N ALA B 204 29.30 -34.71 -19.73
CA ALA B 204 30.61 -35.36 -19.68
C ALA B 204 31.70 -34.34 -19.92
N ILE B 205 32.90 -34.63 -19.41
CA ILE B 205 34.04 -33.75 -19.65
C ILE B 205 34.55 -33.89 -21.08
N ARG B 206 34.29 -35.02 -21.74
CA ARG B 206 34.72 -35.20 -23.10
C ARG B 206 33.83 -34.44 -24.08
N ALA B 207 32.52 -34.44 -23.83
CA ALA B 207 31.59 -33.76 -24.73
C ALA B 207 31.71 -32.25 -24.61
N VAL B 208 31.96 -31.74 -23.41
CA VAL B 208 32.13 -30.30 -23.23
C VAL B 208 33.47 -29.84 -23.77
N GLN B 209 34.43 -30.75 -23.92
CA GLN B 209 35.72 -30.41 -24.52
C GLN B 209 35.69 -30.51 -26.04
N LEU B 210 35.05 -31.55 -26.57
CA LEU B 210 34.99 -31.72 -28.01
C LEU B 210 33.97 -30.81 -28.69
N TYR B 211 33.18 -30.06 -27.93
CA TYR B 211 32.42 -28.98 -28.54
C TYR B 211 33.25 -27.72 -28.67
N LEU B 212 34.28 -27.59 -27.82
CA LEU B 212 35.00 -26.34 -27.67
C LEU B 212 36.35 -26.35 -28.37
N ASN B 213 36.90 -27.53 -28.65
CA ASN B 213 38.07 -27.59 -29.53
C ASN B 213 37.72 -27.17 -30.95
N SER B 214 36.46 -27.34 -31.35
CA SER B 214 36.03 -26.87 -32.65
C SER B 214 35.91 -25.36 -32.68
N MET B 215 35.56 -24.73 -31.55
CA MET B 215 35.22 -23.31 -31.54
C MET B 215 36.47 -22.44 -31.46
N ALA B 216 37.42 -22.79 -30.60
CA ALA B 216 38.63 -21.98 -30.49
C ALA B 216 39.60 -22.24 -31.63
N GLU B 217 39.44 -23.35 -32.35
CA GLU B 217 40.26 -23.57 -33.54
C GLU B 217 39.71 -22.78 -34.72
N ALA B 218 38.39 -22.69 -34.84
CA ALA B 218 37.76 -21.98 -35.94
C ALA B 218 37.97 -20.48 -35.87
N VAL B 219 38.33 -19.94 -34.70
CA VAL B 219 38.65 -18.53 -34.60
C VAL B 219 40.15 -18.29 -34.83
N ILE B 220 41.00 -19.29 -34.56
CA ILE B 220 42.42 -19.17 -34.92
C ILE B 220 42.57 -19.10 -36.43
N ARG B 221 41.88 -20.00 -37.14
CA ARG B 221 41.82 -19.92 -38.59
C ARG B 221 41.06 -18.68 -39.05
N GLY B 222 40.14 -18.19 -38.23
CA GLY B 222 39.56 -16.89 -38.49
C GLY B 222 40.59 -15.78 -38.31
N LYS B 223 41.41 -15.88 -37.27
CA LYS B 223 42.53 -14.94 -37.11
C LYS B 223 43.60 -15.18 -38.14
N GLN B 224 43.83 -16.45 -38.53
CA GLN B 224 44.70 -16.72 -39.66
C GLN B 224 44.09 -16.22 -40.96
N GLY B 225 42.76 -16.29 -41.07
CA GLY B 225 42.09 -15.64 -42.16
C GLY B 225 42.08 -14.12 -42.04
N ALA B 226 42.02 -13.60 -40.81
CA ALA B 226 42.12 -12.15 -40.62
C ALA B 226 43.54 -11.66 -40.89
N ALA B 227 44.55 -12.44 -40.53
CA ALA B 227 45.92 -12.11 -40.92
C ALA B 227 46.14 -12.26 -42.41
N THR B 228 45.38 -13.16 -43.05
CA THR B 228 45.40 -13.23 -44.52
C THR B 228 44.75 -11.99 -45.11
N SER B 229 43.74 -11.45 -44.43
CA SER B 229 42.94 -10.34 -44.94
C SER B 229 43.37 -8.98 -44.39
N ALA B 230 44.30 -8.94 -43.44
CA ALA B 230 44.77 -7.65 -42.93
C ALA B 230 45.62 -6.91 -43.96
N ASP B 231 46.20 -7.62 -44.91
CA ASP B 231 46.82 -6.99 -46.07
C ASP B 231 45.80 -6.57 -47.12
N GLU B 232 44.63 -7.24 -47.15
CA GLU B 232 43.58 -6.86 -48.08
C GLU B 232 42.97 -5.51 -47.73
N PHE B 233 43.11 -5.07 -46.47
CA PHE B 233 42.52 -3.81 -46.02
C PHE B 233 43.25 -2.62 -46.62
N VAL B 234 44.54 -2.73 -46.84
CA VAL B 234 45.36 -1.65 -47.40
C VAL B 234 45.68 -1.89 -48.87
N GLU B 235 46.18 -3.08 -49.19
CA GLU B 235 46.53 -3.45 -50.56
C GLU B 235 45.35 -4.13 -51.24
N GLU B 236 45.24 -3.91 -52.55
CA GLU B 236 44.10 -4.37 -53.33
C GLU B 236 44.44 -5.49 -54.30
N ALA B 237 45.69 -5.95 -54.35
CA ALA B 237 46.08 -6.92 -55.38
C ALA B 237 45.62 -8.35 -55.09
N PRO B 238 45.64 -8.88 -53.85
CA PRO B 238 44.89 -10.12 -53.62
C PRO B 238 43.48 -9.92 -53.08
N ALA B 239 43.06 -8.68 -52.86
CA ALA B 239 41.77 -8.38 -52.23
C ALA B 239 40.61 -8.58 -53.21
N GLN C 1 19.58 18.97 17.30
CA GLN C 1 19.49 18.75 15.87
C GLN C 1 20.61 19.48 15.17
N LYS C 2 21.64 18.73 14.77
CA LYS C 2 22.68 19.18 13.84
C LYS C 2 23.42 20.41 14.38
N VAL C 3 24.22 20.14 15.43
CA VAL C 3 25.03 21.15 16.08
C VAL C 3 25.97 21.81 15.07
N HIS C 4 26.16 23.13 15.23
CA HIS C 4 26.68 24.03 14.21
C HIS C 4 28.04 23.58 13.67
N PRO C 5 28.20 23.51 12.35
CA PRO C 5 29.40 22.88 11.79
C PRO C 5 30.66 23.72 11.84
N ASN C 6 30.67 24.85 12.53
CA ASN C 6 31.92 25.47 12.95
C ASN C 6 32.25 25.18 14.39
N GLY C 7 31.25 25.13 15.27
CA GLY C 7 31.48 25.00 16.68
C GLY C 7 31.99 23.65 17.12
N ILE C 8 31.87 22.64 16.25
CA ILE C 8 32.47 21.37 16.59
C ILE C 8 33.90 21.29 16.05
N ARG C 9 34.21 22.03 15.00
CA ARG C 9 35.58 22.08 14.49
C ARG C 9 36.11 23.52 14.56
N LEU C 10 36.58 23.88 15.76
CA LEU C 10 37.45 25.02 15.99
C LEU C 10 38.70 24.41 16.60
N GLY C 11 39.75 24.27 15.81
CA GLY C 11 40.69 23.23 16.08
C GLY C 11 41.08 22.52 14.81
N ILE C 12 40.66 21.25 14.69
CA ILE C 12 41.14 20.33 13.66
C ILE C 12 40.90 20.76 12.22
N VAL C 13 40.02 21.73 11.98
CA VAL C 13 39.75 22.16 10.62
C VAL C 13 39.99 23.65 10.46
N LYS C 14 39.23 24.47 11.18
CA LYS C 14 39.25 25.91 11.01
C LYS C 14 39.75 26.57 12.28
N GLU C 15 39.94 27.90 12.20
CA GLU C 15 40.33 28.71 13.35
C GLU C 15 39.39 29.88 13.49
N HIS C 16 39.60 30.66 14.55
CA HIS C 16 38.76 31.80 14.87
C HIS C 16 38.88 32.88 13.80
N THR C 17 37.91 33.78 13.81
CA THR C 17 37.95 34.93 12.91
C THR C 17 38.59 36.14 13.57
N SER C 18 39.07 36.01 14.79
CA SER C 18 39.63 37.15 15.51
C SER C 18 40.52 36.62 16.63
N VAL C 19 41.80 36.99 16.60
CA VAL C 19 42.77 36.55 17.60
C VAL C 19 43.33 37.78 18.29
N TRP C 20 43.20 37.80 19.62
CA TRP C 20 43.76 38.80 20.51
C TRP C 20 43.61 38.33 21.94
N TYR C 21 44.68 38.48 22.72
CA TYR C 21 44.63 38.18 24.15
C TYR C 21 44.18 39.41 24.90
N ALA C 22 43.42 39.20 25.96
CA ALA C 22 42.96 40.30 26.79
C ALA C 22 42.91 39.85 28.24
N ASP C 23 43.16 40.80 29.15
CA ASP C 23 43.03 40.53 30.56
C ASP C 23 41.57 40.44 30.96
N ARG C 24 41.34 40.00 32.20
CA ARG C 24 39.98 39.85 32.69
C ARG C 24 39.31 41.19 33.02
N LYS C 25 40.05 42.29 32.92
CA LYS C 25 39.49 43.62 33.15
C LYS C 25 39.21 44.37 31.86
N ASN C 26 39.64 43.85 30.72
CA ASN C 26 39.40 44.50 29.44
C ASN C 26 38.85 43.54 28.41
N TYR C 27 38.51 42.31 28.80
CA TYR C 27 38.06 41.30 27.86
C TYR C 27 36.70 41.66 27.30
N ALA C 28 35.82 42.19 28.14
CA ALA C 28 34.48 42.58 27.71
C ALA C 28 34.43 44.02 27.23
N ASP C 29 35.57 44.67 27.08
CA ASP C 29 35.61 45.97 26.44
C ASP C 29 36.25 45.93 25.06
N TYR C 30 36.78 44.79 24.64
CA TYR C 30 37.15 44.59 23.25
C TYR C 30 36.10 43.81 22.47
N LEU C 31 35.25 43.04 23.14
CA LEU C 31 34.21 42.31 22.42
C LEU C 31 33.15 43.25 21.89
N PHE C 32 32.77 44.24 22.69
CA PHE C 32 31.71 45.14 22.27
C PHE C 32 32.17 46.08 21.18
N ALA C 33 33.47 46.31 21.06
CA ALA C 33 33.99 46.93 19.85
C ALA C 33 33.81 46.01 18.66
N ASP C 34 34.36 44.80 18.73
CA ASP C 34 34.45 43.91 17.59
C ASP C 34 33.11 43.33 17.15
N LEU C 35 32.03 43.54 17.90
CA LEU C 35 30.75 43.04 17.47
C LEU C 35 29.87 44.09 16.81
N LYS C 36 30.08 45.36 17.11
CA LYS C 36 29.44 46.42 16.35
C LYS C 36 30.33 46.98 15.24
N VAL C 37 31.50 46.40 15.02
CA VAL C 37 32.21 46.64 13.77
C VAL C 37 31.58 45.83 12.65
N ARG C 38 31.30 44.55 12.93
CA ARG C 38 30.78 43.66 11.89
C ARG C 38 29.35 43.98 11.53
N GLU C 39 28.57 44.53 12.47
CA GLU C 39 27.25 45.02 12.08
C GLU C 39 27.35 46.30 11.28
N TYR C 40 28.40 47.07 11.48
CA TYR C 40 28.57 48.29 10.71
C TYR C 40 29.01 48.00 9.28
N LEU C 41 30.03 47.14 9.12
CA LEU C 41 30.67 46.97 7.83
C LEU C 41 29.77 46.29 6.82
N GLN C 42 28.98 45.32 7.25
CA GLN C 42 28.11 44.61 6.32
C GLN C 42 26.93 45.47 5.90
N ASP C 43 26.51 46.41 6.75
CA ASP C 43 25.46 47.31 6.33
C ASP C 43 25.96 48.37 5.34
N LYS C 44 27.26 48.67 5.37
CA LYS C 44 27.81 49.56 4.36
C LYS C 44 28.13 48.80 3.08
N LEU C 45 28.81 47.66 3.20
CA LEU C 45 29.18 46.84 2.06
C LEU C 45 28.10 45.80 1.76
N LYS C 46 26.91 46.31 1.43
CA LYS C 46 25.83 45.41 1.03
C LYS C 46 26.08 44.86 -0.37
N SER C 47 26.55 45.70 -1.29
CA SER C 47 27.15 45.23 -2.51
C SER C 47 28.64 45.03 -2.26
N ALA C 48 29.36 44.62 -3.31
CA ALA C 48 30.78 44.26 -3.26
C ALA C 48 31.04 43.20 -2.19
N SER C 49 30.52 42.01 -2.50
CA SER C 49 30.23 40.93 -1.56
C SER C 49 31.38 40.59 -0.62
N VAL C 50 31.04 40.44 0.66
CA VAL C 50 32.00 40.26 1.74
C VAL C 50 31.74 38.91 2.39
N SER C 51 32.80 38.12 2.56
CA SER C 51 32.67 36.82 3.20
C SER C 51 33.18 36.82 4.63
N ARG C 52 34.38 37.34 4.87
CA ARG C 52 35.04 37.22 6.15
C ARG C 52 35.67 38.55 6.52
N ILE C 53 35.52 38.94 7.78
CA ILE C 53 36.17 40.13 8.31
C ILE C 53 36.99 39.68 9.51
N ASP C 54 38.30 39.58 9.32
CA ASP C 54 39.19 39.19 10.40
C ASP C 54 39.71 40.42 11.13
N ILE C 55 39.97 40.25 12.43
CA ILE C 55 40.52 41.31 13.25
C ILE C 55 41.66 40.73 14.07
N HIS C 56 42.85 41.26 13.89
CA HIS C 56 43.94 41.05 14.82
C HIS C 56 44.11 42.28 15.69
N ARG C 57 44.65 42.07 16.88
CA ARG C 57 45.12 43.16 17.73
C ARG C 57 46.61 42.93 17.94
N PRO C 58 47.47 43.64 17.22
CA PRO C 58 48.86 43.77 17.62
C PRO C 58 48.98 44.70 18.81
N ALA C 59 50.23 45.11 19.08
CA ALA C 59 50.49 46.02 20.19
C ALA C 59 49.72 47.32 20.03
N GLN C 60 48.67 47.42 20.84
CA GLN C 60 47.95 48.65 21.19
C GLN C 60 47.13 49.30 20.07
N THR C 61 47.14 48.81 18.83
CA THR C 61 46.14 49.41 17.96
C THR C 61 45.11 48.47 17.36
N ALA C 62 45.44 47.79 16.25
CA ALA C 62 44.42 47.16 15.41
C ALA C 62 45.05 46.52 14.18
N ARG C 63 44.24 45.73 13.47
CA ARG C 63 44.41 45.31 12.08
C ARG C 63 43.13 44.62 11.64
N ILE C 64 42.66 44.93 10.44
CA ILE C 64 41.43 44.37 9.88
C ILE C 64 41.69 43.96 8.44
N THR C 65 41.33 42.73 8.07
CA THR C 65 41.44 42.26 6.69
C THR C 65 40.05 41.95 6.14
N ILE C 66 39.45 42.91 5.46
CA ILE C 66 38.16 42.72 4.82
C ILE C 66 38.36 41.95 3.52
N HIS C 67 37.59 40.87 3.34
CA HIS C 67 37.69 40.04 2.14
C HIS C 67 36.52 40.33 1.22
N THR C 68 36.82 40.74 -0.01
CA THR C 68 35.81 40.85 -1.06
C THR C 68 36.28 40.10 -2.29
N ALA C 69 35.33 39.61 -3.06
CA ALA C 69 35.61 39.01 -4.35
C ALA C 69 35.66 40.06 -5.46
N ARG C 70 35.32 41.31 -5.16
CA ARG C 70 35.42 42.41 -6.11
C ARG C 70 36.05 43.59 -5.39
N PRO C 71 37.39 43.61 -5.30
CA PRO C 71 38.05 44.67 -4.53
C PRO C 71 37.99 46.03 -5.20
N GLY C 72 37.79 46.08 -6.52
CA GLY C 72 37.78 47.35 -7.23
C GLY C 72 36.59 48.22 -6.91
N ILE C 73 35.51 47.65 -6.40
CA ILE C 73 34.38 48.46 -5.99
C ILE C 73 34.69 49.19 -4.70
N VAL C 74 35.38 48.51 -3.78
CA VAL C 74 35.72 49.14 -2.50
C VAL C 74 36.90 50.08 -2.66
N ILE C 75 38.01 49.58 -3.20
CA ILE C 75 39.10 50.49 -3.56
C ILE C 75 38.73 51.11 -4.89
N GLY C 76 38.05 52.24 -4.84
CA GLY C 76 37.61 52.90 -6.05
C GLY C 76 38.31 54.22 -6.24
N LYS C 77 39.10 54.31 -7.33
CA LYS C 77 39.97 55.44 -7.64
C LYS C 77 40.94 55.71 -6.48
N LYS C 78 41.69 54.66 -6.14
CA LYS C 78 42.76 54.67 -5.14
C LYS C 78 42.26 55.09 -3.75
N GLY C 79 41.39 54.26 -3.20
CA GLY C 79 41.04 54.36 -1.80
C GLY C 79 40.16 55.53 -1.42
N GLU C 80 39.17 55.87 -2.24
CA GLU C 80 38.20 56.89 -1.87
C GLU C 80 37.22 56.39 -0.82
N ASP C 81 37.08 55.07 -0.67
CA ASP C 81 36.36 54.48 0.44
C ASP C 81 37.28 54.02 1.56
N VAL C 82 38.55 53.72 1.25
CA VAL C 82 39.45 53.13 2.23
C VAL C 82 39.82 54.15 3.31
N GLU C 83 40.31 55.31 2.88
CA GLU C 83 40.64 56.35 3.84
C GLU C 83 39.40 57.02 4.41
N LYS C 84 38.26 56.90 3.73
CA LYS C 84 37.04 57.49 4.26
C LYS C 84 36.50 56.67 5.41
N LEU C 85 36.59 55.35 5.33
CA LEU C 85 36.20 54.51 6.44
C LEU C 85 37.24 54.50 7.54
N ARG C 86 38.52 54.63 7.19
CA ARG C 86 39.59 54.57 8.17
C ARG C 86 39.56 55.78 9.10
N GLN C 87 39.04 56.90 8.61
CA GLN C 87 38.71 58.01 9.49
C GLN C 87 37.62 57.63 10.48
N ASP C 88 36.66 56.82 10.04
CA ASP C 88 35.41 56.65 10.74
C ASP C 88 35.25 55.28 11.38
N LEU C 89 36.19 54.37 11.19
CA LEU C 89 36.25 53.21 12.07
C LEU C 89 36.88 53.54 13.40
N THR C 90 37.72 54.58 13.45
CA THR C 90 38.28 55.02 14.72
C THR C 90 37.23 55.66 15.60
N LYS C 91 36.15 56.19 15.03
CA LYS C 91 35.10 56.82 15.83
C LYS C 91 34.24 55.81 16.57
N GLN C 92 34.26 54.55 16.15
CA GLN C 92 33.61 53.49 16.89
C GLN C 92 34.59 52.66 17.70
N MET C 93 35.86 52.71 17.33
CA MET C 93 36.90 51.84 17.87
C MET C 93 38.14 52.73 18.02
N GLY C 94 38.35 53.27 19.23
CA GLY C 94 39.19 54.44 19.45
C GLY C 94 40.65 54.29 19.06
N VAL C 95 41.13 53.07 18.83
CA VAL C 95 42.48 52.82 18.35
C VAL C 95 42.61 53.22 16.89
N PRO C 96 43.81 53.48 16.37
CA PRO C 96 43.94 53.66 14.93
C PRO C 96 43.77 52.34 14.19
N VAL C 97 43.08 52.40 13.05
CA VAL C 97 42.58 51.22 12.37
C VAL C 97 43.38 51.00 11.09
N HIS C 98 43.81 49.77 10.86
CA HIS C 98 44.28 49.34 9.55
C HIS C 98 43.14 48.67 8.79
N ILE C 99 43.17 48.82 7.47
CA ILE C 99 42.21 48.19 6.57
C ILE C 99 43.00 47.54 5.44
N ASN C 100 42.80 46.24 5.25
CA ASN C 100 43.51 45.50 4.22
C ASN C 100 42.50 44.68 3.43
N ILE C 101 42.70 44.56 2.12
CA ILE C 101 41.72 43.95 1.24
C ILE C 101 42.40 42.92 0.34
N GLU C 102 41.90 41.69 0.37
CA GLU C 102 42.36 40.61 -0.49
C GLU C 102 41.29 40.26 -1.51
N GLU C 103 41.58 39.26 -2.34
CA GLU C 103 40.62 38.76 -3.31
C GLU C 103 40.10 37.38 -2.90
N ILE C 104 38.91 37.06 -3.42
CA ILE C 104 38.23 35.80 -3.15
C ILE C 104 38.01 35.11 -4.50
N ARG C 105 39.07 35.05 -5.31
CA ARG C 105 39.13 34.21 -6.50
C ARG C 105 38.49 32.85 -6.28
N LYS C 106 37.72 32.40 -7.27
CA LYS C 106 36.65 31.40 -7.22
C LYS C 106 35.58 31.85 -6.23
N PRO C 107 34.76 32.85 -6.58
CA PRO C 107 33.74 33.32 -5.64
C PRO C 107 32.59 32.35 -5.45
N GLU C 108 32.47 31.33 -6.29
CA GLU C 108 31.44 30.32 -6.18
C GLU C 108 31.88 29.12 -5.38
N LEU C 109 32.79 29.30 -4.42
CA LEU C 109 33.16 28.23 -3.51
C LEU C 109 33.28 28.72 -2.07
N ASP C 110 32.64 29.83 -1.72
CA ASP C 110 32.49 30.25 -0.33
C ASP C 110 31.04 30.54 -0.06
N ALA C 111 30.58 30.09 1.10
CA ALA C 111 29.15 29.92 1.33
C ALA C 111 28.43 31.24 1.51
N MET C 112 29.09 32.24 2.11
CA MET C 112 28.46 33.55 2.27
C MET C 112 28.25 34.22 0.93
N LEU C 113 29.21 34.08 0.01
CA LEU C 113 29.10 34.74 -1.28
C LEU C 113 27.99 34.10 -2.10
N VAL C 114 27.80 32.79 -1.96
CA VAL C 114 26.77 32.09 -2.70
C VAL C 114 25.40 32.46 -2.16
N ALA C 115 25.24 32.40 -0.84
CA ALA C 115 23.93 32.59 -0.23
C ALA C 115 23.46 34.03 -0.26
N GLN C 116 24.34 35.01 -0.51
CA GLN C 116 23.83 36.35 -0.75
C GLN C 116 23.16 36.45 -2.11
N SER C 117 23.61 35.66 -3.07
CA SER C 117 23.00 35.70 -4.40
C SER C 117 21.63 35.05 -4.40
N VAL C 118 21.40 34.14 -3.47
CA VAL C 118 20.11 33.47 -3.39
C VAL C 118 19.04 34.43 -2.90
N ALA C 119 19.39 35.28 -1.95
CA ALA C 119 18.45 36.30 -1.50
C ALA C 119 18.18 37.32 -2.59
N GLN C 120 19.17 37.60 -3.44
CA GLN C 120 18.96 38.53 -4.55
C GLN C 120 18.01 37.97 -5.57
N GLN C 121 18.18 36.69 -5.92
CA GLN C 121 17.33 36.06 -6.93
C GLN C 121 15.91 35.89 -6.41
N LEU C 122 15.76 35.49 -5.16
CA LEU C 122 14.42 35.21 -4.64
C LEU C 122 13.69 36.46 -4.20
N GLU C 123 14.27 37.64 -4.38
CA GLU C 123 13.55 38.88 -4.20
C GLU C 123 13.35 39.62 -5.52
N ARG C 124 13.86 39.08 -6.63
CA ARG C 124 13.53 39.52 -7.97
C ARG C 124 12.34 38.78 -8.54
N ARG C 125 11.63 38.00 -7.70
CA ARG C 125 10.53 37.12 -8.11
C ARG C 125 10.99 36.11 -9.17
N VAL C 126 12.10 35.46 -8.89
CA VAL C 126 12.57 34.33 -9.68
C VAL C 126 11.98 33.08 -9.04
N MET C 127 11.71 32.05 -9.87
CA MET C 127 11.25 30.75 -9.40
C MET C 127 12.20 30.17 -8.35
N PHE C 128 11.62 29.50 -7.36
CA PHE C 128 12.36 29.05 -6.20
C PHE C 128 13.33 27.93 -6.52
N ARG C 129 13.18 27.27 -7.65
CA ARG C 129 14.02 26.14 -8.02
C ARG C 129 14.86 26.41 -9.25
N ARG C 130 14.38 27.22 -10.20
CA ARG C 130 15.20 27.58 -11.34
C ARG C 130 16.35 28.48 -10.92
N ALA C 131 16.20 29.18 -9.80
CA ALA C 131 17.31 29.93 -9.24
C ALA C 131 18.37 28.99 -8.66
N MET C 132 17.96 27.83 -8.15
CA MET C 132 18.86 27.03 -7.34
C MET C 132 19.40 25.80 -8.03
N LYS C 133 18.72 25.30 -9.05
CA LYS C 133 19.31 24.24 -9.87
C LYS C 133 20.49 24.76 -10.66
N ARG C 134 20.50 26.06 -10.95
CA ARG C 134 21.58 26.71 -11.66
C ARG C 134 22.63 27.27 -10.72
N ALA C 135 22.31 27.43 -9.44
CA ALA C 135 23.27 27.93 -8.47
C ALA C 135 24.06 26.81 -7.80
N VAL C 136 23.84 25.56 -8.19
CA VAL C 136 24.62 24.44 -7.69
C VAL C 136 25.51 23.86 -8.77
N GLN C 137 24.96 23.70 -9.98
CA GLN C 137 25.76 23.22 -11.10
C GLN C 137 26.84 24.22 -11.49
N ASN C 138 26.57 25.52 -11.34
CA ASN C 138 27.62 26.52 -11.53
C ASN C 138 28.72 26.40 -10.49
N ALA C 139 28.36 26.01 -9.27
CA ALA C 139 29.33 25.75 -8.24
C ALA C 139 29.78 24.30 -8.21
N MET C 140 29.54 23.57 -9.29
CA MET C 140 30.11 22.25 -9.49
C MET C 140 30.88 22.09 -10.79
N ARG C 141 30.81 23.07 -11.70
CA ARG C 141 31.72 23.05 -12.85
C ARG C 141 33.15 23.27 -12.40
N ILE C 142 33.36 24.06 -11.36
CA ILE C 142 34.67 24.33 -10.80
C ILE C 142 34.61 24.09 -9.30
N GLY C 143 35.45 23.19 -8.81
CA GLY C 143 35.69 23.13 -7.39
C GLY C 143 35.13 21.97 -6.59
N ALA C 144 34.05 22.22 -5.86
CA ALA C 144 33.68 21.46 -4.67
C ALA C 144 33.33 20.02 -4.99
N LYS C 145 33.30 19.21 -3.92
CA LYS C 145 32.96 17.81 -4.04
C LYS C 145 31.57 17.48 -3.54
N GLY C 146 30.92 18.40 -2.86
CA GLY C 146 29.55 18.20 -2.45
C GLY C 146 28.90 19.50 -2.03
N ILE C 147 27.64 19.71 -2.37
CA ILE C 147 26.90 20.90 -1.99
C ILE C 147 25.50 20.48 -1.54
N LYS C 148 25.08 20.95 -0.37
CA LYS C 148 23.69 20.95 0.02
C LYS C 148 23.21 22.38 0.10
N ILE C 149 21.98 22.62 -0.36
CA ILE C 149 21.32 23.89 -0.16
C ILE C 149 19.90 23.64 0.28
N GLN C 150 19.57 24.08 1.48
CA GLN C 150 18.20 24.06 1.99
C GLN C 150 17.59 25.44 1.82
N VAL C 151 16.37 25.48 1.29
CA VAL C 151 15.62 26.72 1.17
C VAL C 151 14.30 26.51 1.88
N SER C 152 14.13 27.15 3.02
CA SER C 152 12.93 27.00 3.81
C SER C 152 12.27 28.35 3.99
N GLY C 153 10.99 28.34 4.28
CA GLY C 153 10.27 29.57 4.44
C GLY C 153 8.87 29.53 3.87
N ARG C 154 8.38 30.71 3.48
CA ARG C 154 7.01 30.83 3.00
C ARG C 154 6.87 30.19 1.62
N LEU C 155 7.89 30.37 0.77
CA LEU C 155 7.97 29.82 -0.60
C LEU C 155 6.75 30.16 -1.45
N GLY C 156 6.24 31.38 -1.29
CA GLY C 156 5.18 31.90 -2.13
C GLY C 156 3.78 31.49 -1.75
N GLY C 157 3.61 30.41 -0.98
CA GLY C 157 2.30 29.83 -0.76
C GLY C 157 1.44 30.60 0.21
N ALA C 158 0.28 30.01 0.50
CA ALA C 158 -0.68 30.66 1.40
C ALA C 158 -0.35 30.40 2.86
N GLU C 159 -0.44 29.14 3.28
CA GLU C 159 0.03 28.70 4.59
C GLU C 159 0.87 27.47 4.30
N ILE C 160 2.12 27.71 3.91
CA ILE C 160 3.00 26.67 3.39
C ILE C 160 4.40 26.95 3.93
N ALA C 161 5.00 25.95 4.55
CA ALA C 161 6.33 26.06 5.13
C ALA C 161 7.21 24.94 4.60
N ARG C 162 7.23 24.74 3.29
CA ARG C 162 7.95 23.62 2.74
C ARG C 162 9.45 23.92 2.68
N THR C 163 10.23 22.86 2.52
CA THR C 163 11.69 22.94 2.50
C THR C 163 12.21 22.29 1.23
N GLU C 164 12.87 23.07 0.39
CA GLU C 164 13.60 22.53 -0.74
C GLU C 164 14.96 22.07 -0.23
N TRP C 165 15.56 21.10 -0.89
CA TRP C 165 16.54 20.26 -0.21
C TRP C 165 17.73 19.86 -1.07
N TYR C 166 17.85 20.36 -2.31
CA TYR C 166 18.62 19.72 -3.38
C TYR C 166 20.10 19.53 -3.05
N ARG C 167 20.62 18.36 -3.42
CA ARG C 167 21.98 17.94 -3.10
C ARG C 167 22.68 17.46 -4.35
N GLU C 168 23.99 17.63 -4.39
CA GLU C 168 24.84 16.97 -5.36
C GLU C 168 26.13 16.53 -4.68
N GLY C 169 26.60 15.33 -5.03
CA GLY C 169 27.91 14.91 -4.56
C GLY C 169 27.90 14.29 -3.17
N ARG C 170 28.98 14.54 -2.45
CA ARG C 170 29.22 13.94 -1.14
C ARG C 170 29.42 15.02 -0.10
N VAL C 171 28.61 14.98 0.96
CA VAL C 171 28.80 15.88 2.10
C VAL C 171 28.74 15.07 3.38
N PRO C 172 29.85 14.83 4.06
CA PRO C 172 29.81 14.27 5.40
C PRO C 172 29.57 15.37 6.43
N LEU C 173 29.06 14.97 7.58
CA LEU C 173 28.94 15.91 8.69
C LEU C 173 29.36 15.36 10.03
N HIS C 174 29.53 14.05 10.19
CA HIS C 174 30.00 13.48 11.43
C HIS C 174 31.49 13.15 11.38
N THR C 175 32.20 13.67 10.40
CA THR C 175 33.65 13.51 10.32
C THR C 175 34.29 14.84 10.70
N LEU C 176 35.04 14.86 11.79
CA LEU C 176 35.70 16.08 12.22
C LEU C 176 36.91 16.40 11.37
N ARG C 177 37.41 15.40 10.64
CA ARG C 177 38.59 15.58 9.80
C ARG C 177 38.29 16.46 8.58
N ALA C 178 37.04 16.51 8.15
CA ALA C 178 36.68 17.17 6.91
C ALA C 178 36.70 18.69 7.06
N ASP C 179 36.36 19.39 5.97
CA ASP C 179 36.44 20.84 5.90
C ASP C 179 35.18 21.38 5.25
N ILE C 180 34.30 21.98 6.05
CA ILE C 180 32.96 22.35 5.63
C ILE C 180 32.77 23.84 5.86
N ASP C 181 32.17 24.53 4.89
CA ASP C 181 31.74 25.90 5.07
C ASP C 181 30.27 25.95 5.43
N TYR C 182 29.85 27.08 6.00
CA TYR C 182 28.46 27.20 6.41
C TYR C 182 28.09 28.68 6.47
N ALA C 183 26.86 28.99 6.08
CA ALA C 183 26.37 30.37 6.08
C ALA C 183 24.87 30.37 6.04
N THR C 184 24.27 31.29 6.77
CA THR C 184 22.81 31.48 6.77
C THR C 184 22.54 32.96 6.52
N TYR C 185 22.14 33.28 5.29
CA TYR C 185 21.67 34.62 4.98
C TYR C 185 20.19 34.52 4.69
N GLU C 186 19.45 35.58 5.03
CA GLU C 186 18.00 35.53 4.97
C GLU C 186 17.48 36.37 3.81
N ALA C 187 16.15 36.47 3.71
CA ALA C 187 15.53 37.19 2.62
C ALA C 187 14.18 37.72 3.07
N HIS C 188 13.90 38.97 2.76
CA HIS C 188 12.63 39.60 3.08
C HIS C 188 11.88 39.85 1.79
N THR C 189 10.92 38.99 1.49
CA THR C 189 10.11 39.15 0.30
C THR C 189 8.95 40.10 0.62
N THR C 190 8.00 40.21 -0.30
CA THR C 190 6.82 41.03 -0.04
C THR C 190 5.83 40.35 0.89
N TYR C 191 6.04 39.07 1.20
CA TYR C 191 5.36 38.38 2.27
C TYR C 191 6.25 37.25 2.76
N GLY C 192 6.44 37.18 4.08
CA GLY C 192 7.21 36.12 4.68
C GLY C 192 8.71 36.39 4.71
N VAL C 193 9.42 35.54 5.44
CA VAL C 193 10.85 35.62 5.63
C VAL C 193 11.44 34.28 5.26
N ILE C 194 12.32 34.26 4.27
CA ILE C 194 12.93 33.03 3.77
C ILE C 194 14.36 32.96 4.26
N GLY C 195 14.72 31.86 4.91
CA GLY C 195 16.08 31.61 5.37
C GLY C 195 16.73 30.55 4.49
N VAL C 196 18.00 30.75 4.18
CA VAL C 196 18.74 29.89 3.26
C VAL C 196 19.96 29.36 3.98
N LYS C 197 20.20 28.06 3.89
CA LYS C 197 21.37 27.42 4.50
C LYS C 197 22.22 26.77 3.42
N VAL C 198 23.55 26.85 3.57
CA VAL C 198 24.49 26.39 2.55
C VAL C 198 25.58 25.56 3.23
N TRP C 199 25.94 24.42 2.64
CA TRP C 199 26.90 23.49 3.21
C TRP C 199 27.95 23.08 2.18
N ILE C 200 28.65 24.06 1.60
CA ILE C 200 29.72 23.76 0.64
C ILE C 200 30.80 22.91 1.28
N PHE C 201 31.05 21.74 0.71
CA PHE C 201 32.06 20.80 1.17
C PHE C 201 33.26 20.88 0.24
N LYS C 202 34.36 21.42 0.74
CA LYS C 202 35.62 21.40 0.02
C LYS C 202 36.30 20.06 0.29
N GLY C 203 37.57 19.94 -0.08
CA GLY C 203 38.29 18.71 0.13
C GLY C 203 38.50 18.40 1.61
N GLU C 204 38.76 17.13 1.89
CA GLU C 204 38.90 16.68 3.26
C GLU C 204 40.37 16.80 3.70
N VAL C 205 40.69 16.19 4.85
CA VAL C 205 41.89 16.45 5.68
C VAL C 205 42.02 17.93 6.06
N ALA D 1 -24.25 42.85 -39.00
CA ALA D 1 -23.34 43.37 -37.99
C ALA D 1 -21.90 43.19 -38.44
N ARG D 2 -21.16 44.30 -38.49
CA ARG D 2 -19.75 44.27 -38.77
C ARG D 2 -18.98 44.19 -37.46
N TYR D 3 -17.67 44.45 -37.53
CA TYR D 3 -16.86 44.70 -36.36
C TYR D 3 -16.30 46.10 -36.45
N ILE D 4 -16.70 46.96 -35.53
CA ILE D 4 -16.24 48.34 -35.48
C ILE D 4 -15.52 48.55 -34.17
N GLY D 5 -14.24 48.87 -34.23
CA GLY D 5 -13.45 49.10 -33.05
C GLY D 5 -11.97 49.15 -33.36
N PRO D 6 -11.15 48.75 -32.40
CA PRO D 6 -9.72 48.65 -32.67
C PRO D 6 -9.42 47.52 -33.62
N LYS D 7 -8.33 47.67 -34.37
CA LYS D 7 -7.96 46.68 -35.37
C LYS D 7 -6.52 46.20 -35.27
N CYS D 8 -5.62 46.93 -34.64
CA CYS D 8 -4.35 46.34 -34.24
C CYS D 8 -4.55 45.29 -33.17
N LYS D 9 -5.53 45.51 -32.29
CA LYS D 9 -5.76 44.65 -31.13
C LYS D 9 -6.12 43.22 -31.54
N LEU D 10 -6.75 43.05 -32.70
CA LEU D 10 -6.98 41.71 -33.20
C LEU D 10 -5.69 41.09 -33.70
N SER D 11 -4.87 41.87 -34.39
CA SER D 11 -3.59 41.37 -34.86
C SER D 11 -2.61 41.18 -33.71
N ARG D 12 -2.88 41.78 -32.56
CA ARG D 12 -1.94 41.74 -31.46
C ARG D 12 -2.10 40.50 -30.60
N ARG D 13 -3.28 39.88 -30.62
CA ARG D 13 -3.48 38.66 -29.84
C ARG D 13 -3.02 37.43 -30.59
N GLU D 14 -3.38 37.32 -31.86
CA GLU D 14 -3.01 36.14 -32.63
C GLU D 14 -1.53 36.12 -32.99
N GLY D 15 -0.86 37.27 -32.92
CA GLY D 15 0.58 37.32 -33.05
C GLY D 15 1.06 37.13 -34.47
N THR D 16 0.47 37.88 -35.40
CA THR D 16 0.89 37.81 -36.79
C THR D 16 0.60 39.16 -37.44
N ASP D 17 1.01 39.29 -38.71
CA ASP D 17 0.79 40.52 -39.45
C ASP D 17 -0.67 40.72 -39.76
N LEU D 18 -1.29 39.72 -40.41
CA LEU D 18 -2.73 39.52 -40.59
C LEU D 18 -3.36 40.50 -41.59
N PHE D 19 -2.62 41.53 -41.99
CA PHE D 19 -2.99 42.50 -43.03
C PHE D 19 -4.33 43.17 -42.77
N LEU D 20 -4.40 43.92 -41.67
CA LEU D 20 -5.60 44.68 -41.36
C LEU D 20 -5.42 46.19 -41.48
N LYS D 21 -4.26 46.73 -41.16
CA LYS D 21 -4.09 48.16 -41.29
C LYS D 21 -3.80 48.51 -42.74
N SER D 22 -4.16 49.74 -43.12
CA SER D 22 -4.30 50.06 -44.52
C SER D 22 -2.97 50.31 -45.21
N GLY D 23 -2.25 51.32 -44.75
CA GLY D 23 -1.07 51.77 -45.46
C GLY D 23 0.10 50.82 -45.32
N ALA D 24 1.14 51.12 -46.08
CA ALA D 24 2.41 50.42 -45.99
C ALA D 24 3.39 51.16 -45.10
N ARG D 25 2.88 51.87 -44.08
CA ARG D 25 3.72 52.64 -43.17
C ARG D 25 4.66 51.72 -42.40
N ALA D 26 4.10 50.93 -41.48
CA ALA D 26 4.87 50.02 -40.64
C ALA D 26 3.98 49.09 -39.84
N LEU D 27 4.27 47.80 -39.86
CA LEU D 27 3.75 46.92 -38.83
C LEU D 27 4.56 47.12 -37.56
N ASP D 28 3.88 46.96 -36.42
CA ASP D 28 4.46 47.04 -35.07
C ASP D 28 5.11 48.40 -34.79
N SER D 29 4.60 49.45 -35.41
CA SER D 29 4.90 50.82 -35.01
C SER D 29 3.64 51.61 -34.68
N LYS D 30 2.58 51.44 -35.46
CA LYS D 30 1.26 51.87 -35.04
C LYS D 30 0.65 50.93 -34.02
N CYS D 31 1.23 49.76 -33.84
CA CYS D 31 0.53 48.62 -33.27
C CYS D 31 1.15 48.13 -31.98
N LYS D 32 2.48 48.01 -31.94
CA LYS D 32 3.24 47.44 -30.82
C LYS D 32 2.78 46.01 -30.52
N ALA D 33 3.03 45.14 -31.51
CA ALA D 33 2.48 43.79 -31.56
C ALA D 33 3.30 42.77 -30.79
N GLU D 34 4.04 43.20 -29.77
CA GLU D 34 4.91 42.30 -29.03
C GLU D 34 4.17 41.41 -28.03
N ASN D 35 2.96 41.79 -27.60
CA ASN D 35 2.36 41.13 -26.45
C ASN D 35 0.88 40.85 -26.68
N VAL D 36 0.37 39.90 -25.91
CA VAL D 36 -1.07 39.65 -25.80
C VAL D 36 -1.73 40.89 -25.20
N PRO D 37 -2.90 41.31 -25.68
CA PRO D 37 -3.50 42.56 -25.18
C PRO D 37 -3.99 42.43 -23.74
N GLY D 38 -4.43 43.56 -23.23
CA GLY D 38 -4.99 43.62 -21.89
C GLY D 38 -3.99 44.04 -20.85
N GLN D 39 -4.40 43.88 -19.60
CA GLN D 39 -3.53 44.21 -18.48
C GLN D 39 -2.39 43.21 -18.38
N HIS D 40 -2.72 41.94 -18.21
CA HIS D 40 -1.73 40.87 -18.06
C HIS D 40 -1.23 40.45 -19.44
N GLY D 41 -0.47 41.34 -20.05
CA GLY D 41 0.12 41.06 -21.34
C GLY D 41 1.47 40.39 -21.27
N GLN D 42 1.95 40.10 -20.07
CA GLN D 42 3.27 39.52 -19.88
C GLN D 42 3.20 38.02 -19.56
N ARG D 43 2.24 37.60 -18.75
CA ARG D 43 2.08 36.19 -18.43
C ARG D 43 1.56 35.43 -19.64
N ARG D 44 2.08 34.22 -19.84
CA ARG D 44 1.70 33.36 -20.96
C ARG D 44 1.72 31.92 -20.47
N GLY D 45 1.53 30.99 -21.41
CA GLY D 45 1.82 29.59 -21.17
C GLY D 45 0.72 28.60 -21.44
N ARG D 46 0.99 27.66 -22.34
CA ARG D 46 0.21 26.45 -22.59
C ARG D 46 -1.23 26.77 -23.01
N LEU D 47 -1.33 27.24 -24.26
CA LEU D 47 -2.61 27.24 -24.96
C LEU D 47 -3.20 25.85 -24.94
N SER D 48 -4.47 25.76 -24.57
CA SER D 48 -5.12 24.46 -24.46
C SER D 48 -5.36 23.86 -25.84
N ASP D 49 -5.62 22.56 -25.86
CA ASP D 49 -5.71 21.84 -27.11
C ASP D 49 -6.98 22.22 -27.87
N TYR D 50 -8.09 22.39 -27.15
CA TYR D 50 -9.26 23.00 -27.75
C TYR D 50 -8.99 24.45 -28.12
N GLY D 51 -8.23 25.16 -27.30
CA GLY D 51 -7.94 26.55 -27.56
C GLY D 51 -7.05 26.79 -28.76
N LEU D 52 -6.35 25.77 -29.23
CA LEU D 52 -5.58 25.92 -30.46
C LEU D 52 -6.47 25.91 -31.68
N GLN D 53 -7.48 25.04 -31.69
CA GLN D 53 -8.38 24.94 -32.83
C GLN D 53 -9.26 26.16 -32.92
N LEU D 54 -9.71 26.69 -31.78
CA LEU D 54 -10.48 27.93 -31.80
C LEU D 54 -9.62 29.10 -32.21
N ARG D 55 -8.31 29.02 -31.94
CA ARG D 55 -7.46 30.13 -32.31
C ARG D 55 -7.21 30.15 -33.81
N GLU D 56 -7.18 28.97 -34.43
CA GLU D 56 -7.05 28.90 -35.87
C GLU D 56 -8.34 29.29 -36.57
N LYS D 57 -9.48 28.91 -36.02
CA LYS D 57 -10.76 29.26 -36.63
C LYS D 57 -11.02 30.75 -36.52
N GLN D 58 -10.64 31.35 -35.40
CA GLN D 58 -10.89 32.77 -35.22
C GLN D 58 -9.94 33.61 -36.05
N LYS D 59 -8.81 33.05 -36.45
CA LYS D 59 -7.88 33.79 -37.28
C LYS D 59 -8.41 33.94 -38.70
N VAL D 60 -8.91 32.85 -39.28
CA VAL D 60 -9.43 32.87 -40.64
C VAL D 60 -10.70 33.67 -40.73
N ARG D 61 -11.48 33.68 -39.66
CA ARG D 61 -12.74 34.39 -39.60
C ARG D 61 -12.56 35.90 -39.41
N ARG D 62 -11.36 36.36 -39.02
CA ARG D 62 -11.11 37.79 -38.87
C ARG D 62 -10.27 38.38 -39.98
N ILE D 63 -9.67 37.57 -40.85
CA ILE D 63 -9.06 38.11 -42.06
C ILE D 63 -10.13 38.67 -42.98
N TYR D 64 -11.23 37.96 -43.10
CA TYR D 64 -12.19 38.21 -44.17
C TYR D 64 -13.39 39.01 -43.71
N GLY D 65 -13.82 38.86 -42.47
CA GLY D 65 -14.86 39.70 -41.91
C GLY D 65 -16.23 39.08 -41.81
N VAL D 66 -16.33 37.75 -41.78
CA VAL D 66 -17.60 37.05 -41.66
C VAL D 66 -18.01 36.99 -40.20
N LEU D 67 -19.22 36.51 -39.94
CA LEU D 67 -19.65 36.11 -38.62
C LEU D 67 -19.99 34.63 -38.65
N GLU D 68 -20.25 34.05 -37.47
CA GLU D 68 -20.28 32.60 -37.39
C GLU D 68 -21.55 32.00 -38.00
N ARG D 69 -22.67 32.73 -37.94
CA ARG D 69 -23.88 32.28 -38.63
C ARG D 69 -23.66 32.23 -40.14
N GLN D 70 -22.90 33.17 -40.68
CA GLN D 70 -22.55 33.05 -42.08
C GLN D 70 -21.46 32.02 -42.29
N PHE D 71 -20.56 31.86 -41.33
CA PHE D 71 -19.39 31.03 -41.55
C PHE D 71 -19.75 29.56 -41.57
N ARG D 72 -20.70 29.16 -40.72
CA ARG D 72 -21.19 27.79 -40.76
C ARG D 72 -22.02 27.55 -42.01
N GLY D 73 -22.61 28.59 -42.57
CA GLY D 73 -23.32 28.44 -43.83
C GLY D 73 -22.40 28.09 -44.98
N TYR D 74 -21.19 28.66 -44.98
CA TYR D 74 -20.20 28.26 -45.97
C TYR D 74 -19.69 26.86 -45.70
N TYR D 75 -19.66 26.45 -44.43
CA TYR D 75 -19.19 25.12 -44.09
C TYR D 75 -20.17 24.04 -44.54
N GLN D 76 -21.45 24.37 -44.66
CA GLN D 76 -22.40 23.40 -45.18
C GLN D 76 -22.21 23.21 -46.68
N GLU D 77 -21.94 24.30 -47.39
CA GLU D 77 -21.71 24.20 -48.82
C GLU D 77 -20.37 23.58 -49.14
N ALA D 78 -19.44 23.57 -48.19
CA ALA D 78 -18.20 22.83 -48.38
C ALA D 78 -18.44 21.33 -48.33
N SER D 79 -19.16 20.87 -47.31
CA SER D 79 -19.40 19.44 -47.16
C SER D 79 -20.41 18.90 -48.17
N ARG D 80 -21.16 19.77 -48.83
CA ARG D 80 -22.01 19.30 -49.91
C ARG D 80 -21.19 18.91 -51.13
N ARG D 81 -20.21 19.74 -51.50
CA ARG D 81 -19.49 19.53 -52.73
C ARG D 81 -18.54 18.33 -52.61
N LYS D 82 -17.97 17.95 -53.75
CA LYS D 82 -17.25 16.68 -53.87
C LYS D 82 -15.78 16.92 -53.54
N GLY D 83 -15.33 16.33 -52.44
CA GLY D 83 -13.91 16.21 -52.17
C GLY D 83 -13.24 17.43 -51.58
N SER D 84 -12.41 17.21 -50.56
CA SER D 84 -11.48 18.19 -49.99
C SER D 84 -12.21 19.43 -49.47
N THR D 85 -12.94 19.22 -48.37
CA THR D 85 -13.70 20.30 -47.74
C THR D 85 -12.83 21.43 -47.26
N GLY D 86 -11.55 21.18 -46.97
CA GLY D 86 -10.66 22.27 -46.59
C GLY D 86 -10.40 23.24 -47.72
N GLU D 87 -10.10 22.72 -48.91
CA GLU D 87 -9.87 23.58 -50.07
C GLU D 87 -11.17 24.25 -50.51
N ASN D 88 -12.28 23.54 -50.44
CA ASN D 88 -13.56 24.10 -50.86
C ASN D 88 -14.02 25.21 -49.93
N LEU D 89 -13.63 25.14 -48.65
CA LEU D 89 -13.98 26.21 -47.73
C LEU D 89 -13.23 27.49 -48.05
N LEU D 90 -12.00 27.37 -48.55
CA LEU D 90 -11.24 28.55 -48.92
C LEU D 90 -11.75 29.16 -50.22
N GLN D 91 -12.06 28.32 -51.20
CA GLN D 91 -12.50 28.83 -52.49
C GLN D 91 -13.89 29.42 -52.48
N LEU D 92 -14.69 29.19 -51.43
CA LEU D 92 -15.90 29.96 -51.26
C LEU D 92 -15.65 31.27 -50.52
N LEU D 93 -14.50 31.43 -49.91
CA LEU D 93 -14.15 32.72 -49.34
C LEU D 93 -13.32 33.56 -50.29
N GLU D 94 -12.80 32.96 -51.37
CA GLU D 94 -12.05 33.72 -52.35
C GLU D 94 -12.96 34.33 -53.40
N CYS D 95 -14.02 33.63 -53.77
CA CYS D 95 -14.93 34.11 -54.79
C CYS D 95 -15.90 35.18 -54.29
N ARG D 96 -15.79 35.59 -53.03
CA ARG D 96 -16.72 36.57 -52.51
C ARG D 96 -16.31 37.96 -52.97
N LEU D 97 -17.29 38.83 -53.18
CA LEU D 97 -17.09 40.06 -53.94
C LEU D 97 -16.19 41.04 -53.21
N ASP D 98 -16.28 41.12 -51.89
CA ASP D 98 -15.41 42.02 -51.16
C ASP D 98 -13.95 41.55 -51.15
N ASN D 99 -13.71 40.27 -51.39
CA ASN D 99 -12.34 39.83 -51.54
C ASN D 99 -11.78 40.21 -52.90
N VAL D 100 -12.59 40.05 -53.96
CA VAL D 100 -12.07 40.21 -55.31
C VAL D 100 -11.82 41.68 -55.62
N VAL D 101 -12.58 42.59 -55.01
CA VAL D 101 -12.28 44.01 -55.11
C VAL D 101 -10.93 44.30 -54.46
N TYR D 102 -10.63 43.62 -53.36
CA TYR D 102 -9.33 43.76 -52.72
C TYR D 102 -8.22 43.15 -53.56
N ARG D 103 -8.49 42.04 -54.23
CA ARG D 103 -7.48 41.39 -55.05
C ARG D 103 -7.16 42.19 -56.30
N MET D 104 -8.18 42.80 -56.92
CA MET D 104 -7.94 43.70 -58.04
C MET D 104 -7.16 44.93 -57.60
N GLY D 105 -7.34 45.33 -56.35
CA GLY D 105 -6.64 46.46 -55.81
C GLY D 105 -7.43 47.75 -55.83
N PHE D 106 -8.76 47.68 -55.71
CA PHE D 106 -9.53 48.90 -55.66
C PHE D 106 -9.69 49.45 -54.25
N GLY D 107 -8.90 48.98 -53.30
CA GLY D 107 -8.98 49.51 -51.95
C GLY D 107 -7.72 49.18 -51.18
N SER D 108 -7.51 49.91 -50.10
CA SER D 108 -6.33 49.64 -49.28
C SER D 108 -6.59 48.50 -48.32
N THR D 109 -7.55 48.66 -47.40
CA THR D 109 -7.97 47.56 -46.57
C THR D 109 -8.96 46.67 -47.31
N ARG D 110 -9.32 45.57 -46.67
CA ARG D 110 -10.46 44.80 -47.11
C ARG D 110 -11.75 45.45 -46.66
N SER D 111 -11.73 46.17 -45.54
CA SER D 111 -12.92 46.88 -45.07
C SER D 111 -13.23 48.10 -45.92
N GLU D 112 -12.26 48.61 -46.67
CA GLU D 112 -12.56 49.68 -47.63
C GLU D 112 -13.31 49.13 -48.82
N SER D 113 -12.95 47.92 -49.26
CA SER D 113 -13.65 47.28 -50.36
C SER D 113 -15.09 46.95 -50.01
N ARG D 114 -15.36 46.68 -48.74
CA ARG D 114 -16.74 46.47 -48.31
C ARG D 114 -17.55 47.74 -48.44
N GLN D 115 -16.93 48.90 -48.24
CA GLN D 115 -17.70 50.13 -48.32
C GLN D 115 -17.90 50.57 -49.76
N LEU D 116 -16.97 50.24 -50.66
CA LEU D 116 -17.16 50.62 -52.06
C LEU D 116 -18.24 49.79 -52.72
N VAL D 117 -18.40 48.53 -52.30
CA VAL D 117 -19.53 47.75 -52.77
C VAL D 117 -20.82 48.30 -52.21
N SER D 118 -20.82 48.67 -50.92
CA SER D 118 -22.04 49.03 -50.23
C SER D 118 -22.65 50.33 -50.72
N HIS D 119 -21.89 51.19 -51.40
CA HIS D 119 -22.43 52.43 -51.92
C HIS D 119 -22.60 52.39 -53.43
N LYS D 120 -22.88 51.21 -53.95
CA LYS D 120 -23.35 50.96 -55.31
C LYS D 120 -22.34 51.39 -56.37
N ALA D 121 -21.06 51.48 -56.02
CA ALA D 121 -20.06 52.00 -56.92
C ALA D 121 -19.42 50.94 -57.79
N ILE D 122 -19.82 49.67 -57.65
CA ILE D 122 -19.15 48.55 -58.31
C ILE D 122 -20.19 47.79 -59.12
N THR D 123 -19.83 47.40 -60.34
CA THR D 123 -20.68 46.56 -61.18
C THR D 123 -19.98 45.24 -61.45
N VAL D 124 -20.74 44.24 -61.88
CA VAL D 124 -20.22 42.88 -62.08
C VAL D 124 -20.41 42.41 -63.51
N ASN D 125 -21.62 42.40 -64.01
CA ASN D 125 -21.85 42.03 -65.40
C ASN D 125 -22.34 43.19 -66.22
N GLY D 126 -22.00 44.41 -65.85
CA GLY D 126 -22.61 45.57 -66.44
C GLY D 126 -23.80 46.11 -65.68
N GLN D 127 -24.08 45.58 -64.51
CA GLN D 127 -25.20 45.99 -63.68
C GLN D 127 -24.77 46.09 -62.23
N THR D 128 -25.45 46.92 -61.46
CA THR D 128 -24.96 47.31 -60.15
C THR D 128 -25.19 46.21 -59.12
N VAL D 129 -24.17 45.94 -58.31
CA VAL D 129 -24.23 44.99 -57.21
C VAL D 129 -23.74 45.70 -55.95
N ASN D 130 -24.55 45.70 -54.90
CA ASN D 130 -24.15 46.30 -53.64
C ASN D 130 -24.23 45.32 -52.47
N ILE D 131 -23.84 44.08 -52.70
CA ILE D 131 -23.90 43.04 -51.68
C ILE D 131 -22.49 42.53 -51.43
N PRO D 132 -21.97 42.60 -50.21
CA PRO D 132 -20.65 42.04 -49.95
C PRO D 132 -20.67 40.54 -49.69
N SER D 133 -21.45 39.80 -50.48
CA SER D 133 -21.49 38.35 -50.37
C SER D 133 -21.65 37.71 -51.73
N TYR D 134 -21.59 38.48 -52.80
CA TYR D 134 -21.90 37.99 -54.13
C TYR D 134 -20.81 37.05 -54.61
N GLN D 135 -21.16 35.79 -54.83
CA GLN D 135 -20.19 34.81 -55.30
C GLN D 135 -19.98 34.97 -56.79
N VAL D 136 -18.81 35.48 -57.18
CA VAL D 136 -18.54 35.71 -58.59
C VAL D 136 -18.08 34.41 -59.25
N LYS D 137 -18.24 34.34 -60.57
CA LYS D 137 -17.90 33.16 -61.34
C LYS D 137 -16.62 33.41 -62.11
N ALA D 138 -16.25 32.44 -62.94
CA ALA D 138 -15.07 32.57 -63.79
C ALA D 138 -15.44 33.38 -65.03
N GLY D 139 -14.81 34.53 -65.18
CA GLY D 139 -15.06 35.38 -66.33
C GLY D 139 -16.01 36.53 -66.11
N ASP D 140 -16.17 36.99 -64.87
CA ASP D 140 -17.05 38.11 -64.58
C ASP D 140 -16.26 39.40 -64.64
N VAL D 141 -16.70 40.34 -65.47
CA VAL D 141 -15.92 41.53 -65.80
C VAL D 141 -16.28 42.60 -64.77
N VAL D 142 -15.61 42.58 -63.63
CA VAL D 142 -15.84 43.56 -62.57
C VAL D 142 -15.30 44.90 -63.02
N ALA D 143 -16.15 45.91 -63.06
CA ALA D 143 -15.73 47.25 -63.44
C ALA D 143 -16.19 48.24 -62.39
N VAL D 144 -15.79 49.49 -62.56
CA VAL D 144 -16.10 50.56 -61.62
C VAL D 144 -17.09 51.50 -62.29
N ARG D 145 -18.07 51.96 -61.51
CA ARG D 145 -19.12 52.83 -62.01
C ARG D 145 -18.55 54.20 -62.39
N GLU D 146 -19.10 54.79 -63.44
CA GLU D 146 -18.54 56.02 -64.00
C GLU D 146 -18.79 57.25 -63.14
N LYS D 147 -19.81 57.23 -62.28
CA LYS D 147 -20.06 58.40 -61.44
C LYS D 147 -18.94 58.57 -60.42
N SER D 148 -18.37 57.48 -59.94
CA SER D 148 -17.21 57.52 -59.07
C SER D 148 -16.09 56.76 -59.75
N LYS D 149 -15.40 57.44 -60.67
CA LYS D 149 -14.07 57.05 -61.10
C LYS D 149 -13.03 58.07 -60.70
N ASN D 150 -13.45 59.20 -60.14
CA ASN D 150 -12.57 60.29 -59.78
C ASN D 150 -12.25 60.32 -58.30
N GLN D 151 -12.71 59.33 -57.55
CA GLN D 151 -12.44 59.30 -56.12
C GLN D 151 -10.97 59.00 -55.87
N LEU D 152 -10.36 59.77 -54.99
CA LEU D 152 -8.97 59.54 -54.61
C LEU D 152 -8.79 58.30 -53.76
N ARG D 153 -9.88 57.74 -53.23
CA ARG D 153 -9.80 56.47 -52.50
C ARG D 153 -9.37 55.35 -53.42
N ILE D 154 -9.74 55.41 -54.70
CA ILE D 154 -9.37 54.39 -55.65
C ILE D 154 -8.03 54.71 -56.31
N ALA D 155 -7.78 56.00 -56.54
CA ALA D 155 -6.55 56.40 -57.23
C ALA D 155 -5.32 56.16 -56.36
N GLN D 156 -5.41 56.56 -55.08
CA GLN D 156 -4.30 56.37 -54.16
C GLN D 156 -4.03 54.90 -53.88
N ALA D 157 -5.07 54.07 -53.85
CA ALA D 157 -4.92 52.66 -53.50
C ALA D 157 -4.17 51.88 -54.56
N LEU D 158 -4.09 52.38 -55.79
CA LEU D 158 -3.36 51.70 -56.83
C LEU D 158 -1.85 51.85 -56.70
N GLU D 159 -1.38 52.84 -55.94
CA GLU D 159 0.03 52.84 -55.57
C GLU D 159 0.31 51.93 -54.39
N LEU D 160 -0.73 51.54 -53.65
CA LEU D 160 -0.59 50.50 -52.65
C LEU D 160 -0.66 49.10 -53.24
N CYS D 161 -0.93 48.99 -54.54
CA CYS D 161 -0.82 47.71 -55.23
C CYS D 161 0.62 47.34 -55.53
N GLY D 162 1.56 48.26 -55.36
CA GLY D 162 2.95 47.97 -55.68
C GLY D 162 3.59 47.01 -54.70
N GLN D 163 3.19 47.06 -53.43
CA GLN D 163 3.71 46.16 -52.41
C GLN D 163 2.93 44.86 -52.32
N ARG D 164 2.14 44.55 -53.35
CA ARG D 164 1.27 43.37 -53.34
C ARG D 164 1.54 42.43 -54.50
N GLY D 165 1.78 42.96 -55.69
CA GLY D 165 1.89 42.14 -56.88
C GLY D 165 0.52 41.73 -57.40
N ARG D 166 0.55 40.99 -58.51
CA ARG D 166 -0.66 40.39 -59.04
C ARG D 166 -0.76 38.96 -58.54
N VAL D 167 -1.99 38.53 -58.27
CA VAL D 167 -2.19 37.20 -57.71
C VAL D 167 -2.31 36.13 -58.77
N GLU D 168 -2.26 36.52 -60.06
CA GLU D 168 -2.22 35.62 -61.22
C GLU D 168 -3.46 34.75 -61.36
N TRP D 169 -4.60 35.21 -60.84
CA TRP D 169 -5.88 34.71 -61.31
C TRP D 169 -6.84 35.87 -61.59
N VAL D 170 -6.32 37.10 -61.58
CA VAL D 170 -7.05 38.28 -61.99
C VAL D 170 -6.20 39.04 -63.01
N GLU D 171 -6.72 40.18 -63.45
CA GLU D 171 -6.00 41.12 -64.29
C GLU D 171 -6.71 42.46 -64.17
N VAL D 172 -5.95 43.52 -63.97
CA VAL D 172 -6.54 44.83 -63.72
C VAL D 172 -5.98 45.82 -64.73
N ASP D 173 -6.80 46.80 -65.09
CA ASP D 173 -6.48 47.77 -66.12
C ASP D 173 -6.50 49.15 -65.48
N LEU D 174 -5.37 49.83 -65.44
CA LEU D 174 -5.24 51.04 -64.66
C LEU D 174 -5.77 52.29 -65.37
N ASP D 175 -6.57 52.14 -66.42
CA ASP D 175 -7.17 53.27 -67.12
C ASP D 175 -8.68 53.29 -67.02
N LYS D 176 -9.36 52.21 -67.39
CA LYS D 176 -10.81 52.12 -67.30
C LYS D 176 -11.29 51.50 -66.00
N LYS D 177 -10.37 50.93 -65.22
CA LYS D 177 -10.63 50.30 -63.92
C LYS D 177 -11.67 49.19 -64.05
N ALA D 178 -11.33 48.21 -64.86
CA ALA D 178 -12.24 47.12 -65.18
C ALA D 178 -11.46 45.81 -65.08
N GLY D 179 -11.48 45.21 -63.90
CA GLY D 179 -10.79 43.96 -63.70
C GLY D 179 -11.53 42.79 -64.30
N THR D 180 -10.84 41.67 -64.38
CA THR D 180 -11.42 40.45 -64.94
C THR D 180 -11.01 39.28 -64.06
N PHE D 181 -11.97 38.68 -63.38
CA PHE D 181 -11.71 37.50 -62.58
C PHE D 181 -11.49 36.33 -63.52
N LYS D 182 -10.23 35.89 -63.64
CA LYS D 182 -9.88 34.94 -64.69
C LYS D 182 -10.40 33.55 -64.37
N SER D 183 -9.98 32.98 -63.24
CA SER D 183 -10.40 31.64 -62.85
C SER D 183 -10.35 31.53 -61.34
N ALA D 184 -10.68 30.34 -60.86
CA ALA D 184 -10.60 30.05 -59.43
C ALA D 184 -9.14 30.03 -59.00
N PRO D 185 -8.86 30.37 -57.74
CA PRO D 185 -7.49 30.22 -57.24
C PRO D 185 -7.17 28.76 -57.00
N ALA D 186 -5.89 28.50 -56.88
CA ALA D 186 -5.40 27.18 -56.52
C ALA D 186 -4.97 27.19 -55.06
N ARG D 187 -4.58 26.02 -54.55
CA ARG D 187 -4.03 25.92 -53.20
C ARG D 187 -2.51 26.06 -53.25
N SER D 188 -2.07 27.14 -53.88
CA SER D 188 -0.67 27.55 -53.82
C SER D 188 -0.51 29.04 -53.60
N ASP D 189 -1.51 29.85 -53.95
CA ASP D 189 -1.43 31.29 -53.76
C ASP D 189 -1.80 31.70 -52.35
N LEU D 190 -2.42 30.80 -51.60
CA LEU D 190 -2.79 31.07 -50.23
C LEU D 190 -1.61 30.74 -49.33
N SER D 191 -1.47 31.54 -48.27
CA SER D 191 -0.35 31.39 -47.37
C SER D 191 -0.50 30.13 -46.51
N ALA D 192 0.64 29.56 -46.13
CA ALA D 192 0.64 28.32 -45.38
C ALA D 192 0.38 28.53 -43.89
N ASP D 193 0.15 29.77 -43.44
CA ASP D 193 -0.14 29.97 -42.03
C ASP D 193 -1.54 29.53 -41.67
N ILE D 194 -2.49 29.67 -42.58
CA ILE D 194 -3.82 29.14 -42.34
C ILE D 194 -3.78 27.63 -42.52
N ASN D 195 -4.66 26.93 -41.82
CA ASN D 195 -4.64 25.49 -41.79
C ASN D 195 -6.04 24.97 -42.09
N GLU D 196 -6.15 24.15 -43.13
CA GLU D 196 -7.41 23.55 -43.51
C GLU D 196 -7.72 22.28 -42.75
N ASN D 197 -6.95 21.97 -41.70
CA ASN D 197 -7.16 20.76 -40.94
C ASN D 197 -7.33 21.06 -39.46
N LEU D 198 -7.76 22.26 -39.13
CA LEU D 198 -8.17 22.59 -37.78
C LEU D 198 -9.58 23.15 -37.72
N ILE D 199 -10.02 23.82 -38.78
CA ILE D 199 -11.37 24.35 -38.82
C ILE D 199 -12.36 23.25 -39.13
N VAL D 200 -11.98 22.32 -40.01
CA VAL D 200 -12.80 21.16 -40.32
C VAL D 200 -13.00 20.30 -39.08
N GLU D 201 -11.94 20.12 -38.30
CA GLU D 201 -12.01 19.30 -37.11
C GLU D 201 -12.71 19.99 -35.96
N LEU D 202 -12.86 21.31 -36.01
CA LEU D 202 -13.54 22.00 -34.93
C LEU D 202 -15.04 21.81 -35.01
N TYR D 203 -15.58 21.67 -36.21
CA TYR D 203 -17.02 21.55 -36.37
C TYR D 203 -17.53 20.12 -36.27
N SER D 204 -16.68 19.18 -35.87
CA SER D 204 -17.18 17.86 -35.50
C SER D 204 -17.66 17.85 -34.06
N LYS D 205 -16.74 18.06 -33.12
CA LYS D 205 -17.08 18.26 -31.71
C LYS D 205 -16.17 19.30 -31.08
N GLY E 1 13.89 9.73 -35.40
CA GLY E 1 14.03 11.17 -35.18
C GLY E 1 13.26 11.59 -33.94
N TYR E 2 12.71 12.80 -33.95
CA TYR E 2 12.16 13.36 -32.73
C TYR E 2 11.15 14.46 -33.05
N ILE E 3 9.88 14.16 -32.84
CA ILE E 3 8.79 15.13 -32.65
C ILE E 3 8.00 14.66 -31.44
N GLU E 4 7.99 15.46 -30.38
CA GLU E 4 7.44 15.03 -29.10
C GLU E 4 6.02 15.52 -28.90
N LYS E 5 5.28 14.80 -28.06
CA LYS E 5 3.87 15.09 -27.82
C LYS E 5 3.46 14.45 -26.51
N LEU E 6 2.98 15.26 -25.57
CA LEU E 6 2.60 14.77 -24.26
C LEU E 6 1.10 14.48 -24.22
N VAL E 7 0.71 13.52 -23.38
CA VAL E 7 -0.69 13.15 -23.23
C VAL E 7 -1.15 13.33 -21.80
N GLN E 8 -0.48 12.66 -20.86
CA GLN E 8 -1.02 12.48 -19.52
C GLN E 8 -0.01 12.93 -18.48
N VAL E 9 -0.53 13.43 -17.36
CA VAL E 9 0.26 13.71 -16.17
C VAL E 9 -0.59 13.39 -14.95
N ASN E 10 -0.02 12.69 -13.98
CA ASN E 10 -0.75 12.29 -12.79
C ASN E 10 -0.10 12.86 -11.54
N ARG E 11 -0.64 12.46 -10.40
CA ARG E 11 0.03 12.65 -9.12
C ARG E 11 -0.22 11.36 -8.33
N VAL E 12 0.67 10.39 -8.50
CA VAL E 12 0.59 9.17 -7.71
C VAL E 12 1.16 9.48 -6.34
N ALA E 13 0.96 8.59 -5.37
CA ALA E 13 1.44 8.82 -4.03
C ALA E 13 1.92 7.51 -3.44
N LYS E 14 2.34 7.57 -2.18
CA LYS E 14 2.91 6.42 -1.49
C LYS E 14 2.90 6.75 0.00
N THR E 15 2.22 5.96 0.79
CA THR E 15 2.16 6.17 2.23
C THR E 15 3.29 5.40 2.88
N VAL E 16 4.11 6.09 3.69
CA VAL E 16 5.17 5.37 4.37
C VAL E 16 4.90 5.31 5.86
N LYS E 17 5.07 6.43 6.55
CA LYS E 17 4.68 6.69 7.93
C LYS E 17 5.03 8.14 8.19
N GLY E 18 4.27 8.79 9.05
CA GLY E 18 4.45 10.23 9.13
C GLY E 18 3.57 10.89 8.11
N GLY E 19 4.11 11.17 6.92
CA GLY E 19 3.33 11.78 5.87
C GLY E 19 3.04 10.87 4.68
N ARG E 20 2.94 11.47 3.50
CA ARG E 20 2.61 10.75 2.27
C ARG E 20 3.47 11.31 1.15
N ILE E 21 4.29 10.45 0.56
CA ILE E 21 5.26 10.88 -0.44
C ILE E 21 4.58 10.97 -1.80
N PHE E 22 4.67 12.13 -2.44
CA PHE E 22 4.13 12.34 -3.77
C PHE E 22 5.15 11.99 -4.84
N ALA E 23 4.66 11.81 -6.06
CA ALA E 23 5.47 11.51 -7.23
C ALA E 23 4.62 11.76 -8.46
N PHE E 24 5.28 12.08 -9.57
CA PHE E 24 4.60 12.41 -10.81
C PHE E 24 4.94 11.40 -11.88
N THR E 25 3.94 10.99 -12.65
CA THR E 25 4.15 10.15 -13.81
C THR E 25 3.76 10.90 -15.07
N ALA E 26 4.22 10.41 -16.21
CA ALA E 26 3.94 11.08 -17.46
C ALA E 26 3.96 10.08 -18.60
N LEU E 27 3.24 10.42 -19.66
CA LEU E 27 3.10 9.57 -20.83
C LEU E 27 3.33 10.43 -22.06
N THR E 28 4.31 10.07 -22.87
CA THR E 28 4.71 10.90 -23.99
C THR E 28 5.04 10.03 -25.18
N VAL E 29 4.40 10.30 -26.30
CA VAL E 29 4.63 9.57 -27.54
C VAL E 29 5.52 10.42 -28.43
N VAL E 30 6.43 9.75 -29.14
CA VAL E 30 7.39 10.42 -30.02
C VAL E 30 7.34 9.74 -31.38
N GLY E 31 7.16 10.54 -32.44
CA GLY E 31 7.15 10.02 -33.79
C GLY E 31 8.05 10.83 -34.69
N ASP E 32 8.05 10.46 -35.96
CA ASP E 32 8.92 11.10 -36.94
C ASP E 32 8.17 11.77 -38.07
N GLY E 33 6.85 11.78 -38.05
CA GLY E 33 6.10 12.37 -39.14
C GLY E 33 6.10 11.57 -40.43
N LYS E 34 6.57 10.32 -40.41
CA LYS E 34 6.55 9.49 -41.60
C LYS E 34 6.03 8.09 -41.36
N GLY E 35 5.91 7.65 -40.11
CA GLY E 35 5.49 6.28 -39.87
C GLY E 35 6.39 5.52 -38.93
N ARG E 36 7.22 6.24 -38.17
CA ARG E 36 8.02 5.64 -37.11
C ARG E 36 7.69 6.32 -35.80
N VAL E 37 6.99 5.61 -34.92
CA VAL E 37 6.53 6.16 -33.66
C VAL E 37 7.13 5.39 -32.49
N GLY E 38 6.89 5.89 -31.30
CA GLY E 38 7.34 5.25 -30.09
C GLY E 38 6.80 5.99 -28.90
N PHE E 39 6.23 5.27 -27.95
CA PHE E 39 5.65 5.87 -26.76
C PHE E 39 6.57 5.61 -25.58
N GLY E 40 6.34 6.38 -24.52
CA GLY E 40 7.19 6.25 -23.36
C GLY E 40 6.53 6.71 -22.08
N ARG E 41 6.82 6.02 -20.99
CA ARG E 41 6.25 6.31 -19.68
C ARG E 41 7.35 6.48 -18.66
N GLY E 42 7.32 7.57 -17.93
CA GLY E 42 8.34 7.84 -16.93
C GLY E 42 7.73 8.33 -15.64
N LYS E 43 8.40 7.98 -14.54
CA LYS E 43 8.04 8.44 -13.20
C LYS E 43 9.22 9.16 -12.59
N ALA E 44 8.98 10.33 -12.01
CA ALA E 44 10.02 11.07 -11.32
C ALA E 44 9.37 11.85 -10.18
N ARG E 45 10.07 12.88 -9.70
CA ARG E 45 9.61 13.62 -8.54
C ARG E 45 9.13 15.03 -8.86
N GLU E 46 9.19 15.46 -10.12
CA GLU E 46 8.66 16.76 -10.49
C GLU E 46 8.32 16.74 -11.96
N VAL E 47 7.51 17.71 -12.37
CA VAL E 47 7.03 17.84 -13.76
C VAL E 47 8.16 18.08 -14.76
N PRO E 48 9.09 19.04 -14.61
CA PRO E 48 10.10 19.19 -15.67
C PRO E 48 11.10 18.05 -15.76
N ALA E 49 11.17 17.17 -14.77
CA ALA E 49 12.08 16.03 -14.83
C ALA E 49 11.39 14.73 -15.20
N ALA E 50 10.09 14.61 -14.96
CA ALA E 50 9.36 13.42 -15.36
C ALA E 50 9.03 13.40 -16.84
N ILE E 51 8.96 14.56 -17.48
CA ILE E 51 8.73 14.61 -18.91
C ILE E 51 9.99 14.23 -19.66
N GLN E 52 11.16 14.65 -19.16
CA GLN E 52 12.43 14.34 -19.81
C GLN E 52 12.72 12.85 -19.76
N LYS E 53 12.34 12.18 -18.68
CA LYS E 53 12.58 10.75 -18.55
C LYS E 53 11.69 9.96 -19.50
N ALA E 54 10.44 10.40 -19.67
CA ALA E 54 9.52 9.71 -20.55
C ALA E 54 9.86 9.95 -22.01
N MET E 55 10.53 11.04 -22.34
CA MET E 55 10.93 11.26 -23.71
C MET E 55 12.05 10.33 -24.12
N GLU E 56 12.96 10.02 -23.19
CA GLU E 56 14.11 9.19 -23.53
C GLU E 56 13.69 7.75 -23.78
N ALA E 57 12.74 7.24 -23.01
CA ALA E 57 12.29 5.87 -23.24
C ALA E 57 11.40 5.76 -24.46
N ALA E 58 10.90 6.87 -24.99
CA ALA E 58 10.09 6.81 -26.19
C ALA E 58 10.94 6.49 -27.41
N ARG E 59 12.08 7.17 -27.55
CA ARG E 59 12.96 6.94 -28.69
C ARG E 59 13.88 5.76 -28.49
N ARG E 60 13.55 4.88 -27.56
CA ARG E 60 13.99 3.51 -27.56
C ARG E 60 12.76 2.62 -27.69
N ASN E 61 12.93 1.48 -28.37
CA ASN E 61 11.86 0.51 -28.66
C ASN E 61 10.71 1.15 -29.44
N MET E 62 11.03 1.51 -30.69
CA MET E 62 10.10 2.19 -31.58
C MET E 62 9.45 1.19 -32.54
N ILE E 63 8.51 1.68 -33.35
CA ILE E 63 7.67 0.86 -34.22
C ILE E 63 7.71 1.46 -35.62
N GLN E 64 7.91 0.61 -36.63
CA GLN E 64 7.77 1.01 -38.03
C GLN E 64 6.35 0.72 -38.50
N VAL E 65 5.66 1.74 -38.99
CA VAL E 65 4.26 1.65 -39.41
C VAL E 65 4.19 1.84 -40.91
N ASP E 66 3.48 0.94 -41.60
CA ASP E 66 3.46 0.93 -43.06
C ASP E 66 2.18 1.60 -43.57
N LEU E 67 2.16 2.92 -43.48
CA LEU E 67 0.99 3.68 -43.89
C LEU E 67 0.91 3.79 -45.41
N ASN E 68 -0.32 3.96 -45.90
CA ASN E 68 -0.59 4.11 -47.33
C ASN E 68 -0.29 5.52 -47.84
N GLY E 69 -0.01 6.45 -46.95
CA GLY E 69 0.16 7.84 -47.30
C GLY E 69 -1.02 8.63 -46.79
N THR E 70 -0.87 9.21 -45.60
CA THR E 70 -1.86 9.98 -44.84
C THR E 70 -3.15 9.22 -44.55
N THR E 71 -3.17 7.90 -44.75
CA THR E 71 -4.36 7.07 -44.53
C THR E 71 -3.91 5.77 -43.90
N LEU E 72 -4.81 4.81 -43.91
CA LEU E 72 -4.53 3.45 -43.48
C LEU E 72 -4.70 2.51 -44.66
N GLN E 73 -4.45 1.23 -44.43
CA GLN E 73 -4.63 0.25 -45.48
C GLN E 73 -6.06 -0.27 -45.57
N TYR E 74 -6.66 -0.61 -44.43
CA TYR E 74 -7.98 -1.23 -44.40
C TYR E 74 -8.59 -1.00 -43.04
N PRO E 75 -9.92 -1.10 -42.90
CA PRO E 75 -10.53 -1.04 -41.57
C PRO E 75 -10.12 -2.22 -40.72
N THR E 76 -9.64 -1.92 -39.51
CA THR E 76 -9.23 -2.94 -38.56
C THR E 76 -9.84 -2.64 -37.20
N LYS E 77 -9.64 -3.56 -36.27
CA LYS E 77 -10.22 -3.42 -34.93
C LYS E 77 -9.39 -4.23 -33.96
N SER E 78 -8.75 -3.55 -33.01
CA SER E 78 -7.85 -4.20 -32.07
C SER E 78 -8.26 -3.86 -30.65
N ALA E 79 -7.75 -4.65 -29.70
CA ALA E 79 -8.15 -4.49 -28.31
C ALA E 79 -7.00 -4.88 -27.39
N HIS E 80 -6.94 -4.21 -26.25
CA HIS E 80 -6.03 -4.57 -25.18
C HIS E 80 -6.64 -4.14 -23.86
N GLY E 81 -6.61 -5.05 -22.88
CA GLY E 81 -7.27 -4.79 -21.63
C GLY E 81 -8.78 -4.75 -21.82
N ALA E 82 -9.43 -3.89 -21.06
CA ALA E 82 -10.84 -3.62 -21.29
C ALA E 82 -11.02 -2.40 -22.17
N SER E 83 -10.33 -2.36 -23.31
CA SER E 83 -10.38 -1.20 -24.19
C SER E 83 -10.39 -1.69 -25.63
N LYS E 84 -11.41 -1.29 -26.37
CA LYS E 84 -11.59 -1.72 -27.74
C LYS E 84 -11.54 -0.50 -28.66
N VAL E 85 -10.85 -0.64 -29.78
CA VAL E 85 -10.52 0.49 -30.65
C VAL E 85 -10.89 0.11 -32.08
N TYR E 86 -11.53 1.02 -32.79
CA TYR E 86 -11.90 0.84 -34.19
C TYR E 86 -11.33 1.97 -35.03
N MET E 87 -10.78 1.64 -36.19
CA MET E 87 -10.15 2.60 -37.09
C MET E 87 -10.46 2.24 -38.54
N GLN E 88 -10.79 3.23 -39.36
CA GLN E 88 -10.95 2.95 -40.77
C GLN E 88 -10.58 4.15 -41.63
N PRO E 89 -9.86 3.95 -42.73
CA PRO E 89 -9.37 5.09 -43.52
C PRO E 89 -10.51 5.86 -44.17
N ALA E 90 -10.25 7.13 -44.42
CA ALA E 90 -11.28 8.06 -44.88
C ALA E 90 -10.84 8.82 -46.12
N SER E 91 -11.60 9.85 -46.47
CA SER E 91 -11.33 10.64 -47.68
C SER E 91 -10.20 11.63 -47.43
N GLU E 92 -10.01 12.57 -48.36
CA GLU E 92 -8.86 13.47 -48.26
C GLU E 92 -9.13 14.64 -47.34
N GLY E 93 -10.27 15.31 -47.52
CA GLY E 93 -10.50 16.56 -46.81
C GLY E 93 -10.74 16.39 -45.32
N THR E 94 -11.23 15.22 -44.91
CA THR E 94 -11.47 14.95 -43.50
C THR E 94 -10.15 14.79 -42.77
N GLY E 95 -9.96 15.57 -41.69
CA GLY E 95 -8.76 15.46 -40.88
C GLY E 95 -8.78 14.26 -39.98
N ILE E 96 -8.10 14.35 -38.86
CA ILE E 96 -8.18 13.31 -37.85
C ILE E 96 -9.26 13.69 -36.85
N ILE E 97 -10.16 12.74 -36.60
CA ILE E 97 -11.23 12.93 -35.63
C ILE E 97 -11.21 11.73 -34.69
N ALA E 98 -10.58 11.90 -33.54
CA ALA E 98 -10.43 10.85 -32.55
C ALA E 98 -10.27 11.50 -31.20
N GLY E 99 -10.25 10.68 -30.15
CA GLY E 99 -10.41 11.24 -28.83
C GLY E 99 -9.17 11.29 -27.97
N GLY E 100 -8.60 12.48 -27.83
CA GLY E 100 -7.64 12.74 -26.79
C GLY E 100 -6.29 12.07 -26.96
N ALA E 101 -6.27 10.74 -26.83
CA ALA E 101 -5.04 9.98 -26.81
C ALA E 101 -4.79 9.19 -28.08
N MET E 102 -5.78 9.02 -28.95
CA MET E 102 -5.50 8.51 -30.27
C MET E 102 -5.23 9.61 -31.27
N ARG E 103 -5.41 10.88 -30.90
CA ARG E 103 -4.91 11.91 -31.79
C ARG E 103 -3.41 12.01 -31.71
N ALA E 104 -2.86 11.84 -30.51
CA ALA E 104 -1.44 12.05 -30.32
C ALA E 104 -0.62 10.93 -30.92
N VAL E 105 -1.17 9.72 -31.00
CA VAL E 105 -0.50 8.68 -31.76
C VAL E 105 -0.60 8.98 -33.25
N LEU E 106 -1.79 9.30 -33.71
CA LEU E 106 -2.04 9.43 -35.14
C LEU E 106 -1.64 10.78 -35.70
N GLU E 107 -1.15 11.71 -34.89
CA GLU E 107 -0.47 12.86 -35.47
C GLU E 107 0.95 12.51 -35.87
N VAL E 108 1.74 12.01 -34.91
CA VAL E 108 3.17 11.87 -35.12
C VAL E 108 3.50 10.71 -36.03
N ALA E 109 2.56 9.81 -36.30
CA ALA E 109 2.79 8.82 -37.32
C ALA E 109 2.75 9.41 -38.72
N GLY E 110 2.08 10.54 -38.89
CA GLY E 110 1.98 11.19 -40.18
C GLY E 110 0.67 10.96 -40.90
N VAL E 111 -0.21 10.15 -40.36
CA VAL E 111 -1.50 9.91 -41.00
C VAL E 111 -2.42 11.08 -40.74
N GLN E 112 -3.40 11.25 -41.63
CA GLN E 112 -4.23 12.44 -41.64
C GLN E 112 -5.72 12.16 -41.76
N ASN E 113 -6.13 10.91 -42.00
CA ASN E 113 -7.47 10.61 -42.49
C ASN E 113 -8.05 9.39 -41.75
N VAL E 114 -8.00 9.38 -40.43
CA VAL E 114 -8.00 8.10 -39.71
C VAL E 114 -9.39 7.64 -39.28
N LEU E 115 -10.30 8.53 -38.88
CA LEU E 115 -11.71 8.24 -38.59
C LEU E 115 -11.89 7.12 -37.54
N ALA E 116 -11.46 7.40 -36.32
CA ALA E 116 -11.37 6.38 -35.30
C ALA E 116 -12.41 6.59 -34.20
N LYS E 117 -12.47 5.63 -33.28
CA LYS E 117 -13.34 5.66 -32.11
C LYS E 117 -12.89 4.57 -31.16
N CYS E 118 -12.91 4.84 -29.85
CA CYS E 118 -12.59 3.84 -28.86
C CYS E 118 -13.78 3.54 -27.97
N TYR E 119 -13.97 2.26 -27.68
CA TYR E 119 -15.05 1.77 -26.83
C TYR E 119 -14.46 1.32 -25.51
N GLY E 120 -15.31 0.76 -24.66
CA GLY E 120 -14.83 0.14 -23.44
C GLY E 120 -14.34 1.19 -22.45
N SER E 121 -13.30 0.83 -21.71
CA SER E 121 -12.72 1.75 -20.75
C SER E 121 -11.76 2.69 -21.45
N THR E 122 -11.96 3.99 -21.27
CA THR E 122 -11.03 4.97 -21.81
C THR E 122 -9.93 5.16 -20.79
N ASN E 123 -8.79 4.54 -21.03
CA ASN E 123 -7.59 4.72 -20.22
C ASN E 123 -6.50 5.23 -21.14
N PRO E 124 -6.01 6.46 -20.96
CA PRO E 124 -5.00 6.98 -21.89
C PRO E 124 -3.67 6.27 -21.83
N VAL E 125 -3.35 5.56 -20.75
CA VAL E 125 -2.15 4.75 -20.72
C VAL E 125 -2.38 3.36 -21.28
N ASN E 126 -3.61 3.05 -21.66
CA ASN E 126 -3.96 1.71 -22.07
C ASN E 126 -4.70 1.67 -23.39
N VAL E 127 -5.17 2.82 -23.89
CA VAL E 127 -5.68 2.86 -25.24
C VAL E 127 -4.53 2.93 -26.24
N VAL E 128 -3.33 3.25 -25.77
CA VAL E 128 -2.16 3.31 -26.64
C VAL E 128 -1.69 1.92 -27.01
N TYR E 129 -1.72 0.98 -26.06
CA TYR E 129 -1.48 -0.43 -26.37
C TYR E 129 -2.50 -0.96 -27.36
N ALA E 130 -3.75 -0.54 -27.20
CA ALA E 130 -4.81 -0.94 -28.12
C ALA E 130 -4.61 -0.37 -29.51
N THR E 131 -3.88 0.73 -29.63
CA THR E 131 -3.59 1.28 -30.93
C THR E 131 -2.36 0.62 -31.56
N PHE E 132 -1.32 0.36 -30.76
CA PHE E 132 -0.09 -0.17 -31.32
C PHE E 132 -0.13 -1.66 -31.59
N LYS E 133 -1.09 -2.41 -31.06
CA LYS E 133 -1.30 -3.73 -31.64
C LYS E 133 -1.89 -3.62 -33.02
N GLY E 134 -2.67 -2.57 -33.27
CA GLY E 134 -3.30 -2.42 -34.57
C GLY E 134 -2.31 -2.01 -35.64
N LEU E 135 -1.51 -0.98 -35.37
CA LEU E 135 -0.67 -0.42 -36.41
C LEU E 135 0.56 -1.28 -36.69
N LYS E 136 1.11 -1.93 -35.67
CA LYS E 136 2.30 -2.74 -35.84
C LYS E 136 1.99 -4.07 -36.54
N ASN E 137 0.72 -4.41 -36.72
CA ASN E 137 0.34 -5.62 -37.42
C ASN E 137 -0.38 -5.34 -38.75
N MET E 138 0.01 -4.27 -39.44
CA MET E 138 -0.46 -4.01 -40.78
C MET E 138 0.29 -4.87 -41.79
N GLN E 139 -0.18 -4.83 -43.05
CA GLN E 139 0.33 -5.75 -44.05
C GLN E 139 1.00 -5.06 -45.24
N ALA E 140 0.37 -3.99 -45.80
CA ALA E 140 0.86 -3.21 -46.93
C ALA E 140 1.15 -4.10 -48.13
N PRO E 141 0.13 -4.48 -48.90
CA PRO E 141 0.19 -5.67 -49.77
C PRO E 141 1.27 -5.60 -50.84
N GLU E 142 2.18 -6.56 -50.79
CA GLU E 142 3.28 -6.61 -51.74
C GLU E 142 2.90 -7.51 -52.91
N ALA E 143 1.80 -7.15 -53.56
CA ALA E 143 1.11 -8.01 -54.52
C ALA E 143 1.05 -7.37 -55.90
N VAL E 144 0.68 -8.20 -56.88
CA VAL E 144 0.55 -7.73 -58.25
C VAL E 144 -0.71 -6.92 -58.47
N ALA E 145 -1.73 -7.11 -57.64
CA ALA E 145 -2.97 -6.37 -57.72
C ALA E 145 -3.64 -6.43 -56.35
N ALA E 146 -4.90 -6.05 -56.29
CA ALA E 146 -5.73 -6.26 -55.11
C ALA E 146 -6.92 -7.16 -55.40
N LYS E 147 -7.72 -6.83 -56.41
CA LYS E 147 -8.82 -7.69 -56.85
C LYS E 147 -8.31 -8.96 -57.51
N ARG E 148 -7.08 -8.94 -58.03
CA ARG E 148 -6.40 -10.15 -58.46
C ARG E 148 -5.37 -10.62 -57.45
N GLY E 149 -4.85 -9.72 -56.62
CA GLY E 149 -3.70 -10.02 -55.80
C GLY E 149 -3.94 -10.94 -54.63
N LYS E 150 -4.25 -12.20 -54.92
CA LYS E 150 -4.21 -13.28 -53.95
C LYS E 150 -3.58 -14.52 -54.63
N SER E 151 -2.42 -14.31 -55.22
CA SER E 151 -1.55 -15.44 -55.56
C SER E 151 -0.09 -15.17 -55.30
N VAL E 152 0.30 -13.92 -55.08
CA VAL E 152 1.69 -13.56 -54.77
C VAL E 152 1.84 -12.92 -53.39
N GLU E 153 0.75 -12.45 -52.77
CA GLU E 153 0.81 -11.90 -51.42
C GLU E 153 0.57 -12.95 -50.34
N GLU E 154 -0.27 -13.96 -50.62
CA GLU E 154 -0.48 -15.02 -49.64
C GLU E 154 0.78 -15.87 -49.46
N ILE E 155 1.59 -16.01 -50.51
CA ILE E 155 2.91 -16.61 -50.33
C ILE E 155 3.90 -15.65 -49.72
N LEU E 156 3.51 -14.41 -49.50
CA LEU E 156 4.25 -13.51 -48.64
C LEU E 156 3.53 -13.46 -47.31
N ARG F 1 -29.91 -70.88 -4.98
CA ARG F 1 -29.09 -72.04 -5.31
C ARG F 1 -27.71 -71.89 -4.69
N HIS F 2 -27.03 -73.02 -4.48
CA HIS F 2 -25.61 -73.08 -4.12
C HIS F 2 -25.30 -72.37 -2.81
N TYR F 3 -25.93 -72.84 -1.74
CA TYR F 3 -25.74 -72.23 -0.44
C TYR F 3 -24.62 -72.92 0.32
N GLU F 4 -24.17 -72.29 1.41
CA GLU F 4 -23.03 -72.78 2.19
C GLU F 4 -23.32 -72.71 3.68
N ILE F 5 -24.43 -73.34 4.10
CA ILE F 5 -24.92 -73.29 5.48
C ILE F 5 -23.88 -73.82 6.45
N VAL F 6 -23.45 -72.96 7.37
CA VAL F 6 -22.54 -73.35 8.45
C VAL F 6 -23.23 -73.06 9.77
N PHE F 7 -23.26 -74.05 10.65
CA PHE F 7 -23.94 -73.89 11.93
C PHE F 7 -23.20 -74.70 12.98
N LEU F 8 -23.19 -74.18 14.19
CA LEU F 8 -22.55 -74.84 15.31
C LEU F 8 -23.58 -75.19 16.37
N VAL F 9 -23.33 -76.31 17.05
CA VAL F 9 -24.29 -76.83 18.02
C VAL F 9 -23.71 -76.76 19.43
N HIS F 10 -24.53 -77.13 20.40
CA HIS F 10 -24.13 -77.10 21.79
C HIS F 10 -23.11 -78.21 22.04
N PRO F 11 -22.16 -78.02 22.97
CA PRO F 11 -21.21 -79.09 23.27
C PRO F 11 -21.84 -80.31 23.92
N ASP F 12 -22.99 -80.17 24.56
CA ASP F 12 -23.65 -81.31 25.18
C ASP F 12 -24.51 -82.07 24.19
N GLN F 13 -24.67 -81.58 22.97
CA GLN F 13 -25.45 -82.26 21.95
C GLN F 13 -24.58 -82.82 20.84
N SER F 14 -23.26 -82.77 21.02
CA SER F 14 -22.34 -83.25 19.98
C SER F 14 -22.39 -84.77 19.85
N GLU F 15 -22.91 -85.46 20.86
CA GLU F 15 -23.12 -86.89 20.75
C GLU F 15 -24.30 -87.18 19.82
N GLN F 16 -25.37 -86.40 19.95
CA GLN F 16 -26.61 -86.62 19.23
C GLN F 16 -26.58 -86.08 17.80
N VAL F 17 -25.48 -85.45 17.39
CA VAL F 17 -25.49 -84.68 16.15
C VAL F 17 -25.46 -85.58 14.92
N GLY F 18 -25.12 -86.85 15.08
CA GLY F 18 -25.07 -87.75 13.93
C GLY F 18 -26.44 -88.00 13.34
N GLY F 19 -27.45 -88.18 14.19
CA GLY F 19 -28.81 -88.21 13.69
C GLY F 19 -29.32 -86.86 13.25
N MET F 20 -28.73 -85.78 13.78
CA MET F 20 -29.15 -84.44 13.41
C MET F 20 -28.72 -84.07 12.00
N VAL F 21 -27.72 -84.76 11.45
CA VAL F 21 -27.29 -84.50 10.08
C VAL F 21 -28.36 -84.93 9.09
N GLU F 22 -28.73 -86.22 9.15
CA GLU F 22 -29.64 -86.76 8.15
C GLU F 22 -31.06 -86.30 8.38
N ARG F 23 -31.41 -85.93 9.62
CA ARG F 23 -32.72 -85.38 9.91
C ARG F 23 -32.98 -84.07 9.17
N TYR F 24 -31.93 -83.30 8.91
CA TYR F 24 -32.06 -82.08 8.14
C TYR F 24 -31.93 -82.33 6.65
N THR F 25 -30.98 -83.16 6.24
CA THR F 25 -30.67 -83.32 4.82
C THR F 25 -31.65 -84.22 4.08
N LYS F 26 -32.43 -85.02 4.80
CA LYS F 26 -33.47 -85.81 4.15
C LYS F 26 -34.58 -84.91 3.60
N ALA F 27 -34.89 -83.84 4.33
CA ALA F 27 -35.91 -82.91 3.86
C ALA F 27 -35.43 -82.09 2.67
N ILE F 28 -34.12 -81.89 2.55
CA ILE F 28 -33.58 -81.22 1.38
C ILE F 28 -33.74 -82.09 0.15
N GLU F 29 -33.54 -83.40 0.31
CA GLU F 29 -33.73 -84.34 -0.78
C GLU F 29 -35.20 -84.46 -1.19
N GLU F 30 -36.11 -84.16 -0.27
CA GLU F 30 -37.52 -84.05 -0.62
C GLU F 30 -37.76 -82.88 -1.56
N ASP F 31 -37.00 -81.80 -1.37
CA ASP F 31 -37.12 -80.64 -2.25
C ASP F 31 -36.53 -80.93 -3.63
N GLY F 32 -35.41 -81.65 -3.67
CA GLY F 32 -34.73 -81.90 -4.92
C GLY F 32 -33.34 -81.30 -4.95
N GLY F 33 -32.72 -81.20 -3.78
CA GLY F 33 -31.40 -80.61 -3.67
C GLY F 33 -30.33 -81.57 -3.20
N LYS F 34 -29.38 -81.85 -4.08
CA LYS F 34 -28.24 -82.66 -3.72
C LYS F 34 -27.29 -81.87 -2.81
N ILE F 35 -26.45 -82.61 -2.08
CA ILE F 35 -25.53 -82.05 -1.11
C ILE F 35 -24.13 -82.43 -1.52
N HIS F 36 -23.25 -81.44 -1.60
CA HIS F 36 -21.94 -81.63 -2.22
C HIS F 36 -20.80 -81.78 -1.23
N ARG F 37 -20.93 -81.30 -0.01
CA ARG F 37 -20.02 -81.73 1.04
C ARG F 37 -20.78 -81.77 2.36
N LEU F 38 -20.20 -82.52 3.30
CA LEU F 38 -20.71 -82.60 4.67
C LEU F 38 -19.50 -82.85 5.57
N GLU F 39 -18.98 -81.79 6.16
CA GLU F 39 -17.82 -81.92 7.01
C GLU F 39 -18.18 -81.63 8.46
N ASP F 40 -17.49 -82.31 9.36
CA ASP F 40 -17.70 -82.15 10.80
C ASP F 40 -16.34 -81.79 11.39
N TRP F 41 -16.16 -80.53 11.74
CA TRP F 41 -14.85 -80.07 12.16
C TRP F 41 -14.51 -80.53 13.57
N GLY F 42 -15.52 -80.76 14.38
CA GLY F 42 -15.32 -81.36 15.68
C GLY F 42 -15.43 -80.36 16.81
N ARG F 43 -14.95 -80.78 17.97
CA ARG F 43 -15.07 -80.02 19.20
C ARG F 43 -13.87 -79.09 19.33
N ARG F 44 -14.11 -77.78 19.27
CA ARG F 44 -13.04 -76.81 19.44
C ARG F 44 -13.46 -75.76 20.44
N GLN F 45 -12.48 -74.94 20.86
CA GLN F 45 -12.70 -73.89 21.83
C GLN F 45 -12.97 -72.59 21.12
N LEU F 46 -13.95 -71.84 21.61
CA LEU F 46 -14.33 -70.58 21.01
C LEU F 46 -13.31 -69.50 21.35
N ALA F 47 -13.52 -68.32 20.76
CA ALA F 47 -12.73 -67.15 21.13
C ALA F 47 -13.34 -66.37 22.28
N TYR F 48 -14.63 -66.57 22.54
CA TYR F 48 -15.33 -65.85 23.60
C TYR F 48 -16.58 -66.63 23.98
N ALA F 49 -17.34 -66.08 24.91
CA ALA F 49 -18.48 -66.77 25.50
C ALA F 49 -19.75 -66.52 24.70
N ILE F 50 -20.40 -67.61 24.29
CA ILE F 50 -21.70 -67.55 23.63
C ILE F 50 -22.66 -68.31 24.52
N ASN F 51 -23.49 -67.58 25.28
CA ASN F 51 -24.38 -68.13 26.32
C ASN F 51 -23.59 -68.97 27.33
N ASN F 52 -22.40 -68.47 27.68
CA ASN F 52 -21.58 -68.96 28.78
C ASN F 52 -21.11 -70.40 28.56
N VAL F 53 -20.77 -70.73 27.32
CA VAL F 53 -20.09 -71.98 27.02
C VAL F 53 -18.74 -71.63 26.39
N HIS F 54 -17.91 -72.64 26.22
CA HIS F 54 -16.61 -72.42 25.59
C HIS F 54 -16.23 -73.44 24.55
N LYS F 55 -16.79 -74.64 24.56
CA LYS F 55 -16.63 -75.58 23.46
C LYS F 55 -17.82 -75.48 22.53
N ALA F 56 -17.68 -76.11 21.36
CA ALA F 56 -18.75 -76.17 20.40
C ALA F 56 -18.56 -77.43 19.57
N HIS F 57 -19.29 -77.53 18.47
CA HIS F 57 -19.08 -78.63 17.52
C HIS F 57 -19.49 -78.11 16.15
N TYR F 58 -18.50 -77.74 15.34
CA TYR F 58 -18.75 -77.09 14.06
C TYR F 58 -19.20 -78.08 13.01
N VAL F 59 -20.18 -77.67 12.21
CA VAL F 59 -20.73 -78.50 11.15
C VAL F 59 -20.67 -77.70 9.85
N LEU F 60 -19.81 -78.11 8.94
CA LEU F 60 -19.73 -77.49 7.63
C LEU F 60 -20.59 -78.27 6.64
N MET F 61 -21.28 -77.56 5.77
CA MET F 61 -22.24 -78.19 4.88
C MET F 61 -22.50 -77.28 3.70
N ASN F 62 -22.51 -77.84 2.49
CA ASN F 62 -22.82 -77.06 1.30
C ASN F 62 -23.97 -77.71 0.55
N VAL F 63 -25.03 -76.94 0.35
CA VAL F 63 -26.31 -77.42 -0.16
C VAL F 63 -26.62 -76.66 -1.43
N GLU F 64 -27.22 -77.33 -2.42
CA GLU F 64 -27.71 -76.67 -3.63
C GLU F 64 -29.18 -77.00 -3.79
N CYS F 65 -30.04 -76.24 -3.13
CA CYS F 65 -31.47 -76.51 -3.11
C CYS F 65 -32.23 -75.33 -3.71
N SER F 66 -33.54 -75.49 -3.84
CA SER F 66 -34.39 -74.44 -4.34
C SER F 66 -34.89 -73.60 -3.16
N ALA F 67 -35.89 -72.75 -3.41
CA ALA F 67 -36.32 -71.75 -2.44
C ALA F 67 -37.15 -72.31 -1.29
N LYS F 68 -37.57 -73.57 -1.37
CA LYS F 68 -38.37 -74.12 -0.27
C LYS F 68 -37.50 -74.75 0.80
N ALA F 69 -36.47 -75.50 0.43
CA ALA F 69 -35.59 -76.10 1.42
C ALA F 69 -34.73 -75.07 2.13
N LEU F 70 -34.50 -73.92 1.50
CA LEU F 70 -33.89 -72.80 2.22
C LEU F 70 -34.84 -72.28 3.30
N ALA F 71 -36.14 -72.29 3.03
CA ALA F 71 -37.12 -71.88 4.03
C ALA F 71 -37.25 -72.92 5.15
N GLU F 72 -36.81 -74.15 4.91
CA GLU F 72 -36.83 -75.16 5.96
C GLU F 72 -35.76 -74.87 7.01
N LEU F 73 -34.49 -74.89 6.59
CA LEU F 73 -33.38 -74.77 7.53
C LEU F 73 -33.22 -73.37 8.08
N GLU F 74 -33.86 -72.38 7.46
CA GLU F 74 -33.89 -71.06 8.08
C GLU F 74 -34.71 -71.08 9.35
N ASP F 75 -35.77 -71.89 9.38
CA ASP F 75 -36.67 -71.95 10.52
C ASP F 75 -36.24 -72.97 11.57
N ASN F 76 -35.65 -74.10 11.14
CA ASN F 76 -35.35 -75.16 12.08
C ASN F 76 -34.21 -74.78 13.01
N PHE F 77 -33.27 -73.97 12.54
CA PHE F 77 -32.20 -73.51 13.41
C PHE F 77 -32.71 -72.53 14.45
N ARG F 78 -33.73 -71.75 14.09
CA ARG F 78 -34.32 -70.84 15.06
C ARG F 78 -35.11 -71.60 16.11
N TYR F 79 -35.70 -72.72 15.74
CA TYR F 79 -36.47 -73.54 16.68
C TYR F 79 -35.64 -74.68 17.24
N ASN F 80 -34.46 -74.37 17.77
CA ASN F 80 -33.63 -75.39 18.40
C ASN F 80 -32.86 -74.76 19.55
N ASP F 81 -32.43 -75.61 20.47
CA ASP F 81 -31.55 -75.23 21.55
C ASP F 81 -30.17 -75.86 21.44
N ALA F 82 -30.02 -76.88 20.59
CA ALA F 82 -28.70 -77.41 20.30
C ALA F 82 -27.88 -76.40 19.50
N VAL F 83 -28.41 -75.97 18.36
CA VAL F 83 -27.74 -75.00 17.52
C VAL F 83 -27.78 -73.64 18.19
N ILE F 84 -26.62 -73.00 18.30
CA ILE F 84 -26.50 -71.74 19.01
C ILE F 84 -26.14 -70.58 18.08
N ARG F 85 -25.51 -70.83 16.94
CA ARG F 85 -25.32 -69.83 15.89
C ARG F 85 -25.47 -70.53 14.55
N ASN F 86 -25.78 -69.74 13.54
CA ASN F 86 -25.74 -70.25 12.17
C ASN F 86 -25.33 -69.13 11.24
N LEU F 87 -25.11 -69.49 9.98
CA LEU F 87 -24.75 -68.52 8.96
C LEU F 87 -25.08 -69.14 7.62
N VAL F 88 -26.05 -68.60 6.95
CA VAL F 88 -26.35 -69.03 5.59
C VAL F 88 -25.60 -68.11 4.63
N MET F 89 -25.02 -68.70 3.60
CA MET F 89 -24.21 -67.97 2.64
C MET F 89 -24.77 -68.20 1.24
N ARG F 90 -24.09 -67.63 0.26
CA ARG F 90 -24.42 -67.87 -1.15
C ARG F 90 -23.16 -67.67 -1.96
N ARG F 91 -22.76 -68.70 -2.70
CA ARG F 91 -21.79 -68.52 -3.76
C ARG F 91 -22.46 -68.84 -5.09
N ASP F 92 -21.97 -68.25 -6.16
CA ASP F 92 -22.46 -68.57 -7.50
C ASP F 92 -21.50 -69.52 -8.21
N GLU F 93 -21.32 -70.70 -7.63
CA GLU F 93 -20.39 -71.68 -8.17
C GLU F 93 -20.75 -73.04 -7.59
N ALA F 94 -19.91 -74.04 -7.88
CA ALA F 94 -20.07 -75.38 -7.34
C ALA F 94 -19.09 -75.60 -6.20
N VAL F 95 -19.07 -76.82 -5.68
CA VAL F 95 -18.37 -77.17 -4.46
C VAL F 95 -17.48 -78.38 -4.69
N THR F 96 -16.21 -78.25 -4.35
CA THR F 96 -15.30 -79.38 -4.19
C THR F 96 -15.18 -79.74 -2.72
N GLU F 97 -14.70 -80.95 -2.47
CA GLU F 97 -14.67 -81.46 -1.11
C GLU F 97 -13.28 -81.29 -0.49
N GLN F 98 -13.22 -81.55 0.82
CA GLN F 98 -12.00 -81.67 1.63
C GLN F 98 -11.15 -80.40 1.57
N SER F 99 -11.72 -79.34 2.17
CA SER F 99 -11.05 -78.04 2.13
C SER F 99 -9.83 -77.99 3.02
N GLU F 100 -10.03 -78.05 4.34
CA GLU F 100 -8.96 -77.68 5.26
C GLU F 100 -8.76 -78.58 6.48
N MET F 101 -9.63 -79.54 6.75
CA MET F 101 -9.45 -80.34 7.96
C MET F 101 -8.28 -81.29 7.84
N LEU F 102 -7.82 -81.57 6.62
CA LEU F 102 -6.50 -82.14 6.42
C LEU F 102 -5.44 -81.21 6.97
N LYS F 103 -5.52 -79.94 6.60
CA LYS F 103 -4.51 -78.97 6.98
C LYS F 103 -4.70 -78.48 8.40
N ALA F 104 -5.93 -78.53 8.91
CA ALA F 104 -6.17 -78.18 10.30
C ALA F 104 -5.82 -79.34 11.23
N GLU F 105 -5.89 -80.57 10.72
CA GLU F 105 -5.71 -81.82 11.49
C GLU F 105 -6.62 -81.88 12.73
N ARG G 1 19.08 -10.40 26.49
CA ARG G 1 19.95 -10.57 27.64
C ARG G 1 21.14 -11.43 27.25
N ARG G 2 22.14 -10.81 26.64
CA ARG G 2 23.39 -11.51 26.40
C ARG G 2 24.08 -11.74 27.74
N ARG G 3 24.66 -12.93 27.90
CA ARG G 3 25.29 -13.23 29.18
C ARG G 3 26.61 -12.49 29.27
N VAL G 4 26.76 -11.70 30.34
CA VAL G 4 27.85 -10.74 30.49
C VAL G 4 28.62 -10.98 31.78
N ALA G 5 27.91 -11.23 32.88
CA ALA G 5 28.39 -11.05 34.25
C ALA G 5 29.61 -11.89 34.61
N ALA G 6 30.74 -11.21 34.78
CA ALA G 6 31.98 -11.83 35.24
C ALA G 6 31.98 -11.83 36.77
N LYS G 7 33.14 -12.11 37.37
CA LYS G 7 33.23 -12.30 38.81
C LYS G 7 34.27 -11.37 39.41
N ARG G 8 33.87 -10.64 40.45
CA ARG G 8 34.76 -9.83 41.27
C ARG G 8 34.87 -10.46 42.64
N GLU G 9 36.05 -10.33 43.25
CA GLU G 9 36.40 -11.10 44.44
C GLU G 9 36.87 -10.18 45.56
N VAL G 10 36.36 -10.42 46.76
CA VAL G 10 36.85 -9.76 47.97
C VAL G 10 37.21 -10.82 49.00
N LEU G 11 38.49 -10.88 49.39
CA LEU G 11 38.99 -11.87 50.35
C LEU G 11 40.13 -11.21 51.13
N ALA G 12 39.78 -10.64 52.29
CA ALA G 12 40.78 -9.96 53.11
C ALA G 12 40.32 -9.94 54.56
N ASP G 13 41.08 -10.58 55.43
CA ASP G 13 40.84 -10.54 56.88
C ASP G 13 42.16 -10.80 57.60
N PRO G 14 43.01 -9.79 57.74
CA PRO G 14 44.37 -10.05 58.23
C PRO G 14 44.43 -10.26 59.74
N LYS G 15 43.58 -9.58 60.51
CA LYS G 15 43.66 -9.68 61.96
C LYS G 15 43.08 -10.97 62.51
N TYR G 16 42.49 -11.81 61.68
CA TYR G 16 42.00 -13.10 62.19
C TYR G 16 42.43 -14.24 61.29
N GLY G 17 42.66 -13.95 60.01
CA GLY G 17 43.01 -15.00 59.07
C GLY G 17 41.81 -15.83 58.66
N SER G 18 40.84 -15.20 57.99
CA SER G 18 39.62 -15.87 57.56
C SER G 18 39.21 -15.40 56.17
N GLN G 19 38.24 -16.10 55.60
CA GLN G 19 37.71 -15.75 54.28
C GLN G 19 36.19 -15.62 54.26
N ILE G 20 35.48 -16.48 55.01
CA ILE G 20 34.04 -16.41 55.07
C ILE G 20 33.61 -15.18 55.86
N LEU G 21 34.41 -14.80 56.85
CA LEU G 21 34.07 -13.68 57.72
C LEU G 21 34.15 -12.35 56.98
N ALA G 22 35.04 -12.25 55.99
CA ALA G 22 35.16 -11.01 55.24
C ALA G 22 33.96 -10.76 54.36
N LYS G 23 33.46 -11.82 53.71
CA LYS G 23 32.24 -11.72 52.93
C LYS G 23 31.03 -11.48 53.83
N PHE G 24 31.04 -12.03 55.04
CA PHE G 24 29.98 -11.73 56.00
C PHE G 24 30.06 -10.30 56.49
N MET G 25 31.28 -9.74 56.54
CA MET G 25 31.43 -8.36 57.01
C MET G 25 30.78 -7.38 56.05
N ASN G 26 30.77 -7.70 54.76
CA ASN G 26 30.15 -6.83 53.77
C ASN G 26 28.63 -6.79 53.89
N HIS G 27 28.01 -7.81 54.48
CA HIS G 27 26.56 -7.76 54.65
C HIS G 27 26.16 -6.98 55.89
N VAL G 28 27.11 -6.53 56.70
CA VAL G 28 26.81 -5.73 57.86
C VAL G 28 27.05 -4.25 57.60
N MET G 29 27.95 -3.91 56.67
CA MET G 29 28.32 -2.53 56.39
C MET G 29 27.16 -1.76 55.77
N GLU G 30 26.92 -0.56 56.29
CA GLU G 30 25.91 0.35 55.76
C GLU G 30 26.63 1.60 55.27
N SER G 31 26.43 1.94 53.99
CA SER G 31 26.89 3.18 53.38
C SER G 31 28.41 3.35 53.44
N GLY G 32 29.15 2.24 53.37
CA GLY G 32 30.59 2.33 53.38
C GLY G 32 31.22 2.48 54.74
N LYS G 33 30.45 2.40 55.83
CA LYS G 33 30.99 2.43 57.18
C LYS G 33 31.66 1.09 57.47
N LYS G 34 32.87 0.91 56.95
CA LYS G 34 33.51 -0.39 57.11
C LYS G 34 34.19 -0.52 58.46
N ALA G 35 34.90 0.53 58.90
CA ALA G 35 35.61 0.46 60.17
C ALA G 35 34.67 0.40 61.36
N VAL G 36 33.47 0.96 61.22
CA VAL G 36 32.45 0.81 62.25
C VAL G 36 31.97 -0.63 62.31
N ALA G 37 31.67 -1.20 61.15
CA ALA G 37 31.13 -2.56 61.10
C ALA G 37 32.19 -3.61 61.38
N GLU G 38 33.47 -3.28 61.21
CA GLU G 38 34.54 -4.23 61.49
C GLU G 38 34.67 -4.52 62.98
N ARG G 39 34.56 -3.50 63.81
CA ARG G 39 34.70 -3.70 65.25
C ARG G 39 33.43 -4.22 65.90
N ILE G 40 32.31 -4.23 65.19
CA ILE G 40 31.10 -4.83 65.74
C ILE G 40 31.09 -6.33 65.46
N VAL G 41 31.58 -6.74 64.30
CA VAL G 41 31.69 -8.17 63.99
C VAL G 41 32.73 -8.83 64.88
N TYR G 42 33.88 -8.18 65.08
CA TYR G 42 34.78 -8.65 66.13
C TYR G 42 34.20 -8.43 67.51
N GLY G 43 33.33 -7.43 67.67
CA GLY G 43 32.71 -7.19 68.96
C GLY G 43 31.71 -8.27 69.33
N ALA G 44 31.08 -8.89 68.35
CA ALA G 44 30.23 -10.04 68.59
C ALA G 44 30.97 -11.35 68.39
N LEU G 45 32.25 -11.31 68.07
CA LEU G 45 33.05 -12.52 67.95
C LEU G 45 33.69 -12.89 69.28
N ASP G 46 34.20 -11.91 70.00
CA ASP G 46 34.87 -12.16 71.28
C ASP G 46 33.91 -12.49 72.40
N LYS G 47 32.65 -12.05 72.29
CA LYS G 47 31.64 -12.42 73.29
C LYS G 47 31.32 -13.91 73.21
N VAL G 48 31.49 -14.52 72.04
CA VAL G 48 31.31 -15.96 71.91
C VAL G 48 32.48 -16.70 72.54
N LYS G 49 33.71 -16.21 72.29
CA LYS G 49 34.88 -16.73 72.98
C LYS G 49 34.81 -16.46 74.48
N GLU G 50 34.17 -15.36 74.86
CA GLU G 50 33.84 -15.15 76.27
C GLU G 50 32.82 -16.17 76.74
N ARG G 51 31.88 -16.55 75.86
CA ARG G 51 30.81 -17.47 76.25
C ARG G 51 31.26 -18.92 76.13
N GLY G 52 31.73 -19.31 74.96
CA GLY G 52 32.16 -20.69 74.70
C GLY G 52 33.66 -20.76 74.56
N LYS G 53 34.25 -21.84 75.09
CA LYS G 53 35.68 -22.04 75.02
C LYS G 53 36.19 -22.38 73.62
N ALA G 54 35.31 -22.88 72.76
CA ALA G 54 35.71 -23.23 71.40
C ALA G 54 36.03 -21.96 70.61
N ASP G 55 36.82 -22.14 69.55
CA ASP G 55 37.14 -21.05 68.64
C ASP G 55 35.88 -20.55 67.97
N PRO G 56 35.54 -19.27 68.08
CA PRO G 56 34.20 -18.82 67.65
C PRO G 56 34.01 -18.79 66.15
N LEU G 57 35.04 -19.08 65.37
CA LEU G 57 34.83 -19.34 63.95
C LEU G 57 33.97 -20.58 63.75
N GLU G 58 34.21 -21.62 64.55
CA GLU G 58 33.48 -22.87 64.36
C GLU G 58 32.05 -22.75 64.85
N THR G 59 31.81 -21.88 65.84
CA THR G 59 30.45 -21.51 66.18
C THR G 59 29.76 -20.83 65.01
N PHE G 60 30.48 -19.93 64.35
CA PHE G 60 29.98 -19.31 63.12
C PHE G 60 29.91 -20.32 61.97
N GLU G 61 30.82 -21.29 61.94
CA GLU G 61 30.75 -22.35 60.94
C GLU G 61 29.54 -23.25 61.15
N LYS G 62 29.14 -23.45 62.40
CA LYS G 62 27.97 -24.27 62.66
C LYS G 62 26.68 -23.47 62.49
N ALA G 63 26.71 -22.18 62.82
CA ALA G 63 25.52 -21.36 62.77
C ALA G 63 25.08 -21.04 61.34
N LEU G 64 25.99 -21.11 60.37
CA LEU G 64 25.57 -20.97 58.98
C LEU G 64 24.72 -22.15 58.54
N ASP G 65 25.18 -23.35 58.85
CA ASP G 65 24.60 -24.57 58.29
C ASP G 65 23.37 -25.05 59.05
N ALA G 66 22.82 -24.24 59.95
CA ALA G 66 21.50 -24.46 60.49
C ALA G 66 20.57 -23.30 60.18
N ILE G 67 21.01 -22.36 59.33
CA ILE G 67 20.16 -21.29 58.83
C ILE G 67 20.08 -21.46 57.32
N ALA G 68 21.13 -22.02 56.73
CA ALA G 68 21.18 -22.22 55.28
C ALA G 68 20.19 -23.28 54.83
N PRO G 69 19.25 -22.95 53.93
CA PRO G 69 18.24 -23.93 53.51
C PRO G 69 18.68 -24.80 52.35
N LEU G 70 17.79 -25.68 51.90
CA LEU G 70 18.06 -26.63 50.83
C LEU G 70 17.21 -26.39 49.59
N VAL G 71 15.89 -26.30 49.73
CA VAL G 71 15.00 -26.05 48.61
C VAL G 71 14.08 -24.88 48.96
N GLU G 72 13.56 -24.25 47.92
CA GLU G 72 12.73 -23.08 48.09
C GLU G 72 11.85 -22.91 46.86
N VAL G 73 10.80 -22.10 47.01
CA VAL G 73 9.81 -21.94 45.96
C VAL G 73 10.29 -20.95 44.91
N LYS G 74 9.58 -20.92 43.77
CA LYS G 74 9.91 -20.02 42.67
C LYS G 74 8.62 -19.81 41.88
N SER G 75 7.99 -18.66 42.07
CA SER G 75 6.67 -18.39 41.50
C SER G 75 6.83 -18.09 40.01
N ARG G 76 6.93 -19.14 39.20
CA ARG G 76 6.93 -18.99 37.75
C ARG G 76 5.50 -19.19 37.24
N ARG G 77 4.90 -18.11 36.77
CA ARG G 77 3.51 -18.10 36.38
C ARG G 77 3.36 -18.60 34.95
N VAL G 78 2.38 -19.47 34.73
CA VAL G 78 2.20 -20.09 33.42
C VAL G 78 1.62 -19.12 32.41
N GLY G 79 1.09 -17.98 32.86
CA GLY G 79 0.45 -17.04 31.97
C GLY G 79 -1.04 -17.31 31.89
N GLY G 80 -1.69 -17.36 33.04
CA GLY G 80 -3.09 -17.74 33.11
C GLY G 80 -3.39 -18.49 34.39
N ALA G 81 -2.35 -18.85 35.13
CA ALA G 81 -2.50 -19.42 36.46
C ALA G 81 -1.21 -19.17 37.23
N THR G 82 -1.32 -18.64 38.43
CA THR G 82 -0.16 -18.34 39.25
C THR G 82 0.28 -19.58 40.01
N TYR G 83 1.41 -20.16 39.60
CA TYR G 83 1.95 -21.35 40.22
C TYR G 83 3.22 -21.01 40.98
N GLN G 84 3.63 -21.91 41.86
CA GLN G 84 4.90 -21.83 42.57
C GLN G 84 5.58 -23.18 42.46
N VAL G 85 6.90 -23.17 42.29
CA VAL G 85 7.67 -24.38 42.05
C VAL G 85 8.79 -24.50 43.06
N PRO G 86 8.86 -25.57 43.85
CA PRO G 86 10.02 -25.76 44.75
C PRO G 86 11.26 -26.13 43.94
N VAL G 87 12.31 -25.35 44.09
CA VAL G 87 13.51 -25.49 43.28
C VAL G 87 14.69 -25.78 44.19
N GLU G 88 15.67 -26.51 43.65
CA GLU G 88 16.90 -26.77 44.39
C GLU G 88 17.76 -25.52 44.45
N VAL G 89 18.12 -25.10 45.66
CA VAL G 89 18.98 -23.94 45.83
C VAL G 89 20.38 -24.28 45.37
N ARG G 90 20.92 -23.46 44.48
CA ARG G 90 22.27 -23.62 43.94
C ARG G 90 23.28 -23.54 45.08
N PRO G 91 24.34 -24.36 45.05
CA PRO G 91 25.30 -24.38 46.18
C PRO G 91 26.05 -23.08 46.39
N SER G 92 26.23 -22.27 45.35
CA SER G 92 26.87 -20.98 45.54
C SER G 92 25.95 -19.99 46.23
N ARG G 93 24.65 -20.09 45.97
CA ARG G 93 23.68 -19.13 46.49
C ARG G 93 23.44 -19.33 47.99
N ARG G 94 23.53 -20.58 48.46
CA ARG G 94 23.00 -20.93 49.77
C ARG G 94 23.83 -20.40 50.94
N ASN G 95 25.01 -19.84 50.68
CA ASN G 95 25.74 -19.17 51.74
C ASN G 95 25.09 -17.84 52.08
N ALA G 96 24.79 -17.03 51.06
CA ALA G 96 24.35 -15.66 51.29
C ALA G 96 22.93 -15.58 51.79
N LEU G 97 22.15 -16.66 51.66
CA LEU G 97 20.79 -16.66 52.17
C LEU G 97 20.77 -16.67 53.69
N ALA G 98 21.71 -17.40 54.29
CA ALA G 98 21.77 -17.47 55.76
C ALA G 98 22.33 -16.18 56.34
N MET G 99 23.38 -15.64 55.71
CA MET G 99 24.02 -14.45 56.23
C MET G 99 23.13 -13.23 56.10
N ARG G 100 22.23 -13.22 55.13
CA ARG G 100 21.30 -12.11 54.97
C ARG G 100 20.10 -12.26 55.89
N TRP G 101 19.69 -13.50 56.17
CA TRP G 101 18.65 -13.72 57.16
C TRP G 101 19.13 -13.44 58.57
N LEU G 102 20.44 -13.63 58.80
CA LEU G 102 20.98 -13.53 60.16
C LEU G 102 21.02 -12.08 60.64
N VAL G 103 21.41 -11.17 59.74
CA VAL G 103 21.59 -9.78 60.13
C VAL G 103 20.24 -9.11 60.34
N ASP G 104 19.25 -9.44 59.49
CA ASP G 104 17.96 -8.77 59.54
C ASP G 104 17.17 -9.15 60.78
N PHE G 105 17.44 -10.32 61.36
CA PHE G 105 16.83 -10.69 62.62
C PHE G 105 17.64 -10.19 63.80
N ALA G 106 18.90 -9.82 63.60
CA ALA G 106 19.67 -9.20 64.65
C ALA G 106 19.19 -7.79 64.93
N ARG G 107 18.74 -7.09 63.91
CA ARG G 107 18.34 -5.69 64.08
C ARG G 107 17.01 -5.56 64.80
N LYS G 108 16.17 -6.58 64.78
CA LYS G 108 14.93 -6.58 65.53
C LYS G 108 15.02 -7.39 66.82
N ARG G 109 16.24 -7.70 67.27
CA ARG G 109 16.43 -8.39 68.55
C ARG G 109 15.93 -7.54 69.70
N GLY G 110 16.16 -6.23 69.65
CA GLY G 110 15.59 -5.35 70.65
C GLY G 110 16.31 -5.32 71.98
N GLU G 111 17.61 -5.56 71.98
CA GLU G 111 18.42 -5.47 73.19
C GLU G 111 19.04 -4.09 73.32
N LYS G 112 19.99 -3.99 74.24
CA LYS G 112 20.95 -2.90 74.30
C LYS G 112 22.30 -3.45 73.84
N SER G 113 23.24 -2.54 73.57
CA SER G 113 24.65 -2.85 73.30
C SER G 113 24.79 -3.77 72.07
N MET G 114 24.55 -3.15 70.90
CA MET G 114 24.31 -3.76 69.58
C MET G 114 25.08 -5.04 69.23
N ALA G 115 26.35 -5.13 69.63
CA ALA G 115 27.11 -6.35 69.43
C ALA G 115 26.59 -7.53 70.26
N LEU G 116 25.75 -7.28 71.26
CA LEU G 116 25.10 -8.37 71.98
C LEU G 116 23.90 -8.92 71.22
N ARG G 117 23.30 -8.13 70.33
CA ARG G 117 22.22 -8.63 69.49
C ARG G 117 22.71 -9.70 68.55
N LEU G 118 23.81 -9.43 67.84
CA LEU G 118 24.38 -10.41 66.94
C LEU G 118 25.05 -11.55 67.70
N ALA G 119 25.44 -11.31 68.95
CA ALA G 119 26.03 -12.38 69.76
C ALA G 119 25.01 -13.47 70.05
N GLY G 120 23.79 -13.10 70.41
CA GLY G 120 22.76 -14.07 70.71
C GLY G 120 22.27 -14.84 69.50
N GLU G 121 22.41 -14.26 68.31
CA GLU G 121 21.98 -14.95 67.10
C GLU G 121 22.89 -16.12 66.75
N LEU G 122 24.21 -15.93 66.90
CA LEU G 122 25.15 -16.99 66.60
C LEU G 122 25.22 -18.06 67.68
N LEU G 123 24.69 -17.78 68.86
CA LEU G 123 24.63 -18.79 69.90
C LEU G 123 23.46 -19.74 69.68
N ASP G 124 22.33 -19.20 69.20
CA ASP G 124 21.12 -20.01 69.08
C ASP G 124 21.22 -21.01 67.94
N ALA G 125 21.85 -20.61 66.83
CA ALA G 125 21.86 -21.42 65.62
C ALA G 125 22.83 -22.60 65.70
N ALA G 126 23.65 -22.67 66.74
CA ALA G 126 24.36 -23.90 67.05
C ALA G 126 23.48 -24.90 67.78
N GLU G 127 22.27 -24.50 68.15
CA GLU G 127 21.28 -25.33 68.82
C GLU G 127 20.01 -25.50 68.01
N GLY G 128 19.45 -24.41 67.49
CA GLY G 128 18.24 -24.48 66.67
C GLY G 128 17.08 -23.63 67.15
N LYS G 129 17.18 -22.97 68.30
CA LYS G 129 16.07 -22.17 68.82
C LYS G 129 16.09 -20.73 68.34
N GLY G 130 16.89 -20.41 67.32
CA GLY G 130 16.91 -19.07 66.80
C GLY G 130 15.74 -18.79 65.88
N ALA G 131 15.43 -17.49 65.75
CA ALA G 131 14.36 -17.08 64.84
C ALA G 131 14.76 -17.28 63.38
N ALA G 132 16.07 -17.26 63.09
CA ALA G 132 16.52 -17.58 61.75
C ALA G 132 16.35 -19.07 61.46
N VAL G 133 16.51 -19.91 62.48
CA VAL G 133 16.30 -21.34 62.26
C VAL G 133 14.81 -21.64 62.14
N LYS G 134 13.97 -20.88 62.86
CA LYS G 134 12.52 -21.06 62.73
C LYS G 134 12.03 -20.50 61.40
N LYS G 135 12.69 -19.48 60.87
CA LYS G 135 12.35 -18.96 59.55
C LYS G 135 12.89 -19.88 58.45
N ARG G 136 13.98 -20.61 58.73
CA ARG G 136 14.49 -21.59 57.79
C ARG G 136 13.52 -22.73 57.58
N GLU G 137 13.07 -23.34 58.68
CA GLU G 137 12.33 -24.58 58.59
C GLU G 137 10.90 -24.36 58.13
N ASP G 138 10.38 -23.14 58.27
CA ASP G 138 9.01 -22.87 57.84
C ASP G 138 8.92 -22.82 56.32
N VAL G 139 9.93 -22.27 55.66
CA VAL G 139 9.99 -22.25 54.21
C VAL G 139 10.25 -23.65 53.68
N HIS G 140 10.96 -24.49 54.45
CA HIS G 140 11.07 -25.90 54.12
C HIS G 140 9.71 -26.58 54.10
N ARG G 141 8.81 -26.18 54.99
CA ARG G 141 7.48 -26.79 55.01
C ARG G 141 6.61 -26.29 53.87
N MET G 142 6.94 -25.13 53.28
CA MET G 142 6.17 -24.60 52.17
C MET G 142 6.41 -25.39 50.88
N ALA G 143 7.51 -26.11 50.78
CA ALA G 143 7.84 -26.81 49.56
C ALA G 143 7.03 -28.09 49.37
N GLU G 144 6.64 -28.78 50.44
CA GLU G 144 5.98 -30.05 50.25
C GLU G 144 4.50 -29.90 49.94
N ALA G 145 3.88 -28.80 50.38
CA ALA G 145 2.57 -28.48 49.83
C ALA G 145 2.68 -28.03 48.39
N ASN G 146 3.83 -27.50 48.02
CA ASN G 146 4.14 -27.10 46.65
C ASN G 146 4.70 -28.24 45.83
N LYS G 147 4.92 -29.41 46.43
CA LYS G 147 5.69 -30.47 45.78
C LYS G 147 4.91 -31.12 44.65
N ALA G 148 3.60 -30.92 44.60
CA ALA G 148 2.79 -31.41 43.49
C ALA G 148 3.12 -30.67 42.19
N PHE G 149 3.62 -29.44 42.30
CA PHE G 149 3.94 -28.62 41.15
C PHE G 149 5.43 -28.69 40.81
N SER G 150 6.08 -29.82 41.06
CA SER G 150 7.53 -29.89 40.96
C SER G 150 8.00 -29.96 39.51
N HIS G 151 7.32 -30.75 38.69
CA HIS G 151 7.70 -30.90 37.29
C HIS G 151 6.59 -30.56 36.32
N TYR G 152 5.35 -30.50 36.78
CA TYR G 152 4.17 -30.54 35.93
C TYR G 152 3.51 -29.17 35.97
N ARG G 153 3.50 -28.51 34.80
CA ARG G 153 3.34 -27.06 34.68
C ARG G 153 4.30 -26.33 35.63
N PHE G 154 5.58 -26.66 35.48
CA PHE G 154 6.63 -26.09 36.31
C PHE G 154 7.71 -25.44 35.45
N SER H 1 -23.41 -35.61 -30.98
CA SER H 1 -24.36 -34.94 -31.87
C SER H 1 -23.89 -33.56 -32.25
N MET H 2 -23.17 -33.45 -33.37
CA MET H 2 -22.72 -32.17 -33.86
C MET H 2 -23.75 -31.61 -34.84
N GLN H 3 -24.05 -30.33 -34.68
CA GLN H 3 -25.13 -29.72 -35.45
C GLN H 3 -24.65 -29.12 -36.75
N ASP H 4 -23.39 -28.68 -36.81
CA ASP H 4 -22.86 -28.01 -37.99
C ASP H 4 -21.53 -28.65 -38.37
N PRO H 5 -21.39 -29.20 -39.55
CA PRO H 5 -20.11 -29.77 -39.94
C PRO H 5 -19.09 -28.72 -40.35
N LEU H 6 -19.50 -27.67 -41.05
CA LEU H 6 -18.51 -26.81 -41.68
C LEU H 6 -17.87 -25.84 -40.69
N ALA H 7 -18.51 -25.56 -39.55
CA ALA H 7 -17.81 -24.83 -38.50
C ALA H 7 -16.89 -25.73 -37.69
N ASP H 8 -16.80 -27.01 -38.02
CA ASP H 8 -15.83 -27.89 -37.40
C ASP H 8 -14.60 -28.10 -38.26
N MET H 9 -14.72 -27.97 -39.58
CA MET H 9 -13.53 -27.97 -40.42
C MET H 9 -12.69 -26.73 -40.14
N LEU H 10 -13.34 -25.58 -40.02
CA LEU H 10 -12.62 -24.34 -39.77
C LEU H 10 -12.05 -24.27 -38.37
N THR H 11 -12.62 -25.01 -37.43
CA THR H 11 -12.09 -24.98 -36.07
C THR H 11 -10.80 -25.78 -35.99
N ARG H 12 -10.72 -26.89 -36.72
CA ARG H 12 -9.51 -27.69 -36.68
C ARG H 12 -8.37 -27.02 -37.41
N ILE H 13 -8.68 -26.19 -38.40
CA ILE H 13 -7.65 -25.44 -39.11
C ILE H 13 -7.09 -24.36 -38.20
N ARG H 14 -7.95 -23.69 -37.45
CA ARG H 14 -7.47 -22.60 -36.59
C ARG H 14 -6.68 -23.14 -35.42
N ASN H 15 -7.02 -24.33 -34.93
CA ASN H 15 -6.30 -24.89 -33.81
C ASN H 15 -4.98 -25.51 -34.21
N ALA H 16 -4.91 -26.10 -35.40
CA ALA H 16 -3.67 -26.76 -35.78
C ALA H 16 -2.56 -25.77 -36.11
N GLN H 17 -2.91 -24.54 -36.46
CA GLN H 17 -1.92 -23.50 -36.67
C GLN H 17 -1.56 -22.77 -35.39
N MET H 18 -1.88 -23.34 -34.24
CA MET H 18 -1.29 -22.90 -32.99
C MET H 18 -0.50 -23.99 -32.30
N ALA H 19 -0.78 -25.25 -32.61
CA ALA H 19 0.08 -26.36 -32.24
C ALA H 19 1.21 -26.59 -33.25
N GLU H 20 1.26 -25.75 -34.30
CA GLU H 20 2.25 -25.81 -35.36
C GLU H 20 2.29 -27.18 -36.03
N LYS H 21 1.11 -27.74 -36.26
CA LYS H 21 1.02 -29.00 -36.98
C LYS H 21 1.26 -28.75 -38.46
N THR H 22 1.32 -29.84 -39.22
CA THR H 22 1.41 -29.76 -40.66
C THR H 22 0.23 -30.39 -41.36
N VAL H 23 -0.13 -31.62 -40.99
CA VAL H 23 -1.23 -32.34 -41.61
C VAL H 23 -2.41 -32.39 -40.65
N VAL H 24 -3.61 -32.20 -41.18
CA VAL H 24 -4.86 -32.22 -40.42
C VAL H 24 -5.78 -33.18 -41.14
N SER H 25 -6.48 -34.04 -40.40
CA SER H 25 -7.37 -35.03 -41.01
C SER H 25 -8.72 -35.01 -40.31
N MET H 26 -9.75 -34.63 -41.04
CA MET H 26 -11.12 -34.62 -40.57
C MET H 26 -11.99 -35.41 -41.54
N PRO H 27 -13.17 -35.85 -41.12
CA PRO H 27 -14.11 -36.45 -42.07
C PRO H 27 -14.56 -35.45 -43.13
N SER H 28 -15.00 -36.00 -44.25
CA SER H 28 -15.25 -35.22 -45.46
C SER H 28 -16.73 -35.20 -45.80
N SER H 29 -17.06 -34.37 -46.78
CA SER H 29 -18.40 -34.27 -47.34
C SER H 29 -18.26 -33.67 -48.73
N LYS H 30 -19.37 -33.57 -49.44
CA LYS H 30 -19.28 -32.98 -50.78
C LYS H 30 -19.29 -31.46 -50.75
N LEU H 31 -19.34 -30.85 -49.57
CA LEU H 31 -19.20 -29.41 -49.44
C LEU H 31 -17.83 -29.00 -48.92
N LYS H 32 -17.33 -29.71 -47.90
CA LYS H 32 -15.99 -29.46 -47.39
C LYS H 32 -14.93 -29.75 -48.45
N ALA H 33 -15.18 -30.73 -49.32
CA ALA H 33 -14.24 -31.03 -50.39
C ALA H 33 -14.26 -29.98 -51.49
N ALA H 34 -15.27 -29.11 -51.50
CA ALA H 34 -15.31 -28.01 -52.44
C ALA H 34 -14.83 -26.70 -51.85
N VAL H 35 -14.87 -26.55 -50.53
CA VAL H 35 -14.35 -25.33 -49.90
C VAL H 35 -12.84 -25.32 -49.94
N ALA H 36 -12.21 -26.48 -49.65
CA ALA H 36 -10.77 -26.56 -49.64
C ALA H 36 -10.17 -26.38 -51.03
N LYS H 37 -10.93 -26.68 -52.07
CA LYS H 37 -10.52 -26.35 -53.42
C LYS H 37 -10.43 -24.84 -53.63
N VAL H 38 -11.32 -24.09 -52.99
CA VAL H 38 -11.32 -22.64 -53.12
C VAL H 38 -10.19 -22.03 -52.32
N LEU H 39 -9.91 -22.56 -51.14
CA LEU H 39 -8.78 -22.09 -50.37
C LEU H 39 -7.45 -22.44 -51.00
N LYS H 40 -7.40 -23.48 -51.83
CA LYS H 40 -6.16 -23.79 -52.51
C LYS H 40 -5.92 -22.84 -53.67
N ASP H 41 -6.96 -22.54 -54.45
CA ASP H 41 -6.80 -21.67 -55.60
C ASP H 41 -6.52 -20.23 -55.20
N GLU H 42 -7.08 -19.79 -54.07
CA GLU H 42 -6.67 -18.51 -53.52
C GLU H 42 -5.33 -18.61 -52.83
N GLY H 43 -5.04 -19.76 -52.25
CA GLY H 43 -3.73 -20.04 -51.72
C GLY H 43 -3.72 -19.75 -50.25
N TYR H 44 -4.01 -20.77 -49.46
CA TYR H 44 -3.77 -20.74 -48.03
C TYR H 44 -3.24 -22.06 -47.50
N ILE H 45 -3.47 -23.17 -48.21
CA ILE H 45 -3.00 -24.48 -47.82
C ILE H 45 -2.14 -25.03 -48.94
N ALA H 46 -1.51 -26.17 -48.68
CA ALA H 46 -0.70 -26.79 -49.73
C ALA H 46 -1.56 -27.60 -50.69
N ASP H 47 -2.17 -28.68 -50.21
CA ASP H 47 -3.03 -29.53 -51.02
C ASP H 47 -4.02 -30.26 -50.11
N PHE H 48 -4.76 -31.19 -50.69
CA PHE H 48 -5.81 -31.89 -49.99
C PHE H 48 -6.07 -33.21 -50.70
N GLN H 49 -6.44 -34.24 -49.93
CA GLN H 49 -6.62 -35.57 -50.47
C GLN H 49 -7.89 -36.21 -49.93
N ILE H 50 -8.71 -36.75 -50.82
CA ILE H 50 -9.89 -37.52 -50.44
C ILE H 50 -9.48 -38.98 -50.60
N SER H 51 -8.96 -39.57 -49.54
CA SER H 51 -8.36 -40.89 -49.61
C SER H 51 -8.92 -41.79 -48.52
N SER H 52 -10.07 -42.40 -48.79
CA SER H 52 -10.56 -43.59 -48.09
C SER H 52 -11.68 -44.20 -48.92
N GLU H 53 -12.40 -45.15 -48.34
CA GLU H 53 -13.43 -45.89 -49.08
C GLU H 53 -14.81 -45.77 -48.47
N VAL H 54 -14.96 -45.97 -47.16
CA VAL H 54 -16.27 -45.92 -46.52
C VAL H 54 -16.35 -44.84 -45.46
N LYS H 55 -15.23 -44.33 -44.98
CA LYS H 55 -15.19 -43.14 -44.15
C LYS H 55 -14.20 -42.21 -44.82
N PRO H 56 -14.60 -41.51 -45.89
CA PRO H 56 -13.64 -40.74 -46.68
C PRO H 56 -13.12 -39.53 -45.91
N GLN H 57 -11.81 -39.34 -45.95
CA GLN H 57 -11.14 -38.37 -45.12
C GLN H 57 -10.77 -37.15 -45.94
N LEU H 58 -10.16 -36.17 -45.27
CA LEU H 58 -9.67 -34.96 -45.91
C LEU H 58 -8.39 -34.57 -45.21
N SER H 59 -7.26 -34.74 -45.89
CA SER H 59 -5.95 -34.51 -45.32
C SER H 59 -5.42 -33.20 -45.88
N ILE H 60 -5.31 -32.18 -45.03
CA ILE H 60 -4.93 -30.84 -45.46
C ILE H 60 -3.55 -30.52 -44.92
N GLU H 61 -2.68 -30.02 -45.79
CA GLU H 61 -1.35 -29.57 -45.40
C GLU H 61 -1.31 -28.05 -45.37
N LEU H 62 -0.77 -27.50 -44.30
CA LEU H 62 -0.84 -26.08 -44.01
C LEU H 62 0.46 -25.38 -44.38
N LYS H 63 0.39 -24.06 -44.53
CA LYS H 63 1.53 -23.25 -44.93
C LYS H 63 2.04 -22.42 -43.77
N TYR H 64 3.33 -22.10 -43.82
CA TYR H 64 3.92 -21.18 -42.85
C TYR H 64 4.94 -20.33 -43.60
N PHE H 65 4.55 -19.12 -44.00
CA PHE H 65 5.52 -18.20 -44.56
C PHE H 65 6.49 -17.72 -43.48
N GLU H 66 6.01 -17.57 -42.26
CA GLU H 66 6.85 -17.21 -41.13
C GLU H 66 6.65 -18.21 -40.02
N GLY H 67 7.14 -17.88 -38.82
CA GLY H 67 6.61 -18.51 -37.63
C GLY H 67 5.12 -18.25 -37.48
N LYS H 68 4.67 -17.07 -37.88
CA LYS H 68 3.25 -16.80 -37.96
C LYS H 68 2.66 -17.53 -39.17
N PRO H 69 1.47 -18.10 -39.05
CA PRO H 69 0.89 -18.84 -40.17
C PRO H 69 0.32 -17.90 -41.22
N VAL H 70 -0.21 -18.51 -42.28
CA VAL H 70 -0.71 -17.71 -43.40
C VAL H 70 -2.15 -17.31 -43.18
N ILE H 71 -2.96 -18.20 -42.61
CA ILE H 71 -4.29 -17.84 -42.14
C ILE H 71 -4.16 -17.22 -40.75
N GLU H 72 -4.66 -16.01 -40.59
CA GLU H 72 -4.59 -15.34 -39.30
C GLU H 72 -5.90 -15.32 -38.55
N GLU H 73 -7.03 -15.25 -39.25
CA GLU H 73 -8.33 -15.43 -38.62
C GLU H 73 -9.32 -15.94 -39.66
N VAL H 74 -10.37 -16.57 -39.16
CA VAL H 74 -11.47 -17.08 -39.98
C VAL H 74 -12.69 -17.25 -39.07
N LYS H 75 -13.85 -16.78 -39.52
CA LYS H 75 -15.07 -16.95 -38.75
C LYS H 75 -16.22 -17.37 -39.67
N ARG H 76 -17.14 -18.15 -39.10
CA ARG H 76 -18.32 -18.60 -39.81
C ARG H 76 -19.38 -17.52 -39.79
N ILE H 77 -19.98 -17.22 -40.95
CA ILE H 77 -20.99 -16.17 -41.01
C ILE H 77 -22.38 -16.76 -40.89
N SER H 78 -22.75 -17.62 -41.82
CA SER H 78 -24.09 -18.19 -41.86
C SER H 78 -24.16 -19.41 -40.93
N ARG H 79 -24.12 -19.12 -39.63
CA ARG H 79 -24.28 -20.14 -38.62
C ARG H 79 -25.69 -20.70 -38.64
N PRO H 80 -25.87 -22.02 -38.45
CA PRO H 80 -27.19 -22.64 -38.56
C PRO H 80 -28.13 -22.18 -37.48
N GLY H 81 -29.13 -21.42 -37.87
CA GLY H 81 -29.87 -20.59 -36.94
C GLY H 81 -29.73 -19.12 -37.21
N LEU H 82 -28.93 -18.70 -38.18
CA LEU H 82 -28.99 -17.33 -38.67
C LEU H 82 -29.29 -17.24 -40.15
N ARG H 83 -28.54 -17.98 -41.00
CA ARG H 83 -28.80 -18.16 -42.43
C ARG H 83 -28.77 -16.82 -43.19
N GLN H 84 -27.56 -16.28 -43.28
CA GLN H 84 -27.32 -14.96 -43.85
C GLN H 84 -27.31 -15.02 -45.38
N TYR H 85 -28.24 -14.33 -46.03
CA TYR H 85 -28.29 -14.25 -47.49
C TYR H 85 -28.08 -12.83 -47.94
N LYS H 86 -27.31 -12.67 -49.02
CA LYS H 86 -26.92 -11.36 -49.51
C LYS H 86 -27.07 -11.27 -51.02
N SER H 87 -27.57 -10.13 -51.49
CA SER H 87 -27.56 -9.81 -52.90
C SER H 87 -26.22 -9.16 -53.26
N VAL H 88 -26.09 -8.77 -54.53
CA VAL H 88 -24.79 -8.32 -55.04
C VAL H 88 -24.44 -6.92 -54.52
N GLU H 89 -25.44 -6.09 -54.24
CA GLU H 89 -25.16 -4.76 -53.70
C GLU H 89 -24.68 -4.83 -52.27
N GLN H 90 -25.38 -5.60 -51.43
CA GLN H 90 -25.08 -5.67 -50.00
C GLN H 90 -24.06 -6.75 -49.67
N LEU H 91 -23.38 -7.26 -50.65
CA LEU H 91 -22.40 -8.30 -50.43
C LEU H 91 -21.15 -7.68 -49.80
N PRO H 92 -20.62 -8.23 -48.72
CA PRO H 92 -19.57 -7.54 -47.97
C PRO H 92 -18.21 -7.67 -48.63
N LYS H 93 -17.31 -6.80 -48.19
CA LYS H 93 -15.92 -6.80 -48.60
C LYS H 93 -15.06 -6.82 -47.35
N VAL H 94 -14.14 -7.77 -47.25
CA VAL H 94 -13.29 -7.89 -46.07
C VAL H 94 -11.95 -7.21 -46.34
N ARG H 95 -11.57 -6.31 -45.43
CA ARG H 95 -10.25 -5.68 -45.37
C ARG H 95 -9.93 -4.89 -46.64
N GLY H 96 -10.94 -4.24 -47.21
CA GLY H 96 -10.74 -3.48 -48.42
C GLY H 96 -10.42 -4.31 -49.64
N GLY H 97 -10.77 -5.58 -49.64
CA GLY H 97 -10.49 -6.44 -50.77
C GLY H 97 -9.18 -7.16 -50.69
N LEU H 98 -8.72 -7.50 -49.48
CA LEU H 98 -7.48 -8.23 -49.32
C LEU H 98 -7.68 -9.61 -48.72
N GLY H 99 -8.80 -9.85 -48.05
CA GLY H 99 -9.18 -11.17 -47.64
C GLY H 99 -10.08 -11.80 -48.68
N VAL H 100 -10.58 -12.98 -48.36
CA VAL H 100 -11.49 -13.68 -49.24
C VAL H 100 -12.79 -13.95 -48.50
N SER H 101 -13.87 -14.00 -49.25
CA SER H 101 -15.18 -14.31 -48.70
C SER H 101 -15.88 -15.27 -49.64
N ILE H 102 -16.40 -16.36 -49.10
CA ILE H 102 -16.80 -17.51 -49.89
C ILE H 102 -18.32 -17.54 -49.93
N VAL H 103 -18.88 -17.49 -51.14
CA VAL H 103 -20.31 -17.27 -51.35
C VAL H 103 -20.85 -18.38 -52.22
N SER H 104 -21.85 -19.10 -51.73
CA SER H 104 -22.44 -20.23 -52.44
C SER H 104 -23.52 -19.71 -53.39
N THR H 105 -23.21 -19.64 -54.67
CA THR H 105 -24.09 -19.01 -55.63
C THR H 105 -24.81 -20.05 -56.49
N ASN H 106 -25.50 -19.57 -57.52
CA ASN H 106 -26.23 -20.43 -58.45
C ASN H 106 -25.31 -21.22 -59.36
N LYS H 107 -24.04 -20.86 -59.42
CA LYS H 107 -23.10 -21.46 -60.34
C LYS H 107 -21.97 -22.16 -59.59
N GLY H 108 -22.24 -22.60 -58.36
CA GLY H 108 -21.28 -23.33 -57.56
C GLY H 108 -20.65 -22.45 -56.50
N VAL H 109 -19.90 -23.11 -55.61
CA VAL H 109 -19.18 -22.41 -54.55
C VAL H 109 -18.02 -21.64 -55.16
N MET H 110 -18.06 -20.33 -55.05
CA MET H 110 -16.99 -19.50 -55.60
C MET H 110 -16.75 -18.34 -54.64
N THR H 111 -15.63 -17.66 -54.85
CA THR H 111 -15.27 -16.54 -54.00
C THR H 111 -16.04 -15.28 -54.39
N ASP H 112 -15.91 -14.27 -53.53
CA ASP H 112 -16.62 -13.01 -53.71
C ASP H 112 -16.16 -12.23 -54.92
N ARG H 113 -14.91 -12.44 -55.36
CA ARG H 113 -14.40 -11.73 -56.52
C ARG H 113 -14.95 -12.30 -57.81
N ALA H 114 -15.36 -13.57 -57.78
CA ALA H 114 -15.83 -14.27 -58.97
C ALA H 114 -17.30 -14.02 -59.23
N ALA H 115 -18.13 -14.14 -58.19
CA ALA H 115 -19.57 -14.00 -58.37
C ALA H 115 -19.97 -12.54 -58.61
N ARG H 116 -19.23 -11.60 -58.03
CA ARG H 116 -19.48 -10.19 -58.28
C ARG H 116 -19.16 -9.84 -59.73
N ALA H 117 -18.21 -10.55 -60.34
CA ALA H 117 -17.98 -10.40 -61.76
C ALA H 117 -19.14 -10.98 -62.56
N ALA H 118 -19.66 -12.12 -62.15
CA ALA H 118 -20.81 -12.73 -62.83
C ALA H 118 -22.14 -12.11 -62.39
N GLY H 119 -22.15 -11.33 -61.32
CA GLY H 119 -23.38 -10.68 -60.90
C GLY H 119 -24.40 -11.61 -60.27
N VAL H 120 -23.96 -12.64 -59.57
CA VAL H 120 -24.86 -13.58 -58.93
C VAL H 120 -24.63 -13.50 -57.43
N GLY H 121 -25.67 -13.17 -56.68
CA GLY H 121 -25.60 -13.16 -55.24
C GLY H 121 -25.71 -14.55 -54.67
N GLY H 122 -25.93 -14.60 -53.36
CA GLY H 122 -26.08 -15.90 -52.74
C GLY H 122 -25.97 -15.89 -51.24
N GLU H 123 -25.31 -16.89 -50.69
CA GLU H 123 -25.21 -17.09 -49.27
C GLU H 123 -23.77 -17.08 -48.83
N VAL H 124 -23.45 -16.24 -47.85
CA VAL H 124 -22.08 -16.13 -47.38
C VAL H 124 -21.75 -17.36 -46.54
N LEU H 125 -20.48 -17.78 -46.54
CA LEU H 125 -20.04 -18.81 -45.62
C LEU H 125 -19.02 -18.30 -44.61
N CYS H 126 -17.90 -17.74 -45.04
CA CYS H 126 -16.88 -17.33 -44.08
C CYS H 126 -16.10 -16.13 -44.61
N THR H 127 -15.36 -15.50 -43.71
CA THR H 127 -14.55 -14.32 -44.01
C THR H 127 -13.11 -14.62 -43.62
N VAL H 128 -12.38 -15.25 -44.52
CA VAL H 128 -10.97 -15.54 -44.27
C VAL H 128 -10.14 -14.32 -44.64
N PHE H 129 -9.22 -13.93 -43.78
CA PHE H 129 -8.28 -12.89 -44.16
C PHE H 129 -7.24 -13.46 -45.10
N ALA I 1 74.08 1.84 43.02
CA ALA I 1 74.16 1.24 44.36
C ALA I 1 73.05 0.24 44.56
N THR I 2 72.58 0.14 45.80
CA THR I 2 71.48 -0.76 46.15
C THR I 2 70.20 -0.02 46.50
N GLN I 3 70.19 1.30 46.41
CA GLN I 3 68.97 2.06 46.58
C GLN I 3 68.04 1.80 45.40
N ASN I 4 66.77 1.54 45.67
CA ASN I 4 65.83 1.17 44.65
C ASN I 4 64.59 2.06 44.75
N TYR I 5 64.24 2.66 43.63
CA TYR I 5 63.19 3.67 43.58
C TYR I 5 61.88 3.04 43.12
N GLY I 6 60.84 3.25 43.90
CA GLY I 6 59.55 2.68 43.57
C GLY I 6 58.41 3.68 43.70
N THR I 7 57.60 3.79 42.66
CA THR I 7 56.43 4.65 42.66
C THR I 7 55.17 3.83 42.44
N GLY I 8 54.03 4.41 42.81
CA GLY I 8 52.78 3.70 42.72
C GLY I 8 51.60 4.59 43.01
N ARG I 9 50.57 4.54 42.18
CA ARG I 9 49.46 5.47 42.22
C ARG I 9 48.15 4.70 42.25
N ARG I 10 47.26 5.08 43.15
CA ARG I 10 45.96 4.45 43.24
C ARG I 10 45.04 5.44 43.93
N LYS I 11 43.97 5.84 43.23
CA LYS I 11 42.92 6.74 43.72
C LYS I 11 43.51 8.11 44.06
N THR I 12 44.19 8.69 43.05
CA THR I 12 44.83 10.02 43.11
C THR I 12 45.82 10.15 44.26
N ALA I 13 46.54 9.08 44.55
CA ALA I 13 47.64 9.14 45.49
C ALA I 13 48.95 8.97 44.72
N THR I 14 50.06 9.23 45.41
CA THR I 14 51.39 9.04 44.84
C THR I 14 52.37 8.80 45.97
N ALA I 15 53.10 7.69 45.91
CA ALA I 15 54.03 7.31 46.96
C ALA I 15 55.42 7.13 46.39
N ARG I 16 56.38 7.90 46.90
CA ARG I 16 57.79 7.60 46.70
C ARG I 16 58.17 6.50 47.68
N VAL I 17 58.60 5.35 47.15
CA VAL I 17 59.09 4.27 48.00
C VAL I 17 60.53 4.00 47.63
N PHE I 18 61.41 4.13 48.62
CA PHE I 18 62.82 3.78 48.46
C PHE I 18 63.08 2.46 49.17
N LEU I 19 63.92 1.63 48.56
CA LEU I 19 64.19 0.31 49.09
C LEU I 19 65.68 0.02 49.00
N ARG I 20 66.26 -0.37 50.12
CA ARG I 20 67.69 -0.62 50.27
C ARG I 20 67.86 -1.67 51.36
N PRO I 21 69.00 -2.37 51.39
CA PRO I 21 69.17 -3.42 52.40
C PRO I 21 69.26 -2.86 53.82
N GLY I 22 68.52 -3.49 54.72
CA GLY I 22 68.50 -3.08 56.09
C GLY I 22 67.84 -4.13 56.93
N THR I 23 67.46 -3.75 58.14
CA THR I 23 66.85 -4.67 59.11
C THR I 23 65.50 -4.09 59.55
N GLY I 24 64.46 -4.40 58.79
CA GLY I 24 63.08 -4.12 59.18
C GLY I 24 62.70 -2.67 59.38
N LYS I 25 63.52 -1.75 58.88
CA LYS I 25 63.31 -0.33 59.08
C LYS I 25 62.17 0.11 58.16
N ILE I 26 60.98 0.18 58.72
CA ILE I 26 59.78 0.62 58.02
C ILE I 26 59.39 1.99 58.57
N SER I 27 59.63 3.03 57.78
CA SER I 27 59.36 4.39 58.20
C SER I 27 58.69 5.12 57.05
N ILE I 28 57.62 5.85 57.36
CA ILE I 28 56.81 6.55 56.37
C ILE I 28 56.56 7.97 56.84
N ASN I 29 57.06 8.94 56.07
CA ASN I 29 56.89 10.38 56.31
C ASN I 29 57.40 10.79 57.69
N ASN I 30 58.52 10.18 58.09
CA ASN I 30 59.08 10.25 59.44
C ASN I 30 58.04 9.84 60.49
N ARG I 31 57.33 8.74 60.22
CA ARG I 31 56.45 8.14 61.21
C ARG I 31 56.56 6.62 61.13
N GLY I 32 56.31 5.98 62.27
CA GLY I 32 56.21 4.54 62.30
C GLY I 32 54.95 4.06 61.61
N LEU I 33 55.01 2.80 61.18
CA LEU I 33 53.94 2.25 60.35
C LEU I 33 52.67 2.03 61.17
N ASP I 34 52.83 1.60 62.42
CA ASP I 34 51.66 1.41 63.28
C ASP I 34 51.08 2.74 63.72
N GLN I 35 51.91 3.78 63.74
CA GLN I 35 51.45 5.09 64.17
C GLN I 35 50.77 5.85 63.04
N PHE I 36 51.20 5.62 61.80
CA PHE I 36 50.70 6.42 60.69
C PHE I 36 49.30 6.02 60.31
N PHE I 37 49.06 4.73 60.07
CA PHE I 37 47.76 4.23 59.67
C PHE I 37 46.99 3.84 60.92
N GLY I 38 46.14 4.75 61.40
CA GLY I 38 45.47 4.55 62.66
C GLY I 38 44.29 3.62 62.61
N ARG I 39 44.47 2.41 63.15
CA ARG I 39 43.40 1.43 63.42
C ARG I 39 42.69 1.03 62.11
N GLU I 40 43.44 0.31 61.28
CA GLU I 40 42.83 -0.26 60.09
C GLU I 40 43.50 -1.59 59.75
N THR I 41 42.85 -2.32 58.86
CA THR I 41 43.38 -3.60 58.38
C THR I 41 44.50 -3.42 57.37
N ALA I 42 44.62 -2.22 56.79
CA ALA I 42 45.65 -1.96 55.79
C ALA I 42 47.05 -1.82 56.37
N ARG I 43 47.18 -1.88 57.69
CA ARG I 43 48.49 -1.96 58.33
C ARG I 43 49.22 -3.24 57.94
N MET I 44 48.47 -4.30 57.62
CA MET I 44 49.05 -5.54 57.13
C MET I 44 49.03 -5.65 55.61
N VAL I 45 48.20 -4.85 54.94
CA VAL I 45 48.10 -4.93 53.48
C VAL I 45 49.35 -4.37 52.82
N VAL I 46 50.02 -3.42 53.46
CA VAL I 46 51.31 -2.94 52.96
C VAL I 46 52.40 -3.99 53.09
N ARG I 47 52.22 -4.99 53.95
CA ARG I 47 53.18 -6.07 54.09
C ARG I 47 52.89 -7.25 53.18
N GLN I 48 51.69 -7.31 52.59
CA GLN I 48 51.28 -8.48 51.82
C GLN I 48 52.13 -8.80 50.59
N PRO I 49 52.57 -7.84 49.76
CA PRO I 49 53.56 -8.23 48.73
C PRO I 49 54.93 -8.49 49.32
N LEU I 50 55.21 -7.96 50.49
CA LEU I 50 56.52 -8.13 51.09
C LEU I 50 56.69 -9.51 51.68
N GLU I 51 55.69 -9.98 52.43
CA GLU I 51 55.75 -11.30 53.02
C GLU I 51 55.45 -12.40 52.02
N LEU I 52 54.90 -12.06 50.86
CA LEU I 52 54.74 -13.07 49.82
C LEU I 52 56.08 -13.42 49.19
N THR I 53 56.95 -12.43 49.01
CA THR I 53 58.24 -12.64 48.37
C THR I 53 59.35 -12.94 49.37
N GLU I 54 58.98 -13.30 50.61
CA GLU I 54 59.86 -13.69 51.74
C GLU I 54 61.08 -12.80 51.91
N THR I 55 60.84 -11.49 51.97
CA THR I 55 61.86 -10.48 52.18
C THR I 55 61.45 -9.49 53.25
N VAL I 56 60.67 -9.95 54.24
CA VAL I 56 60.09 -9.04 55.22
C VAL I 56 61.13 -8.49 56.19
N GLU I 57 62.26 -9.18 56.35
CA GLU I 57 63.24 -8.83 57.35
C GLU I 57 64.52 -8.28 56.74
N LYS I 58 64.63 -8.23 55.42
CA LYS I 58 65.92 -8.04 54.76
C LYS I 58 66.11 -6.68 54.13
N PHE I 59 65.21 -5.73 54.37
CA PHE I 59 65.36 -4.43 53.71
C PHE I 59 64.97 -3.28 54.64
N ASP I 60 65.63 -2.16 54.43
CA ASP I 60 65.15 -0.86 54.85
C ASP I 60 64.05 -0.42 53.88
N ILE I 61 63.06 0.28 54.41
CA ILE I 61 61.95 0.80 53.63
C ILE I 61 61.72 2.25 54.03
N PHE I 62 61.83 3.16 53.07
CA PHE I 62 61.59 4.58 53.30
C PHE I 62 60.53 5.07 52.33
N VAL I 63 59.39 5.51 52.86
CA VAL I 63 58.19 5.80 52.09
C VAL I 63 57.80 7.26 52.28
N THR I 64 57.53 7.95 51.18
CA THR I 64 56.96 9.29 51.23
C THR I 64 55.77 9.34 50.28
N VAL I 65 54.58 9.53 50.82
CA VAL I 65 53.34 9.47 50.06
C VAL I 65 52.62 10.82 50.18
N VAL I 66 52.03 11.27 49.07
CA VAL I 66 51.32 12.54 49.02
C VAL I 66 49.93 12.32 48.42
N GLY I 67 49.01 13.24 48.77
CA GLY I 67 47.68 13.26 48.20
C GLY I 67 46.83 12.07 48.59
N GLY I 68 45.74 11.91 47.86
CA GLY I 68 44.88 10.75 48.01
C GLY I 68 44.06 10.78 49.28
N GLY I 69 43.41 9.64 49.52
CA GLY I 69 42.65 9.44 50.73
C GLY I 69 43.43 8.62 51.74
N VAL I 70 42.73 8.23 52.80
CA VAL I 70 43.36 7.49 53.89
C VAL I 70 43.75 6.11 53.42
N SER I 71 42.78 5.31 53.03
CA SER I 71 43.03 3.97 52.54
C SER I 71 43.37 3.94 51.05
N GLY I 72 43.55 5.10 50.44
CA GLY I 72 44.01 5.15 49.07
C GLY I 72 45.52 5.28 49.02
N GLN I 73 46.09 5.88 50.07
CA GLN I 73 47.54 5.93 50.16
C GLN I 73 48.11 4.56 50.48
N ALA I 74 47.41 3.76 51.28
CA ALA I 74 47.86 2.42 51.60
C ALA I 74 47.89 1.52 50.38
N GLY I 75 46.98 1.75 49.43
CA GLY I 75 47.05 1.01 48.18
C GLY I 75 48.16 1.50 47.27
N ALA I 76 48.52 2.78 47.40
CA ALA I 76 49.61 3.32 46.59
C ALA I 76 50.94 2.73 46.98
N ILE I 77 51.12 2.45 48.27
CA ILE I 77 52.34 1.83 48.75
C ILE I 77 52.42 0.40 48.28
N ARG I 78 51.28 -0.31 48.30
CA ARG I 78 51.27 -1.72 47.90
C ARG I 78 51.56 -1.88 46.41
N HIS I 79 51.00 -1.01 45.58
CA HIS I 79 51.42 -0.99 44.18
C HIS I 79 52.82 -0.44 44.05
N GLY I 80 53.22 0.46 44.94
CA GLY I 80 54.51 1.12 44.79
C GLY I 80 55.67 0.22 45.09
N ILE I 81 55.53 -0.64 46.10
CA ILE I 81 56.65 -1.47 46.50
C ILE I 81 56.83 -2.64 45.54
N THR I 82 55.77 -3.06 44.84
CA THR I 82 55.88 -4.14 43.87
C THR I 82 56.69 -3.73 42.66
N ARG I 83 56.66 -2.45 42.30
CA ARG I 83 57.53 -1.99 41.23
C ARG I 83 58.97 -1.90 41.72
N ALA I 84 59.17 -1.65 43.01
CA ALA I 84 60.52 -1.56 43.55
C ALA I 84 61.13 -2.94 43.76
N LEU I 85 60.31 -3.97 43.97
CA LEU I 85 60.84 -5.30 44.15
C LEU I 85 61.25 -5.95 42.83
N ILE I 86 60.73 -5.45 41.71
CA ILE I 86 60.99 -6.11 40.44
C ILE I 86 62.09 -5.38 39.68
N GLU I 87 62.79 -4.47 40.34
CA GLU I 87 64.01 -3.95 39.74
C GLU I 87 65.15 -4.94 39.81
N TYR I 88 65.03 -5.97 40.65
CA TYR I 88 66.08 -6.97 40.80
C TYR I 88 66.15 -7.85 39.57
N ASP I 89 65.08 -8.59 39.31
CA ASP I 89 65.07 -9.64 38.31
C ASP I 89 63.63 -9.89 37.90
N GLU I 90 63.40 -11.00 37.22
CA GLU I 90 62.05 -11.47 36.96
C GLU I 90 61.79 -12.82 37.61
N THR I 91 62.53 -13.12 38.68
CA THR I 91 62.24 -14.34 39.42
C THR I 91 60.93 -14.19 40.19
N LEU I 92 60.70 -13.02 40.76
CA LEU I 92 59.47 -12.75 41.48
C LEU I 92 58.41 -12.11 40.58
N ARG I 93 58.68 -12.03 39.28
CA ARG I 93 57.70 -11.53 38.32
C ARG I 93 56.48 -12.44 38.26
N SER I 94 56.70 -13.74 38.09
CA SER I 94 55.61 -14.70 38.04
C SER I 94 54.96 -14.89 39.40
N SER I 95 55.67 -14.59 40.47
CA SER I 95 55.08 -14.66 41.81
C SER I 95 54.16 -13.49 42.10
N LEU I 96 54.15 -12.47 41.25
CA LEU I 96 53.32 -11.29 41.46
C LEU I 96 52.30 -11.05 40.36
N ARG I 97 52.62 -11.42 39.11
CA ARG I 97 51.63 -11.42 38.05
C ARG I 97 50.48 -12.36 38.37
N LYS I 98 50.82 -13.54 38.90
CA LYS I 98 49.82 -14.49 39.36
C LYS I 98 49.12 -13.98 40.62
N ALA I 99 49.82 -13.19 41.44
CA ALA I 99 49.24 -12.67 42.67
C ALA I 99 48.28 -11.52 42.43
N GLY I 100 48.32 -10.90 41.27
CA GLY I 100 47.45 -9.77 41.01
C GLY I 100 47.85 -8.51 41.75
N TYR I 101 49.15 -8.21 41.79
CA TYR I 101 49.65 -7.03 42.48
C TYR I 101 50.22 -5.98 41.55
N VAL I 102 50.67 -6.35 40.36
CA VAL I 102 51.45 -5.42 39.55
C VAL I 102 50.55 -4.45 38.78
N THR I 103 49.32 -4.83 38.47
CA THR I 103 48.46 -4.02 37.62
C THR I 103 47.89 -2.85 38.41
N ARG I 104 48.06 -1.65 37.89
CA ARG I 104 47.50 -0.46 38.54
C ARG I 104 45.98 -0.46 38.36
N ASP I 105 45.28 -0.25 39.47
CA ASP I 105 43.81 -0.22 39.47
C ASP I 105 43.34 1.05 38.78
N ALA I 106 42.66 0.89 37.64
CA ALA I 106 42.29 2.02 36.80
C ALA I 106 40.99 2.69 37.22
N ARG I 107 40.32 2.18 38.25
CA ARG I 107 38.96 2.58 38.57
C ARG I 107 38.98 3.95 39.24
N GLU I 108 38.70 5.00 38.47
CA GLU I 108 38.66 6.36 38.98
C GLU I 108 37.25 6.91 38.96
N VAL I 109 37.04 7.99 39.72
CA VAL I 109 35.70 8.54 39.92
C VAL I 109 35.16 9.14 38.63
N GLU I 110 33.83 9.21 38.55
CA GLU I 110 33.14 9.60 37.33
C GLU I 110 32.37 10.89 37.54
N ARG I 111 32.28 11.67 36.48
CA ARG I 111 31.85 13.06 36.56
C ARG I 111 30.34 13.18 36.54
N LYS I 112 29.85 14.27 37.12
CA LYS I 112 28.42 14.56 37.11
C LYS I 112 27.98 14.99 35.73
N LYS I 113 26.88 14.42 35.25
CA LYS I 113 26.34 14.70 33.93
C LYS I 113 25.02 15.46 34.08
N VAL I 114 24.71 16.29 33.08
CA VAL I 114 23.55 17.17 33.19
C VAL I 114 22.26 16.39 33.04
N GLY I 115 21.23 16.85 33.73
CA GLY I 115 19.99 16.11 33.87
C GLY I 115 20.01 15.18 35.06
N LEU I 116 21.11 14.46 35.25
CA LEU I 116 21.28 13.57 36.38
C LEU I 116 21.65 14.38 37.61
N ARG I 117 21.71 13.70 38.75
CA ARG I 117 22.12 14.35 40.00
C ARG I 117 23.47 13.83 40.50
N LYS I 118 23.62 12.53 40.55
CA LYS I 118 24.89 11.87 40.79
C LYS I 118 25.55 11.58 39.44
N ALA I 119 26.53 10.68 39.42
CA ALA I 119 27.10 10.23 38.15
C ALA I 119 26.07 9.46 37.32
N ARG I 120 25.19 8.70 37.97
CA ARG I 120 24.14 7.98 37.24
C ARG I 120 22.75 8.08 37.85
N LYS I 121 22.60 8.57 39.07
CA LYS I 121 21.27 8.70 39.65
C LYS I 121 20.56 9.91 39.07
N ARG I 122 19.26 9.79 38.85
CA ARG I 122 18.41 10.76 38.21
C ARG I 122 17.13 10.93 39.02
N PRO I 123 16.49 12.10 38.97
CA PRO I 123 15.35 12.34 39.85
C PRO I 123 14.14 11.52 39.47
N GLN I 124 13.20 11.43 40.42
CA GLN I 124 12.02 10.60 40.25
C GLN I 124 10.97 11.34 39.46
N TYR I 125 10.34 10.65 38.51
CA TYR I 125 9.16 11.17 37.83
C TYR I 125 7.96 10.34 38.22
N SER I 126 6.79 10.72 37.69
CA SER I 126 5.60 9.90 37.84
C SER I 126 4.68 10.03 36.64
N ILE J 1 60.92 35.78 32.03
CA ILE J 1 60.06 36.06 30.89
C ILE J 1 58.82 35.19 31.09
N ARG J 2 57.64 35.72 30.79
CA ARG J 2 56.42 34.94 30.90
C ARG J 2 55.47 35.28 29.77
N LEU J 3 54.77 34.27 29.27
CA LEU J 3 53.99 34.37 28.05
C LEU J 3 52.57 33.87 28.29
N LYS J 4 51.60 34.58 27.73
CA LYS J 4 50.20 34.23 27.86
C LYS J 4 49.51 34.32 26.52
N ALA J 5 48.85 33.24 26.11
CA ALA J 5 48.10 33.20 24.87
C ALA J 5 46.97 32.21 25.03
N PHE J 6 46.28 31.90 23.93
CA PHE J 6 45.07 31.09 23.99
C PHE J 6 45.17 29.75 23.31
N ASP J 7 46.22 29.47 22.54
CA ASP J 7 46.32 28.18 21.89
C ASP J 7 47.77 27.77 21.77
N HIS J 8 48.02 26.47 21.99
CA HIS J 8 49.39 25.95 22.02
C HIS J 8 50.02 25.85 20.65
N ARG J 9 49.28 26.11 19.58
CA ARG J 9 49.89 26.25 18.28
C ARG J 9 50.28 27.69 17.96
N LEU J 10 50.32 28.55 18.97
CA LEU J 10 51.08 29.78 18.89
C LEU J 10 52.16 29.87 19.95
N ILE J 11 51.78 29.71 21.22
CA ILE J 11 52.65 30.14 22.30
C ILE J 11 53.80 29.18 22.51
N ASP J 12 53.61 27.89 22.23
CA ASP J 12 54.71 26.94 22.27
C ASP J 12 55.37 26.81 20.91
N GLN J 13 55.01 27.68 19.97
CA GLN J 13 55.68 27.78 18.68
C GLN J 13 56.31 29.15 18.51
N SER J 14 56.21 30.01 19.52
CA SER J 14 56.94 31.27 19.56
C SER J 14 58.08 31.25 20.56
N THR J 15 58.21 30.21 21.38
CA THR J 15 59.38 30.12 22.25
C THR J 15 60.62 29.80 21.45
N GLN J 16 60.50 28.90 20.46
CA GLN J 16 61.60 28.65 19.54
C GLN J 16 61.94 29.87 18.71
N GLU J 17 60.97 30.77 18.51
CA GLU J 17 61.22 32.06 17.89
C GLU J 17 61.95 33.02 18.81
N ILE J 18 62.11 32.68 20.09
CA ILE J 18 62.86 33.48 21.04
C ILE J 18 64.12 32.77 21.51
N VAL J 19 64.04 31.45 21.73
CA VAL J 19 65.19 30.68 22.21
C VAL J 19 66.29 30.64 21.15
N GLU J 20 65.91 30.40 19.90
CA GLU J 20 66.90 30.43 18.82
C GLU J 20 67.41 31.84 18.56
N THR J 21 66.52 32.83 18.62
CA THR J 21 66.87 34.21 18.29
C THR J 21 67.37 34.99 19.49
N ALA J 22 67.80 34.33 20.53
CA ALA J 22 68.56 34.96 21.60
C ALA J 22 69.84 34.20 21.91
N LYS J 23 69.83 32.87 21.82
CA LYS J 23 71.03 32.08 22.01
C LYS J 23 72.00 32.26 20.85
N ARG J 24 71.51 32.67 19.68
CA ARG J 24 72.36 33.03 18.56
C ARG J 24 73.27 34.20 18.90
N THR J 25 72.75 35.17 19.66
CA THR J 25 73.49 36.37 20.00
C THR J 25 74.38 36.19 21.24
N GLY J 26 74.73 34.95 21.59
CA GLY J 26 75.75 34.72 22.58
C GLY J 26 75.24 34.39 23.97
N ALA J 27 74.17 35.05 24.40
CA ALA J 27 73.68 34.88 25.76
C ALA J 27 73.02 33.52 25.93
N GLN J 28 73.16 32.96 27.12
CA GLN J 28 72.62 31.64 27.43
C GLN J 28 71.22 31.78 27.98
N VAL J 29 70.26 31.10 27.34
CA VAL J 29 68.88 31.07 27.79
C VAL J 29 68.46 29.60 27.88
N ARG J 30 68.00 29.20 29.06
CA ARG J 30 67.71 27.81 29.34
C ARG J 30 66.37 27.41 28.72
N GLY J 31 65.98 26.15 28.92
CA GLY J 31 64.77 25.62 28.34
C GLY J 31 63.53 26.18 29.02
N PRO J 32 62.48 26.42 28.24
CA PRO J 32 61.26 26.99 28.82
C PRO J 32 60.52 26.01 29.70
N ILE J 33 59.85 26.54 30.71
CA ILE J 33 59.20 25.76 31.74
C ILE J 33 57.70 25.95 31.60
N PRO J 34 56.90 24.89 31.53
CA PRO J 34 55.45 25.05 31.54
C PRO J 34 54.92 25.43 32.91
N LEU J 35 53.73 25.97 32.92
CA LEU J 35 53.00 26.28 34.14
C LEU J 35 51.66 25.57 34.13
N PRO J 36 50.93 25.54 35.26
CA PRO J 36 49.53 25.12 35.21
C PRO J 36 48.69 26.03 34.32
N THR J 37 47.59 25.45 33.85
CA THR J 37 46.75 26.05 32.81
C THR J 37 45.45 26.53 33.42
N ARG J 38 45.05 27.75 33.06
CA ARG J 38 43.72 28.24 33.40
C ARG J 38 42.67 27.48 32.61
N LYS J 39 41.61 27.03 33.30
CA LYS J 39 40.51 26.33 32.67
C LYS J 39 39.21 26.87 33.26
N GLU J 40 38.32 27.38 32.41
CA GLU J 40 37.08 28.01 32.89
C GLU J 40 35.89 27.43 32.15
N ARG J 41 35.03 26.72 32.87
CA ARG J 41 33.87 26.09 32.27
C ARG J 41 32.67 27.05 32.31
N PHE J 42 31.92 27.09 31.21
CA PHE J 42 30.74 27.94 31.07
C PHE J 42 29.57 27.09 30.59
N THR J 43 28.69 26.71 31.50
CA THR J 43 27.50 25.95 31.14
C THR J 43 26.38 26.93 30.85
N VAL J 44 25.91 26.96 29.60
CA VAL J 44 24.86 27.88 29.21
C VAL J 44 23.63 27.10 28.77
N LEU J 45 22.47 27.68 29.01
CA LEU J 45 21.22 27.11 28.55
C LEU J 45 21.08 27.41 27.07
N ILE J 46 20.37 26.55 26.37
CA ILE J 46 20.38 26.56 24.91
C ILE J 46 19.02 26.88 24.31
N SER J 47 17.92 26.68 25.03
CA SER J 47 16.62 26.89 24.39
C SER J 47 16.10 28.30 24.68
N PRO J 48 15.48 28.95 23.69
CA PRO J 48 14.96 30.31 23.90
C PRO J 48 13.84 30.40 24.92
N HIS J 49 12.75 29.70 24.71
CA HIS J 49 11.79 29.47 25.78
C HIS J 49 12.10 28.10 26.36
N VAL J 50 11.62 27.87 27.56
CA VAL J 50 12.37 27.02 28.48
C VAL J 50 12.19 25.54 28.17
N ASN J 51 13.32 24.82 28.22
CA ASN J 51 13.34 23.38 28.39
C ASN J 51 14.71 23.09 29.01
N LYS J 52 14.71 22.88 30.33
CA LYS J 52 15.90 23.10 31.13
C LYS J 52 16.99 22.06 30.88
N ASP J 53 16.62 20.80 30.70
CA ASP J 53 17.64 19.75 30.67
C ASP J 53 18.41 19.66 29.35
N ALA J 54 18.18 20.58 28.40
CA ALA J 54 19.03 20.69 27.23
C ALA J 54 20.04 21.80 27.49
N ARG J 55 21.31 21.44 27.56
CA ARG J 55 22.35 22.39 27.94
C ARG J 55 23.53 22.23 27.00
N ASP J 56 24.52 23.09 27.20
CA ASP J 56 25.73 23.08 26.40
C ASP J 56 26.80 23.79 27.21
N GLN J 57 27.99 23.20 27.28
CA GLN J 57 29.03 23.69 28.18
C GLN J 57 30.36 23.81 27.44
N TYR J 58 30.99 24.96 27.60
CA TYR J 58 32.19 25.34 26.88
C TYR J 58 33.36 25.38 27.84
N GLU J 59 34.53 25.75 27.32
CA GLU J 59 35.72 25.89 28.13
C GLU J 59 36.71 26.80 27.42
N ILE J 60 37.22 27.79 28.14
CA ILE J 60 38.23 28.71 27.64
C ILE J 60 39.54 28.44 28.35
N ARG J 61 40.61 28.26 27.59
CA ARG J 61 41.92 27.93 28.13
C ARG J 61 42.84 29.13 28.09
N THR J 62 43.94 29.02 28.84
CA THR J 62 45.00 30.04 28.84
C THR J 62 46.32 29.34 29.10
N HIS J 63 47.18 29.27 28.10
CA HIS J 63 48.45 28.60 28.25
C HIS J 63 49.52 29.57 28.76
N LYS J 64 50.30 29.12 29.74
CA LYS J 64 51.40 29.90 30.26
C LYS J 64 52.72 29.21 29.94
N ARG J 65 53.79 30.01 29.94
CA ARG J 65 55.08 29.56 29.46
C ARG J 65 56.17 30.52 29.89
N VAL J 66 57.21 30.02 30.55
CA VAL J 66 58.21 30.85 31.23
C VAL J 66 59.60 30.54 30.68
N LEU J 67 60.29 31.57 30.21
CA LEU J 67 61.69 31.47 29.80
C LEU J 67 62.62 31.88 30.93
N ASP J 68 63.90 31.65 30.71
CA ASP J 68 64.92 31.89 31.74
C ASP J 68 66.28 32.13 31.08
N ILE J 69 66.74 33.38 31.15
CA ILE J 69 68.07 33.74 30.65
C ILE J 69 69.10 33.34 31.69
N VAL J 70 70.38 33.43 31.32
CA VAL J 70 71.45 33.25 32.29
C VAL J 70 72.25 34.53 32.40
N GLN J 71 72.76 35.02 31.28
CA GLN J 71 73.56 36.25 31.28
C GLN J 71 72.91 37.33 30.44
N PRO J 72 72.34 38.37 31.05
CA PRO J 72 71.77 39.47 30.26
C PRO J 72 72.82 40.39 29.66
N THR J 73 73.01 40.28 28.34
CA THR J 73 73.86 41.22 27.62
C THR J 73 73.29 41.59 26.26
N ASP J 74 72.07 41.17 25.94
CA ASP J 74 71.49 41.36 24.61
C ASP J 74 70.23 42.18 24.70
N LYS J 75 70.24 43.34 24.05
CA LYS J 75 69.04 44.11 23.74
C LYS J 75 68.47 43.74 22.38
N THR J 76 68.92 42.62 21.81
CA THR J 76 68.46 42.19 20.50
C THR J 76 66.99 41.77 20.54
N VAL J 77 66.57 41.05 21.58
CA VAL J 77 65.18 40.65 21.71
C VAL J 77 64.29 41.83 22.09
N ASP J 78 64.87 42.92 22.58
CA ASP J 78 64.08 44.10 22.92
C ASP J 78 63.57 44.79 21.66
N ALA J 79 64.37 44.77 20.59
CA ALA J 79 63.89 45.26 19.30
C ALA J 79 63.06 44.22 18.58
N LEU J 80 63.36 42.94 18.79
CA LEU J 80 62.63 41.85 18.14
C LEU J 80 61.46 41.37 19.00
N MET J 81 60.66 42.31 19.48
CA MET J 81 59.45 41.98 20.22
C MET J 81 58.21 42.04 19.35
N LYS J 82 58.17 43.01 18.43
CA LYS J 82 57.11 43.08 17.44
C LYS J 82 57.17 41.90 16.47
N LEU J 83 58.35 41.32 16.27
CA LEU J 83 58.46 40.08 15.52
C LEU J 83 57.91 38.90 16.33
N ASP J 84 58.33 38.79 17.59
CA ASP J 84 57.94 37.64 18.40
C ASP J 84 56.51 37.72 18.90
N LEU J 85 55.88 38.89 18.91
CA LEU J 85 54.43 38.95 19.05
C LEU J 85 53.82 38.78 17.67
N ALA J 86 52.91 37.84 17.54
CA ALA J 86 52.31 37.57 16.24
C ALA J 86 50.82 37.90 16.19
N ALA J 87 50.02 37.21 16.98
CA ALA J 87 48.60 37.55 16.94
C ALA J 87 47.97 37.70 18.31
N GLY J 88 48.31 36.81 19.25
CA GLY J 88 47.58 36.76 20.50
C GLY J 88 48.47 36.41 21.67
N VAL J 89 49.78 36.62 21.52
CA VAL J 89 50.74 36.34 22.56
C VAL J 89 51.05 37.63 23.29
N GLU J 90 50.95 37.59 24.61
CA GLU J 90 51.40 38.69 25.47
C GLU J 90 52.63 38.27 26.24
N VAL J 91 53.63 39.14 26.27
CA VAL J 91 54.92 38.84 26.88
C VAL J 91 55.18 39.90 27.94
N GLN J 92 55.15 39.49 29.20
CA GLN J 92 55.68 40.28 30.30
C GLN J 92 57.13 39.86 30.52
N ILE J 93 58.01 40.84 30.68
CA ILE J 93 59.45 40.58 30.69
C ILE J 93 59.93 40.37 32.13
N SER J 94 60.69 39.29 32.33
CA SER J 94 61.38 39.02 33.59
C SER J 94 62.77 38.51 33.20
N LEU J 95 63.70 39.46 33.04
CA LEU J 95 65.01 39.20 32.45
C LEU J 95 65.95 38.83 33.59
N GLY J 96 65.93 37.54 33.94
CA GLY J 96 66.60 37.06 35.15
C GLY J 96 68.11 37.02 35.12
N LYS K 1 -7.40 -62.53 58.91
CA LYS K 1 -7.84 -63.06 57.64
C LYS K 1 -6.70 -63.05 56.64
N THR K 2 -6.57 -64.12 55.87
CA THR K 2 -5.40 -64.33 55.00
C THR K 2 -5.86 -64.59 53.58
N VAL K 3 -5.46 -63.70 52.67
CA VAL K 3 -5.60 -63.91 51.22
C VAL K 3 -4.28 -63.54 50.57
N VAL K 4 -3.98 -64.21 49.46
CA VAL K 4 -2.78 -63.92 48.67
C VAL K 4 -3.18 -63.83 47.21
N ASP K 5 -2.26 -63.25 46.41
CA ASP K 5 -2.40 -63.05 44.97
C ASP K 5 -3.63 -62.21 44.64
N GLY K 6 -3.58 -60.96 45.09
CA GLY K 6 -4.67 -60.02 44.88
C GLY K 6 -4.56 -59.29 43.55
N ILE K 7 -5.55 -58.44 43.30
CA ILE K 7 -5.68 -57.69 42.06
C ILE K 7 -5.84 -56.21 42.40
N ALA K 8 -5.00 -55.37 41.79
CA ALA K 8 -5.01 -53.94 42.03
C ALA K 8 -5.72 -53.23 40.88
N HIS K 9 -6.77 -52.48 41.20
CA HIS K 9 -7.52 -51.72 40.22
C HIS K 9 -7.20 -50.24 40.35
N ILE K 10 -6.93 -49.60 39.22
CA ILE K 10 -6.53 -48.20 39.18
C ILE K 10 -7.46 -47.48 38.23
N HIS K 11 -8.16 -46.46 38.74
CA HIS K 11 -9.11 -45.68 37.97
C HIS K 11 -8.64 -44.24 37.95
N ALA K 12 -8.32 -43.72 36.77
CA ALA K 12 -7.64 -42.43 36.64
C ALA K 12 -8.44 -41.50 35.75
N SER K 13 -9.14 -40.55 36.35
CA SER K 13 -9.88 -39.56 35.59
C SER K 13 -8.98 -38.36 35.30
N PHE K 14 -9.59 -37.27 34.83
CA PHE K 14 -8.84 -36.03 34.66
C PHE K 14 -8.74 -35.21 35.92
N ASN K 15 -9.42 -35.61 36.98
CA ASN K 15 -9.45 -34.80 38.18
C ASN K 15 -9.18 -35.56 39.46
N ASN K 16 -9.10 -36.88 39.41
CA ASN K 16 -9.01 -37.67 40.62
C ASN K 16 -8.52 -39.06 40.22
N THR K 17 -7.94 -39.77 41.18
CA THR K 17 -7.41 -41.10 40.92
C THR K 17 -7.77 -42.00 42.09
N ILE K 18 -8.41 -43.13 41.79
CA ILE K 18 -8.94 -44.04 42.79
C ILE K 18 -8.26 -45.38 42.61
N VAL K 19 -7.68 -45.91 43.70
CA VAL K 19 -6.94 -47.17 43.68
C VAL K 19 -7.62 -48.12 44.65
N THR K 20 -7.83 -49.37 44.22
CA THR K 20 -8.53 -50.36 45.03
C THR K 20 -7.81 -51.69 44.94
N ILE K 21 -7.55 -52.31 46.09
CA ILE K 21 -6.93 -53.63 46.17
C ILE K 21 -8.02 -54.66 46.42
N THR K 22 -8.13 -55.64 45.53
CA THR K 22 -9.16 -56.66 45.66
C THR K 22 -8.58 -58.07 45.59
N ASP K 23 -9.46 -59.07 45.51
CA ASP K 23 -9.11 -60.46 45.32
C ASP K 23 -9.54 -60.91 43.92
N ARG K 24 -9.40 -62.21 43.64
CA ARG K 24 -9.96 -62.74 42.39
C ARG K 24 -11.47 -62.76 42.41
N GLN K 25 -12.09 -62.74 43.58
CA GLN K 25 -13.54 -62.75 43.67
C GLN K 25 -14.15 -61.39 43.39
N GLY K 26 -13.35 -60.33 43.34
CA GLY K 26 -13.90 -59.01 43.18
C GLY K 26 -14.57 -58.53 44.44
N ASN K 27 -13.80 -58.44 45.51
CA ASN K 27 -14.29 -57.98 46.81
C ASN K 27 -13.33 -56.94 47.36
N ALA K 28 -13.89 -55.91 47.98
CA ALA K 28 -13.08 -54.80 48.44
C ALA K 28 -12.25 -55.19 49.66
N LEU K 29 -10.97 -54.85 49.61
CA LEU K 29 -10.09 -54.94 50.77
C LEU K 29 -9.60 -53.58 51.21
N SER K 30 -9.07 -52.77 50.29
CA SER K 30 -8.56 -51.46 50.64
C SER K 30 -8.69 -50.53 49.44
N TRP K 31 -9.36 -49.40 49.65
CA TRP K 31 -9.51 -48.37 48.65
C TRP K 31 -8.83 -47.10 49.14
N ALA K 32 -8.28 -46.33 48.21
CA ALA K 32 -7.65 -45.08 48.58
C ALA K 32 -7.70 -44.13 47.39
N THR K 33 -8.02 -42.87 47.67
CA THR K 33 -8.26 -41.87 46.63
C THR K 33 -7.30 -40.71 46.79
N SER K 34 -7.20 -39.92 45.72
CA SER K 34 -6.29 -38.78 45.73
C SER K 34 -6.81 -37.64 46.57
N GLY K 35 -8.14 -37.53 46.68
CA GLY K 35 -8.70 -36.48 47.50
C GLY K 35 -8.59 -36.74 48.98
N GLY K 36 -8.49 -38.01 49.38
CA GLY K 36 -8.37 -38.33 50.80
C GLY K 36 -7.00 -38.05 51.38
N SER K 37 -6.00 -37.86 50.52
CA SER K 37 -4.66 -37.50 50.98
C SER K 37 -4.52 -36.01 51.21
N GLY K 38 -5.57 -35.23 51.01
CA GLY K 38 -5.55 -33.82 51.33
C GLY K 38 -4.89 -32.95 50.27
N PHE K 39 -5.41 -32.97 49.05
CA PHE K 39 -4.92 -32.06 48.02
C PHE K 39 -5.99 -31.09 47.56
N ARG K 40 -7.11 -31.59 47.03
CA ARG K 40 -8.37 -30.87 46.84
C ARG K 40 -8.22 -29.63 45.96
N GLY K 41 -7.92 -29.86 44.69
CA GLY K 41 -7.94 -28.75 43.75
C GLY K 41 -7.12 -28.94 42.49
N SER K 42 -6.26 -27.96 42.19
CA SER K 42 -5.34 -28.12 41.08
C SER K 42 -4.23 -29.10 41.42
N ARG K 43 -3.91 -29.21 42.72
CA ARG K 43 -2.93 -30.17 43.17
C ARG K 43 -3.47 -31.58 43.16
N LYS K 44 -4.78 -31.73 43.10
CA LYS K 44 -5.43 -33.03 43.14
C LYS K 44 -5.15 -33.84 41.88
N SER K 45 -4.97 -33.18 40.75
CA SER K 45 -4.88 -33.85 39.46
C SER K 45 -3.45 -34.19 39.06
N THR K 46 -2.51 -33.99 39.94
CA THR K 46 -1.11 -34.17 39.63
C THR K 46 -0.73 -35.65 39.73
N PRO K 47 0.25 -36.11 38.96
CA PRO K 47 0.73 -37.48 39.11
C PRO K 47 1.55 -37.71 40.36
N PHE K 48 1.91 -36.67 41.10
CA PHE K 48 2.51 -36.89 42.41
C PHE K 48 1.48 -37.39 43.40
N ALA K 49 0.27 -36.84 43.37
CA ALA K 49 -0.77 -37.26 44.30
C ALA K 49 -1.28 -38.66 43.98
N ALA K 50 -0.99 -39.18 42.80
CA ALA K 50 -1.25 -40.58 42.49
C ALA K 50 -0.16 -41.50 43.00
N GLN K 51 0.89 -40.97 43.63
CA GLN K 51 1.82 -41.80 44.39
C GLN K 51 1.50 -41.82 45.86
N VAL K 52 0.97 -40.74 46.41
CA VAL K 52 0.64 -40.70 47.82
C VAL K 52 -0.52 -41.63 48.12
N ALA K 53 -1.56 -41.59 47.30
CA ALA K 53 -2.70 -42.46 47.50
C ALA K 53 -2.42 -43.90 47.10
N ALA K 54 -1.40 -44.13 46.28
CA ALA K 54 -1.10 -45.49 45.85
C ALA K 54 -0.44 -46.28 46.97
N GLU K 55 0.54 -45.68 47.65
CA GLU K 55 1.20 -46.37 48.74
C GLU K 55 0.30 -46.51 49.96
N ARG K 56 -0.63 -45.57 50.15
CA ARG K 56 -1.50 -45.64 51.31
C ARG K 56 -2.52 -46.76 51.18
N ALA K 57 -2.89 -47.11 49.95
CA ALA K 57 -3.65 -48.33 49.74
C ALA K 57 -2.78 -49.55 49.95
N GLY K 58 -1.48 -49.43 49.69
CA GLY K 58 -0.55 -50.53 49.86
C GLY K 58 -0.07 -50.77 51.27
N GLN K 59 -0.63 -50.07 52.25
CA GLN K 59 -0.28 -50.27 53.64
C GLN K 59 -1.38 -50.91 54.46
N ALA K 60 -2.64 -50.66 54.13
CA ALA K 60 -3.73 -51.42 54.72
C ALA K 60 -3.99 -52.73 54.00
N ALA K 61 -3.20 -53.05 52.98
CA ALA K 61 -3.29 -54.34 52.31
C ALA K 61 -2.41 -55.40 52.96
N LEU K 62 -1.46 -54.99 53.78
CA LEU K 62 -0.62 -55.94 54.51
C LEU K 62 -1.29 -56.44 55.77
N GLU K 63 -2.51 -56.00 56.06
CA GLU K 63 -3.34 -56.65 57.06
C GLU K 63 -3.63 -58.09 56.70
N TYR K 64 -3.77 -58.40 55.42
CA TYR K 64 -4.21 -59.70 54.96
C TYR K 64 -3.14 -60.47 54.21
N GLY K 65 -1.95 -59.92 54.07
CA GLY K 65 -0.91 -60.59 53.31
C GLY K 65 -0.69 -59.97 51.96
N LEU K 66 -1.16 -60.67 50.91
CA LEU K 66 -1.17 -60.20 49.51
C LEU K 66 0.23 -59.88 49.00
N LYS K 67 1.03 -60.94 48.89
CA LYS K 67 2.39 -60.80 48.41
C LYS K 67 2.48 -60.74 46.89
N ASN K 68 1.36 -60.84 46.17
CA ASN K 68 1.36 -60.86 44.72
C ASN K 68 0.23 -59.98 44.22
N LEU K 69 0.52 -59.12 43.24
CA LEU K 69 -0.46 -58.18 42.73
C LEU K 69 -0.59 -58.32 41.22
N ASP K 70 -1.80 -58.02 40.75
CA ASP K 70 -2.13 -58.05 39.33
C ASP K 70 -2.83 -56.75 39.00
N VAL K 71 -2.24 -55.97 38.09
CA VAL K 71 -2.57 -54.56 37.95
C VAL K 71 -3.42 -54.35 36.71
N ASN K 72 -4.57 -53.70 36.88
CA ASN K 72 -5.41 -53.24 35.79
C ASN K 72 -5.44 -51.72 35.81
N VAL K 73 -4.93 -51.10 34.76
CA VAL K 73 -4.87 -49.65 34.65
C VAL K 73 -6.02 -49.19 33.77
N LYS K 74 -6.73 -48.15 34.22
CA LYS K 74 -7.96 -47.75 33.56
C LYS K 74 -8.12 -46.25 33.65
N GLY K 75 -8.10 -45.57 32.51
CA GLY K 75 -8.35 -44.15 32.50
C GLY K 75 -7.41 -43.36 31.61
N PRO K 76 -7.82 -42.17 31.23
CA PRO K 76 -6.98 -41.35 30.33
C PRO K 76 -6.04 -40.41 31.05
N GLY K 77 -6.29 -40.13 32.32
CA GLY K 77 -5.71 -38.99 32.98
C GLY K 77 -4.24 -39.19 33.33
N PRO K 78 -3.63 -38.14 33.86
CA PRO K 78 -2.22 -38.24 34.27
C PRO K 78 -2.10 -39.04 35.56
N GLY K 79 -0.88 -39.51 35.80
CA GLY K 79 -0.69 -40.49 36.85
C GLY K 79 -1.08 -41.89 36.43
N ARG K 80 -1.22 -42.12 35.13
CA ARG K 80 -1.64 -43.42 34.62
C ARG K 80 -0.55 -44.47 34.82
N GLU K 81 0.72 -44.07 34.71
CA GLU K 81 1.84 -44.97 34.91
C GLU K 81 2.65 -44.65 36.15
N SER K 82 2.47 -43.48 36.75
CA SER K 82 3.19 -43.16 37.96
C SER K 82 2.71 -43.97 39.16
N ALA K 83 1.47 -44.43 39.13
CA ALA K 83 0.95 -45.21 40.24
C ALA K 83 1.54 -46.61 40.29
N VAL K 84 1.99 -47.14 39.16
CA VAL K 84 2.55 -48.49 39.15
C VAL K 84 3.91 -48.50 39.83
N ARG K 85 4.71 -47.45 39.60
CA ARG K 85 6.01 -47.33 40.25
C ARG K 85 5.91 -47.09 41.74
N ALA K 86 4.74 -46.73 42.26
CA ALA K 86 4.52 -46.57 43.69
C ALA K 86 3.88 -47.79 44.31
N LEU K 87 3.83 -48.92 43.60
CA LEU K 87 3.27 -50.15 44.13
C LEU K 87 4.34 -51.07 44.72
N ASN K 88 5.35 -51.45 43.91
CA ASN K 88 6.42 -52.27 44.43
C ASN K 88 7.41 -51.49 45.30
N ALA K 89 7.25 -50.17 45.40
CA ALA K 89 7.96 -49.42 46.43
C ALA K 89 7.58 -49.90 47.83
N CYS K 90 6.32 -50.30 48.02
CA CYS K 90 5.92 -50.92 49.27
C CYS K 90 6.35 -52.38 49.37
N GLY K 91 6.87 -52.96 48.29
CA GLY K 91 7.39 -54.31 48.33
C GLY K 91 6.40 -55.36 47.89
N TYR K 92 5.79 -55.17 46.72
CA TYR K 92 4.80 -56.08 46.19
C TYR K 92 5.30 -56.68 44.89
N LYS K 93 5.25 -58.00 44.77
CA LYS K 93 5.59 -58.64 43.50
C LYS K 93 4.47 -58.40 42.51
N ILE K 94 4.73 -57.57 41.51
CA ILE K 94 3.76 -57.30 40.45
C ILE K 94 3.97 -58.34 39.35
N ALA K 95 2.92 -59.12 39.08
CA ALA K 95 3.06 -60.17 38.09
C ALA K 95 2.93 -59.64 36.67
N SER K 96 1.77 -59.06 36.35
CA SER K 96 1.52 -58.58 35.01
C SER K 96 0.70 -57.30 35.06
N ILE K 97 0.87 -56.48 34.04
CA ILE K 97 0.21 -55.19 33.93
C ILE K 97 -0.70 -55.25 32.72
N THR K 98 -1.93 -54.77 32.87
CA THR K 98 -2.93 -54.94 31.83
C THR K 98 -3.76 -53.67 31.67
N ASP K 99 -3.87 -53.21 30.42
CA ASP K 99 -4.78 -52.13 30.06
C ASP K 99 -6.20 -52.64 30.01
N VAL K 100 -7.09 -51.98 30.74
CA VAL K 100 -8.53 -52.11 30.54
C VAL K 100 -9.07 -50.71 30.22
N THR K 101 -9.76 -50.59 29.12
CA THR K 101 -10.19 -49.28 28.66
C THR K 101 -11.54 -49.39 27.96
N PRO K 102 -12.55 -48.70 28.44
CA PRO K 102 -13.86 -48.76 27.80
C PRO K 102 -13.91 -47.95 26.52
N ILE K 103 -13.87 -48.65 25.38
CA ILE K 103 -13.92 -47.98 24.09
C ILE K 103 -15.15 -48.44 23.34
N PRO K 104 -16.13 -47.57 23.15
CA PRO K 104 -17.32 -47.96 22.40
C PRO K 104 -17.01 -48.01 20.93
N HIS K 105 -17.58 -49.01 20.25
CA HIS K 105 -17.43 -49.11 18.81
C HIS K 105 -18.18 -48.00 18.11
N ASN K 106 -19.44 -47.79 18.50
CA ASN K 106 -20.13 -46.56 18.13
C ASN K 106 -20.59 -45.78 19.36
N GLY K 107 -21.36 -46.42 20.23
CA GLY K 107 -21.68 -45.86 21.53
C GLY K 107 -22.69 -44.72 21.46
N CYS K 108 -23.04 -44.22 22.64
CA CYS K 108 -23.87 -43.04 22.73
C CYS K 108 -23.06 -41.81 22.39
N ARG K 109 -23.76 -40.75 22.03
CA ARG K 109 -23.01 -39.57 21.64
C ARG K 109 -22.56 -38.79 22.88
N PRO K 110 -21.36 -38.22 22.84
CA PRO K 110 -20.82 -37.54 24.01
C PRO K 110 -21.41 -36.15 24.14
N PRO K 111 -21.12 -35.42 25.21
CA PRO K 111 -21.58 -34.03 25.31
C PRO K 111 -20.92 -33.12 24.29
N LYS K 112 -21.44 -31.89 24.23
CA LYS K 112 -21.06 -30.93 23.22
C LYS K 112 -19.70 -30.31 23.54
N LYS K 113 -19.16 -29.58 22.57
CA LYS K 113 -17.82 -29.01 22.70
C LYS K 113 -17.85 -27.71 23.48
N ARG K 114 -16.86 -27.54 24.34
CA ARG K 114 -16.75 -26.36 25.17
C ARG K 114 -16.38 -25.14 24.34
N ARG K 115 -16.67 -23.97 24.87
CA ARG K 115 -16.27 -22.72 24.24
C ARG K 115 -15.70 -21.76 25.27
N ALA L 1 -27.96 -12.68 -25.16
CA ALA L 1 -29.12 -13.54 -25.37
C ALA L 1 -29.18 -13.95 -26.83
N THR L 2 -29.64 -15.16 -27.09
CA THR L 2 -29.69 -15.64 -28.46
C THR L 2 -30.84 -14.98 -29.21
N ILE L 3 -30.87 -15.22 -30.51
CA ILE L 3 -31.85 -14.56 -31.36
C ILE L 3 -33.23 -15.16 -31.14
N ASN L 4 -33.30 -16.46 -30.86
CA ASN L 4 -34.58 -17.11 -30.73
C ASN L 4 -35.24 -16.82 -29.40
N GLN L 5 -34.56 -16.13 -28.49
CA GLN L 5 -35.21 -15.64 -27.28
C GLN L 5 -35.77 -14.24 -27.49
N LEU L 6 -35.05 -13.41 -28.24
CA LEU L 6 -35.50 -12.05 -28.48
C LEU L 6 -36.71 -11.98 -29.38
N VAL L 7 -36.93 -13.00 -30.21
CA VAL L 7 -38.17 -13.11 -30.94
C VAL L 7 -39.33 -13.33 -29.99
N ARG L 8 -39.11 -14.13 -28.96
CA ARG L 8 -40.17 -14.46 -28.03
C ARG L 8 -40.42 -13.37 -27.01
N LYS L 9 -39.40 -12.57 -26.68
CA LYS L 9 -39.53 -11.51 -25.67
C LYS L 9 -38.56 -10.38 -25.98
N PRO L 10 -38.97 -9.42 -26.80
CA PRO L 10 -38.03 -8.41 -27.30
C PRO L 10 -37.59 -7.44 -26.22
N ARG L 11 -36.51 -6.71 -26.54
CA ARG L 11 -35.81 -5.87 -25.57
C ARG L 11 -36.61 -4.60 -25.32
N LYS L 12 -37.13 -4.48 -24.10
CA LYS L 12 -38.04 -3.40 -23.75
C LYS L 12 -37.25 -2.31 -23.07
N ARG L 13 -37.22 -1.14 -23.69
CA ARG L 13 -36.38 -0.04 -23.22
C ARG L 13 -37.04 0.63 -22.02
N MET L 14 -36.28 0.77 -20.94
CA MET L 14 -36.82 1.35 -19.72
C MET L 14 -36.96 2.87 -19.86
N VAL L 15 -37.89 3.42 -19.10
CA VAL L 15 -38.25 4.83 -19.23
C VAL L 15 -37.95 5.57 -17.95
N ASP L 16 -37.76 6.88 -18.08
CA ASP L 16 -37.59 7.78 -16.95
C ASP L 16 -38.86 8.58 -16.74
N LYS L 17 -38.83 9.46 -15.74
CA LYS L 17 -39.92 10.39 -15.48
C LYS L 17 -39.33 11.73 -15.12
N SER L 18 -40.19 12.75 -15.09
CA SER L 18 -39.75 14.13 -14.97
C SER L 18 -39.27 14.43 -13.56
N ASP L 19 -38.10 15.07 -13.47
CA ASP L 19 -37.61 15.57 -12.19
C ASP L 19 -38.42 16.74 -11.67
N VAL L 20 -39.21 17.37 -12.54
CA VAL L 20 -40.17 18.38 -12.15
C VAL L 20 -41.55 17.79 -12.38
N PRO L 21 -42.16 17.17 -11.37
CA PRO L 21 -43.44 16.48 -11.59
C PRO L 21 -44.60 17.44 -11.70
N ALA L 22 -44.59 18.53 -10.93
CA ALA L 22 -45.60 19.57 -11.11
C ALA L 22 -45.23 20.39 -12.33
N LEU L 23 -46.10 21.37 -12.64
CA LEU L 23 -46.06 22.17 -13.87
C LEU L 23 -45.86 21.29 -15.10
N GLN L 24 -46.89 20.49 -15.34
CA GLN L 24 -46.86 19.39 -16.30
C GLN L 24 -46.72 19.92 -17.73
N ASN L 25 -45.49 19.81 -18.23
CA ASN L 25 -45.08 20.22 -19.58
C ASN L 25 -45.39 21.71 -19.83
N CYS L 26 -44.81 22.57 -18.98
CA CYS L 26 -44.90 24.00 -19.18
C CYS L 26 -43.73 24.67 -18.48
N PRO L 27 -43.17 25.73 -19.03
CA PRO L 27 -41.92 26.27 -18.50
C PRO L 27 -42.06 27.09 -17.24
N GLN L 28 -43.10 27.91 -17.15
CA GLN L 28 -43.41 28.67 -15.94
C GLN L 28 -44.76 28.23 -15.40
N ARG L 29 -45.11 28.80 -14.25
CA ARG L 29 -46.36 28.52 -13.56
C ARG L 29 -46.54 29.56 -12.47
N ARG L 30 -47.76 30.06 -12.28
CA ARG L 30 -47.96 30.98 -11.18
C ARG L 30 -48.54 30.27 -9.99
N GLY L 31 -48.47 30.94 -8.85
CA GLY L 31 -49.10 30.44 -7.64
C GLY L 31 -49.09 31.51 -6.58
N VAL L 32 -49.96 31.35 -5.62
CA VAL L 32 -50.00 32.23 -4.48
C VAL L 32 -49.22 31.56 -3.35
N CYS L 33 -48.56 32.36 -2.52
CA CYS L 33 -47.70 31.82 -1.48
C CYS L 33 -48.45 31.69 -0.17
N THR L 34 -47.95 30.81 0.69
CA THR L 34 -48.57 30.49 1.97
C THR L 34 -47.70 30.84 3.16
N ARG L 35 -46.46 30.37 3.19
CA ARG L 35 -45.60 30.51 4.34
C ARG L 35 -44.21 30.89 3.84
N VAL L 36 -43.50 31.70 4.60
CA VAL L 36 -42.13 32.06 4.29
C VAL L 36 -41.26 31.55 5.44
N TYR L 37 -40.75 30.34 5.29
CA TYR L 37 -39.81 29.81 6.27
C TYR L 37 -38.43 30.41 6.03
N THR L 38 -37.51 30.08 6.94
CA THR L 38 -36.07 30.29 6.75
C THR L 38 -35.39 29.04 7.31
N THR L 39 -35.10 28.08 6.45
CA THR L 39 -34.53 26.82 6.89
C THR L 39 -33.00 26.83 6.80
N THR L 40 -32.40 25.78 7.35
CA THR L 40 -30.99 25.48 7.47
C THR L 40 -30.60 24.40 6.46
N PRO L 41 -29.42 24.51 5.85
CA PRO L 41 -29.02 23.53 4.84
C PRO L 41 -28.53 22.21 5.40
N LYS L 42 -27.95 21.37 4.55
CA LYS L 42 -27.39 20.08 4.98
C LYS L 42 -26.05 20.28 5.67
N LYS L 43 -25.31 19.17 5.85
CA LYS L 43 -24.19 19.17 6.79
C LYS L 43 -22.98 19.99 6.37
N PRO L 44 -22.35 19.81 5.19
CA PRO L 44 -21.06 20.48 4.97
C PRO L 44 -21.14 21.98 4.73
N ASN L 45 -22.33 22.57 4.69
CA ASN L 45 -22.45 24.01 4.62
C ASN L 45 -22.83 24.57 5.98
N SER L 46 -22.98 25.89 6.03
CA SER L 46 -23.55 26.57 7.19
C SER L 46 -24.11 27.90 6.70
N ALA L 47 -25.42 28.05 6.79
CA ALA L 47 -26.13 29.22 6.26
C ALA L 47 -27.54 29.19 6.85
N LEU L 48 -28.42 30.02 6.31
CA LEU L 48 -29.84 30.00 6.67
C LEU L 48 -30.62 30.38 5.41
N ARG L 49 -31.04 29.38 4.66
CA ARG L 49 -31.67 29.59 3.37
C ARG L 49 -33.14 30.00 3.54
N LYS L 50 -33.64 30.77 2.58
CA LYS L 50 -34.99 31.33 2.63
C LYS L 50 -35.90 30.60 1.65
N VAL L 51 -36.97 30.00 2.18
CA VAL L 51 -37.83 29.07 1.46
C VAL L 51 -39.28 29.49 1.64
N CYS L 52 -39.98 29.69 0.53
CA CYS L 52 -41.42 29.94 0.55
C CYS L 52 -42.16 28.71 0.04
N ARG L 53 -43.39 28.55 0.51
CA ARG L 53 -44.25 27.44 0.12
C ARG L 53 -45.44 27.98 -0.63
N VAL L 54 -45.72 27.41 -1.80
CA VAL L 54 -46.61 27.98 -2.78
C VAL L 54 -47.73 26.99 -3.07
N ARG L 55 -48.95 27.49 -3.21
CA ARG L 55 -50.06 26.73 -3.75
C ARG L 55 -50.32 27.20 -5.17
N LEU L 56 -50.15 26.32 -6.14
CA LEU L 56 -50.22 26.70 -7.54
C LEU L 56 -51.66 26.82 -8.01
N THR L 57 -51.86 26.93 -9.31
CA THR L 57 -53.19 26.81 -9.89
C THR L 57 -53.53 25.37 -10.25
N ASN L 58 -52.56 24.46 -10.18
CA ASN L 58 -52.86 23.04 -10.28
C ASN L 58 -53.50 22.51 -9.01
N GLY L 59 -53.29 23.18 -7.89
CA GLY L 59 -53.71 22.70 -6.59
C GLY L 59 -52.60 22.08 -5.77
N PHE L 60 -51.38 22.03 -6.30
CA PHE L 60 -50.27 21.36 -5.61
C PHE L 60 -49.63 22.33 -4.63
N GLU L 61 -49.06 21.76 -3.56
CA GLU L 61 -48.52 22.52 -2.43
C GLU L 61 -47.05 22.16 -2.33
N VAL L 62 -46.20 22.88 -3.06
CA VAL L 62 -44.78 22.56 -3.14
C VAL L 62 -43.96 23.73 -2.62
N SER L 63 -42.81 23.40 -2.04
CA SER L 63 -41.90 24.41 -1.55
C SER L 63 -41.11 24.99 -2.71
N SER L 64 -40.52 26.16 -2.49
CA SER L 64 -39.80 26.84 -3.54
C SER L 64 -38.60 27.55 -2.93
N TYR L 65 -37.83 28.21 -3.78
CA TYR L 65 -36.64 28.90 -3.35
C TYR L 65 -36.67 30.32 -3.90
N ILE L 66 -36.11 31.26 -3.13
CA ILE L 66 -36.10 32.66 -3.49
C ILE L 66 -34.66 33.13 -3.49
N GLY L 67 -34.19 33.62 -4.63
CA GLY L 67 -32.83 34.06 -4.77
C GLY L 67 -32.67 35.52 -4.40
N GLY L 68 -31.60 36.12 -4.93
CA GLY L 68 -31.39 37.54 -4.74
C GLY L 68 -30.68 37.84 -3.43
N GLU L 69 -30.98 39.02 -2.89
CA GLU L 69 -30.39 39.48 -1.64
C GLU L 69 -31.41 40.04 -0.65
N GLY L 70 -32.66 40.21 -1.04
CA GLY L 70 -33.70 40.67 -0.15
C GLY L 70 -35.04 40.67 -0.85
N HIS L 71 -36.06 40.12 -0.20
CA HIS L 71 -37.34 39.92 -0.85
C HIS L 71 -38.44 40.62 -0.07
N ASN L 72 -39.39 41.19 -0.80
CA ASN L 72 -40.54 41.87 -0.21
C ASN L 72 -41.74 40.96 -0.06
N LEU L 73 -41.52 39.64 -0.08
CA LEU L 73 -42.60 38.69 -0.31
C LEU L 73 -43.33 38.42 1.00
N GLN L 74 -44.32 39.24 1.27
CA GLN L 74 -45.33 38.97 2.27
C GLN L 74 -46.29 37.93 1.72
N GLU L 75 -47.01 37.24 2.61
CA GLU L 75 -47.88 36.14 2.24
C GLU L 75 -49.07 36.63 1.42
N HIS L 76 -49.77 35.67 0.82
CA HIS L 76 -50.92 35.89 -0.08
C HIS L 76 -50.56 36.76 -1.29
N SER L 77 -49.31 36.70 -1.73
CA SER L 77 -48.86 37.45 -2.90
C SER L 77 -48.53 36.46 -4.00
N VAL L 78 -48.98 36.76 -5.22
CA VAL L 78 -48.74 35.86 -6.35
C VAL L 78 -47.27 35.90 -6.73
N VAL L 79 -46.76 34.77 -7.22
CA VAL L 79 -45.40 34.68 -7.73
C VAL L 79 -45.46 33.99 -9.08
N LEU L 80 -44.30 33.71 -9.65
CA LEU L 80 -44.23 32.95 -10.90
C LEU L 80 -43.03 32.03 -10.76
N ILE L 81 -43.27 30.75 -10.54
CA ILE L 81 -42.18 29.83 -10.24
C ILE L 81 -41.72 29.16 -11.51
N ARG L 82 -40.53 28.56 -11.44
CA ARG L 82 -39.96 27.81 -12.54
C ARG L 82 -39.10 26.72 -11.93
N GLY L 83 -38.64 25.82 -12.77
CA GLY L 83 -37.89 24.68 -12.31
C GLY L 83 -36.50 25.06 -11.86
N GLY L 84 -35.76 24.05 -11.41
CA GLY L 84 -34.42 24.26 -10.94
C GLY L 84 -34.20 23.56 -9.61
N ARG L 85 -33.21 22.68 -9.57
CA ARG L 85 -33.03 21.74 -8.47
C ARG L 85 -31.93 22.25 -7.58
N VAL L 86 -32.27 22.67 -6.36
CA VAL L 86 -31.27 23.13 -5.42
C VAL L 86 -30.64 21.92 -4.73
N LYS L 87 -29.33 21.78 -4.87
CA LYS L 87 -28.65 20.60 -4.32
C LYS L 87 -28.57 20.67 -2.81
N ASP L 88 -28.53 21.87 -2.25
CA ASP L 88 -28.24 22.05 -0.83
C ASP L 88 -29.42 21.60 0.03
N LEU L 89 -30.55 22.22 -0.15
CA LEU L 89 -31.73 21.99 0.67
C LEU L 89 -32.43 20.70 0.25
N PRO L 90 -33.10 20.04 1.18
CA PRO L 90 -33.92 18.88 0.80
C PRO L 90 -35.35 19.28 0.51
N GLY L 91 -35.92 18.66 -0.51
CA GLY L 91 -37.31 18.90 -0.89
C GLY L 91 -37.56 20.13 -1.72
N VAL L 92 -36.55 20.98 -1.92
CA VAL L 92 -36.70 22.18 -2.72
C VAL L 92 -36.41 21.85 -4.17
N ARG L 93 -37.37 22.12 -5.04
CA ARG L 93 -37.23 21.80 -6.46
C ARG L 93 -37.59 22.96 -7.37
N TYR L 94 -37.86 24.15 -6.85
CA TYR L 94 -38.36 25.22 -7.71
C TYR L 94 -37.73 26.53 -7.31
N HIS L 95 -37.28 27.29 -8.29
CA HIS L 95 -36.86 28.66 -8.02
C HIS L 95 -38.06 29.59 -8.16
N THR L 96 -37.78 30.88 -8.22
CA THR L 96 -38.82 31.87 -8.32
C THR L 96 -38.31 33.04 -9.13
N VAL L 97 -39.06 33.41 -10.17
CA VAL L 97 -38.63 34.46 -11.09
C VAL L 97 -38.74 35.81 -10.40
N ARG L 98 -37.65 36.57 -10.44
CA ARG L 98 -37.64 37.90 -9.88
C ARG L 98 -38.13 38.90 -10.92
N GLY L 99 -38.79 39.94 -10.43
CA GLY L 99 -39.21 41.04 -11.29
C GLY L 99 -40.39 40.76 -12.18
N SER L 100 -41.01 39.60 -12.08
CA SER L 100 -42.07 39.25 -13.03
C SER L 100 -43.42 39.83 -12.62
N LEU L 101 -43.95 39.40 -11.48
CA LEU L 101 -45.27 39.80 -11.03
C LEU L 101 -45.25 40.63 -9.76
N ASP L 102 -44.61 40.13 -8.71
CA ASP L 102 -44.71 40.79 -7.41
C ASP L 102 -43.35 40.96 -6.76
N THR L 103 -42.40 40.09 -7.13
CA THR L 103 -41.13 40.06 -6.42
C THR L 103 -40.25 41.26 -6.75
N SER L 104 -40.42 41.84 -7.94
CA SER L 104 -39.92 43.17 -8.31
C SER L 104 -38.40 43.26 -8.31
N GLY L 105 -37.70 42.13 -8.44
CA GLY L 105 -36.28 42.17 -8.72
C GLY L 105 -35.43 42.56 -7.52
N VAL L 106 -34.21 42.99 -7.84
CA VAL L 106 -33.27 43.47 -6.83
C VAL L 106 -32.86 44.89 -7.20
N LYS L 107 -31.96 45.47 -6.40
CA LYS L 107 -31.60 46.87 -6.55
C LYS L 107 -30.11 47.03 -6.25
N ASP L 108 -29.51 48.01 -6.94
CA ASP L 108 -28.07 48.22 -7.00
C ASP L 108 -27.34 46.93 -7.38
N ARG L 109 -27.61 46.50 -8.61
CA ARG L 109 -26.94 45.32 -9.15
C ARG L 109 -26.55 45.62 -10.59
N LYS L 110 -25.31 45.34 -10.93
CA LYS L 110 -24.78 45.73 -12.23
C LYS L 110 -24.06 44.60 -12.98
N GLN L 111 -24.11 43.37 -12.47
CA GLN L 111 -23.53 42.24 -13.18
C GLN L 111 -24.57 41.15 -13.30
N GLY L 112 -24.92 40.81 -14.54
CA GLY L 112 -25.94 39.82 -14.82
C GLY L 112 -27.31 40.29 -14.40
N ARG L 113 -27.86 41.30 -15.07
CA ARG L 113 -29.12 41.87 -14.62
C ARG L 113 -30.32 41.21 -15.28
N SER L 114 -30.15 40.50 -16.39
CA SER L 114 -31.28 39.79 -16.96
C SER L 114 -31.67 38.62 -16.09
N LYS L 115 -30.70 38.01 -15.42
CA LYS L 115 -30.98 37.24 -14.24
C LYS L 115 -31.28 38.21 -13.11
N TYR L 116 -32.29 37.88 -12.30
CA TYR L 116 -32.82 38.63 -11.15
C TYR L 116 -33.60 39.87 -11.55
N GLY L 117 -33.63 40.22 -12.84
CA GLY L 117 -34.49 41.28 -13.32
C GLY L 117 -34.17 42.68 -12.86
N ALA L 118 -33.06 43.25 -13.33
CA ALA L 118 -32.69 44.62 -13.02
C ALA L 118 -32.56 45.41 -14.31
N LYS L 119 -32.81 46.71 -14.23
CA LYS L 119 -32.85 47.55 -15.43
C LYS L 119 -31.45 47.98 -15.81
N ARG L 120 -31.34 48.94 -16.73
CA ARG L 120 -30.06 49.45 -17.13
C ARG L 120 -29.93 50.92 -16.73
N PRO L 121 -28.92 51.30 -15.94
CA PRO L 121 -28.69 52.68 -15.49
C PRO L 121 -28.27 53.62 -16.61
N ARG M 1 9.03 23.67 94.43
CA ARG M 1 9.13 23.36 95.86
C ARG M 1 10.50 22.73 96.17
N ILE M 2 10.94 21.78 95.34
CA ILE M 2 12.28 21.24 95.49
C ILE M 2 13.32 22.25 95.04
N ALA M 3 13.15 22.78 93.82
CA ALA M 3 13.93 23.92 93.39
C ALA M 3 13.03 24.93 92.67
N GLY M 4 11.72 24.87 92.91
CA GLY M 4 10.74 25.58 92.11
C GLY M 4 9.81 24.58 91.47
N VAL M 5 10.37 23.48 90.98
CA VAL M 5 9.64 22.30 90.54
C VAL M 5 10.33 21.08 91.13
N ASN M 6 9.75 19.92 90.87
CA ASN M 6 10.42 18.68 91.22
C ASN M 6 11.56 18.44 90.26
N ILE M 7 12.63 17.82 90.77
CA ILE M 7 13.84 17.56 90.00
C ILE M 7 14.05 16.04 89.98
N PRO M 8 14.32 15.44 88.83
CA PRO M 8 14.53 13.99 88.77
C PRO M 8 15.81 13.56 89.48
N ASP M 9 15.92 12.26 89.66
CA ASP M 9 17.05 11.67 90.34
C ASP M 9 17.76 10.69 89.41
N ASN M 10 18.89 10.15 89.90
CA ASN M 10 19.77 9.25 89.17
C ASN M 10 20.28 9.85 87.86
N LYS M 11 20.43 11.17 87.83
CA LYS M 11 20.90 11.87 86.64
C LYS M 11 22.02 12.83 87.02
N HIS M 12 22.76 13.25 86.01
CA HIS M 12 23.76 14.28 86.22
C HIS M 12 23.09 15.64 86.45
N THR M 13 23.89 16.59 86.92
CA THR M 13 23.33 17.83 87.46
C THR M 13 22.80 18.76 86.38
N VAL M 14 23.55 18.90 85.28
CA VAL M 14 23.15 19.80 84.19
C VAL M 14 21.88 19.30 83.52
N ILE M 15 21.74 17.98 83.40
CA ILE M 15 20.50 17.42 82.87
C ILE M 15 19.37 17.62 83.86
N SER M 16 19.67 17.55 85.16
CA SER M 16 18.65 17.67 86.17
C SER M 16 18.16 19.10 86.29
N LEU M 17 19.05 20.08 86.11
CA LEU M 17 18.66 21.48 86.18
C LEU M 17 17.89 21.95 84.96
N THR M 18 17.80 21.14 83.91
CA THR M 18 17.18 21.56 82.67
C THR M 18 15.67 21.70 82.83
N TYR M 19 15.07 20.91 83.72
CA TYR M 19 13.63 20.90 83.91
C TYR M 19 13.12 22.10 84.70
N ILE M 20 13.99 23.05 85.06
CA ILE M 20 13.57 24.16 85.91
C ILE M 20 12.87 25.26 85.11
N TYR M 21 12.85 25.14 83.78
CA TYR M 21 11.94 25.86 82.88
C TYR M 21 12.19 27.37 82.93
N GLY M 22 13.33 27.76 82.38
CA GLY M 22 13.81 29.12 82.42
C GLY M 22 15.31 29.10 82.42
N VAL M 23 15.87 27.90 82.54
CA VAL M 23 17.29 27.65 82.35
C VAL M 23 17.41 26.56 81.30
N GLY M 24 18.11 26.87 80.21
CA GLY M 24 18.33 25.87 79.18
C GLY M 24 19.48 24.96 79.51
N ARG M 25 20.37 24.78 78.53
CA ARG M 25 21.53 23.91 78.70
C ARG M 25 22.81 24.68 78.87
N THR M 26 22.98 25.78 78.14
CA THR M 26 24.16 26.61 78.28
C THR M 26 24.13 27.40 79.59
N THR M 27 22.94 27.73 80.07
CA THR M 27 22.83 28.50 81.31
C THR M 27 23.12 27.62 82.53
N ALA M 28 22.68 26.37 82.49
CA ALA M 28 22.97 25.45 83.59
C ALA M 28 24.41 25.01 83.62
N GLN M 29 25.18 25.28 82.58
CA GLN M 29 26.61 25.01 82.62
C GLN M 29 27.36 26.13 83.32
N SER M 30 26.76 27.32 83.38
CA SER M 30 27.33 28.42 84.14
C SER M 30 27.05 28.30 85.63
N ILE M 31 25.88 27.75 86.00
CA ILE M 31 25.49 27.70 87.40
C ILE M 31 26.35 26.70 88.17
N CYS M 32 26.63 25.54 87.56
CA CYS M 32 27.60 24.63 88.16
C CYS M 32 29.02 25.18 88.10
N ALA M 33 29.30 26.12 87.21
CA ALA M 33 30.60 26.77 87.20
C ALA M 33 30.70 27.85 88.25
N ALA M 34 29.61 28.60 88.46
CA ALA M 34 29.62 29.70 89.41
C ALA M 34 29.53 29.21 90.84
N THR M 35 28.76 28.15 91.08
CA THR M 35 28.61 27.61 92.43
C THR M 35 29.76 26.67 92.77
N GLY M 36 30.08 25.74 91.88
CA GLY M 36 31.14 24.77 92.10
C GLY M 36 30.66 23.34 92.18
N VAL M 37 29.37 23.09 91.96
CA VAL M 37 28.85 21.74 91.99
C VAL M 37 29.34 20.97 90.76
N ASN M 38 29.87 19.78 90.98
CA ASN M 38 30.32 18.93 89.89
C ASN M 38 29.10 18.33 89.19
N PRO M 39 28.96 18.51 87.87
CA PRO M 39 27.90 17.80 87.16
C PRO M 39 28.15 16.31 87.02
N ALA M 40 29.41 15.87 87.13
CA ALA M 40 29.76 14.48 86.89
C ALA M 40 29.20 13.54 87.96
N ALA M 41 28.87 14.05 89.13
CA ALA M 41 28.18 13.27 90.15
C ALA M 41 26.67 13.37 89.95
N LYS M 42 25.95 12.42 90.54
CA LYS M 42 24.51 12.47 90.47
C LYS M 42 23.94 13.48 91.46
N ILE M 43 22.63 13.69 91.38
CA ILE M 43 21.98 14.56 92.35
C ILE M 43 21.73 13.83 93.66
N LYS M 44 21.80 12.50 93.65
CA LYS M 44 21.69 11.72 94.88
C LYS M 44 22.92 11.89 95.74
N ASP M 45 24.10 11.91 95.12
CA ASP M 45 25.37 11.96 95.83
C ASP M 45 25.70 13.34 96.39
N LEU M 46 24.90 14.35 96.09
CA LEU M 46 25.20 15.69 96.54
C LEU M 46 24.91 15.86 98.03
N SER M 47 25.27 17.03 98.53
CA SER M 47 24.96 17.40 99.90
C SER M 47 23.68 18.24 99.92
N ASP M 48 23.00 18.19 101.06
CA ASP M 48 21.81 19.02 101.31
C ASP M 48 22.16 20.43 101.80
N GLU M 49 23.40 20.86 101.56
CA GLU M 49 23.94 22.10 102.07
C GLU M 49 23.90 23.19 101.02
N GLN M 50 24.51 22.93 99.86
CA GLN M 50 24.80 23.92 98.84
C GLN M 50 23.68 24.09 97.84
N ILE M 51 22.54 23.43 98.07
CA ILE M 51 21.42 23.53 97.15
C ILE M 51 20.77 24.90 97.23
N ASP M 52 20.94 25.60 98.36
CA ASP M 52 20.53 26.99 98.47
C ASP M 52 21.28 27.87 97.47
N GLN M 53 22.56 27.57 97.24
CA GLN M 53 23.31 28.29 96.23
C GLN M 53 22.83 27.96 94.83
N LEU M 54 22.33 26.74 94.63
CA LEU M 54 21.57 26.45 93.42
C LEU M 54 20.24 27.17 93.45
N ARG M 55 19.59 27.22 94.63
CA ARG M 55 18.35 27.96 94.78
C ARG M 55 18.56 29.47 94.74
N ASN M 56 19.78 29.95 95.01
CA ASN M 56 20.06 31.37 94.84
C ASN M 56 20.01 31.77 93.37
N GLU M 57 20.46 30.87 92.49
CA GLU M 57 20.50 31.17 91.08
C GLU M 57 19.11 31.18 90.46
N VAL M 58 18.20 30.39 91.01
CA VAL M 58 16.81 30.35 90.55
C VAL M 58 16.12 31.65 90.88
N ALA M 59 16.52 32.30 91.98
CA ALA M 59 15.97 33.60 92.37
C ALA M 59 16.64 34.76 91.65
N LYS M 60 17.29 34.52 90.51
CA LYS M 60 17.96 35.58 89.78
C LYS M 60 17.71 35.55 88.28
N ILE M 61 16.92 34.61 87.75
CA ILE M 61 16.76 34.54 86.31
C ILE M 61 15.30 34.74 85.94
N THR M 62 14.45 33.77 86.27
CA THR M 62 13.00 33.78 86.08
C THR M 62 12.43 32.51 86.69
N THR M 63 11.11 32.48 86.80
CA THR M 63 10.36 31.34 87.31
C THR M 63 9.20 31.10 86.36
N GLU M 64 9.00 29.82 85.96
CA GLU M 64 8.07 29.44 84.91
C GLU M 64 6.63 29.82 85.23
N GLY M 65 6.28 29.83 86.52
CA GLY M 65 4.95 30.28 86.91
C GLY M 65 4.71 31.74 86.65
N ASP M 66 5.78 32.55 86.61
CA ASP M 66 5.67 33.94 86.23
C ASP M 66 6.35 34.26 84.90
N LEU M 67 7.17 33.34 84.38
CA LEU M 67 7.73 33.52 83.05
C LEU M 67 6.63 33.48 81.99
N ARG M 68 5.67 32.57 82.14
CA ARG M 68 4.58 32.48 81.18
C ARG M 68 3.58 33.61 81.35
N ARG M 69 3.51 34.19 82.53
CA ARG M 69 2.66 35.35 82.75
C ARG M 69 3.20 36.55 82.00
N GLU M 70 4.49 36.83 82.14
CA GLU M 70 5.06 38.05 81.57
C GLU M 70 5.22 37.95 80.07
N ILE M 71 5.44 36.74 79.55
CA ILE M 71 5.57 36.57 78.10
C ILE M 71 4.21 36.71 77.42
N ASN M 72 3.12 36.50 78.18
CA ASN M 72 1.78 36.70 77.64
C ASN M 72 1.50 38.17 77.43
N MET M 73 1.99 39.03 78.33
CA MET M 73 1.82 40.46 78.15
C MET M 73 2.67 41.01 77.01
N ASN M 74 3.77 40.34 76.68
CA ASN M 74 4.48 40.67 75.45
C ASN M 74 3.63 40.31 74.24
N ILE M 75 2.89 39.20 74.30
CA ILE M 75 1.90 38.91 73.28
C ILE M 75 0.74 39.89 73.38
N LYS M 76 0.30 40.19 74.60
CA LYS M 76 -0.88 41.02 74.80
C LYS M 76 -0.65 42.46 74.39
N ARG M 77 0.58 42.97 74.59
CA ARG M 77 0.92 44.29 74.07
C ARG M 77 0.85 44.34 72.55
N LEU M 78 1.21 43.24 71.88
CA LEU M 78 1.18 43.26 70.44
C LEU M 78 -0.23 43.17 69.89
N MET M 79 -1.16 42.57 70.63
CA MET M 79 -2.51 42.40 70.11
C MET M 79 -3.32 43.69 70.25
N ASP M 80 -3.31 44.31 71.42
CA ASP M 80 -4.21 45.43 71.67
C ASP M 80 -3.77 46.71 70.98
N LEU M 81 -2.52 46.79 70.54
CA LEU M 81 -2.11 47.92 69.72
C LEU M 81 -2.57 47.78 68.27
N GLY M 82 -2.92 46.58 67.84
CA GLY M 82 -3.31 46.41 66.46
C GLY M 82 -2.19 46.51 65.47
N CYS M 83 -0.95 46.30 65.90
CA CYS M 83 0.16 46.26 64.98
C CYS M 83 0.11 44.97 64.17
N TYR M 84 0.85 44.97 63.06
CA TYR M 84 0.80 43.84 62.14
C TYR M 84 1.34 42.56 62.74
N ARG M 85 2.34 42.66 63.63
CA ARG M 85 2.85 41.47 64.29
C ARG M 85 1.85 40.90 65.27
N GLY M 86 0.94 41.73 65.79
CA GLY M 86 -0.11 41.23 66.64
C GLY M 86 -1.43 41.07 65.89
N LEU M 87 -1.47 41.57 64.66
CA LEU M 87 -2.67 41.41 63.84
C LEU M 87 -2.87 39.96 63.44
N ARG M 88 -1.82 39.32 62.91
CA ARG M 88 -1.91 37.90 62.63
C ARG M 88 -1.78 37.05 63.88
N HIS M 89 -1.21 37.60 64.95
CA HIS M 89 -1.02 36.82 66.16
C HIS M 89 -2.33 36.62 66.90
N ARG M 90 -3.30 37.50 66.67
CA ARG M 90 -4.67 37.24 67.11
C ARG M 90 -5.25 36.04 66.39
N ARG M 91 -5.02 35.95 65.09
CA ARG M 91 -5.76 35.01 64.26
C ARG M 91 -5.20 33.60 64.35
N GLY M 92 -3.89 33.45 64.13
CA GLY M 92 -3.27 32.14 64.16
C GLY M 92 -2.27 31.93 63.05
N LEU M 93 -2.07 32.94 62.21
CA LEU M 93 -1.12 32.88 61.12
C LEU M 93 0.32 32.85 61.65
N PRO M 94 1.28 32.45 60.82
CA PRO M 94 2.69 32.63 61.20
C PRO M 94 3.05 34.09 61.32
N VAL M 95 4.16 34.35 62.00
CA VAL M 95 4.49 35.69 62.50
C VAL M 95 5.77 36.21 61.86
N ARG M 96 6.83 35.40 61.85
CA ARG M 96 8.16 35.87 61.46
C ARG M 96 8.28 36.19 59.98
N GLY M 97 7.33 35.78 59.16
CA GLY M 97 7.41 36.03 57.74
C GLY M 97 7.63 34.77 56.93
N GLN M 98 7.04 33.67 57.39
CA GLN M 98 7.10 32.41 56.66
C GLN M 98 6.15 32.42 55.48
N ARG M 99 6.05 31.29 54.79
CA ARG M 99 5.13 31.16 53.69
C ARG M 99 3.81 30.64 54.21
N THR M 100 2.71 31.13 53.65
CA THR M 100 1.39 30.89 54.20
C THR M 100 0.51 30.03 53.29
N LYS M 101 0.74 30.09 51.97
CA LYS M 101 -0.10 29.42 50.98
C LYS M 101 -0.11 27.91 51.17
N THR M 102 1.00 27.35 51.61
CA THR M 102 1.12 25.93 51.85
C THR M 102 1.98 25.77 53.10
N ASN M 103 1.94 24.59 53.71
CA ASN M 103 2.96 24.01 54.58
C ASN M 103 3.04 24.62 55.97
N ALA M 104 2.31 25.69 56.29
CA ALA M 104 2.42 26.26 57.63
C ALA M 104 1.40 25.58 58.55
N ARG M 105 1.69 24.34 58.90
CA ARG M 105 0.67 23.49 59.51
C ARG M 105 0.82 23.39 61.03
N THR M 106 1.98 23.72 61.60
CA THR M 106 2.13 23.70 63.05
C THR M 106 1.55 24.92 63.74
N ARG M 107 0.89 25.81 63.02
CA ARG M 107 0.10 26.88 63.61
C ARG M 107 -1.35 26.81 63.18
N LYS M 108 -1.75 25.73 62.51
CA LYS M 108 -3.13 25.54 62.12
C LYS M 108 -3.66 24.15 62.42
N GLY M 109 -2.82 23.22 62.84
CA GLY M 109 -3.26 21.88 63.16
C GLY M 109 -3.60 21.06 61.92
N PRO M 110 -4.04 19.82 62.14
CA PRO M 110 -4.44 18.90 61.05
C PRO M 110 -5.66 19.39 60.27
N LYS N 1 12.10 46.37 25.68
CA LYS N 1 11.66 47.58 25.00
C LYS N 1 12.85 48.41 24.56
N GLU N 2 12.58 49.50 23.86
CA GLU N 2 13.60 50.50 23.58
C GLU N 2 13.52 51.69 24.53
N SER N 3 12.31 52.04 24.95
CA SER N 3 12.15 53.06 25.98
C SER N 3 12.64 52.63 27.35
N MET N 4 12.93 51.34 27.53
CA MET N 4 13.38 50.85 28.82
C MET N 4 14.90 50.72 28.91
N LYS N 5 15.58 50.54 27.79
CA LYS N 5 17.02 50.71 27.77
C LYS N 5 17.40 52.17 28.03
N ASN N 6 16.58 53.08 27.54
CA ASN N 6 16.94 54.49 27.57
C ASN N 6 16.82 55.05 28.98
N ARG N 7 15.90 54.54 29.79
CA ARG N 7 15.79 55.04 31.15
C ARG N 7 16.85 54.43 32.07
N GLU N 8 17.39 53.27 31.73
CA GLU N 8 18.49 52.69 32.48
C GLU N 8 19.83 52.99 31.84
N LEU N 9 19.86 53.85 30.84
CA LEU N 9 21.12 54.45 30.42
C LEU N 9 21.51 55.60 31.33
N LYS N 10 20.56 56.50 31.59
CA LYS N 10 20.85 57.68 32.41
C LYS N 10 21.04 57.35 33.88
N ARG N 11 20.67 56.15 34.34
CA ARG N 11 21.06 55.75 35.68
C ARG N 11 22.56 55.56 35.77
N GLN N 12 23.17 55.09 34.69
CA GLN N 12 24.61 54.87 34.69
C GLN N 12 25.37 56.19 34.68
N LEU N 13 24.75 57.24 34.14
CA LEU N 13 25.34 58.57 34.21
C LEU N 13 25.30 59.11 35.62
N THR N 14 24.12 59.06 36.25
CA THR N 14 23.93 59.72 37.55
C THR N 14 24.68 59.00 38.66
N VAL N 15 24.94 57.70 38.51
CA VAL N 15 25.82 57.02 39.47
C VAL N 15 27.25 57.47 39.28
N ALA N 16 27.73 57.47 38.05
CA ALA N 16 29.10 57.88 37.77
C ALA N 16 29.28 59.39 37.81
N LYS N 17 28.21 60.17 37.94
CA LYS N 17 28.36 61.62 38.07
C LYS N 17 28.85 61.99 39.46
N TYR N 18 28.11 61.59 40.49
CA TYR N 18 28.40 62.13 41.83
C TYR N 18 29.60 61.40 42.42
N ALA N 19 29.42 60.12 42.78
CA ALA N 19 30.44 59.08 42.79
C ALA N 19 31.63 59.28 43.73
N LYS N 20 31.76 60.44 44.33
CA LYS N 20 32.90 60.82 45.15
C LYS N 20 32.49 61.40 46.48
N LYS N 21 31.40 62.17 46.51
CA LYS N 21 30.86 62.66 47.76
C LYS N 21 30.32 61.52 48.60
N ARG N 22 29.69 60.54 47.94
CA ARG N 22 29.11 59.42 48.67
C ARG N 22 30.18 58.48 49.19
N ALA N 23 31.39 58.54 48.64
CA ALA N 23 32.52 57.89 49.30
C ALA N 23 32.90 58.64 50.57
N GLU N 24 32.83 59.97 50.54
CA GLU N 24 33.22 60.76 51.69
C GLU N 24 32.18 60.67 52.79
N LEU N 25 30.90 60.68 52.43
CA LEU N 25 29.85 60.58 53.43
C LEU N 25 29.82 59.21 54.07
N LYS N 26 30.29 58.19 53.39
CA LYS N 26 30.42 56.86 53.97
C LYS N 26 31.81 56.64 54.55
N ALA N 27 32.72 57.59 54.37
CA ALA N 27 33.97 57.56 55.13
C ALA N 27 33.79 58.16 56.51
N ILE N 28 32.88 59.13 56.64
CA ILE N 28 32.64 59.78 57.92
C ILE N 28 31.92 58.84 58.86
N ILE N 29 30.91 58.13 58.36
CA ILE N 29 30.06 57.31 59.22
C ILE N 29 30.80 56.07 59.71
N ALA N 30 31.64 55.50 58.86
CA ALA N 30 32.30 54.23 59.15
C ALA N 30 33.40 54.32 60.19
N ASN N 31 33.75 55.50 60.65
CA ASN N 31 34.84 55.57 61.61
C ASN N 31 34.30 55.42 63.03
N PRO N 32 34.88 54.56 63.86
CA PRO N 32 34.50 54.53 65.27
C PRO N 32 34.97 55.74 66.05
N ASN N 33 36.03 56.41 65.59
CA ASN N 33 36.52 57.62 66.22
C ASN N 33 35.78 58.86 65.75
N SER N 34 34.81 58.72 64.84
CA SER N 34 34.05 59.85 64.38
C SER N 34 33.01 60.27 65.41
N SER N 35 32.73 61.57 65.45
CA SER N 35 31.72 62.09 66.35
C SER N 35 30.35 62.04 65.68
N ALA N 36 29.32 61.75 66.49
CA ALA N 36 27.97 61.60 65.97
C ALA N 36 27.38 62.91 65.46
N GLU N 37 27.86 64.04 65.99
CA GLU N 37 27.46 65.32 65.42
C GLU N 37 28.03 65.51 64.03
N GLU N 38 29.22 64.98 63.78
CA GLU N 38 29.73 64.93 62.41
C GLU N 38 29.07 63.82 61.61
N ARG N 39 28.43 62.87 62.28
CA ARG N 39 27.70 61.82 61.57
C ARG N 39 26.28 62.25 61.22
N TRP N 40 25.62 62.96 62.14
CA TRP N 40 24.20 63.25 61.96
C TRP N 40 23.96 64.25 60.82
N ASN N 41 24.81 65.26 60.71
CA ASN N 41 24.70 66.16 59.57
C ASN N 41 25.21 65.50 58.29
N ALA N 42 26.03 64.46 58.40
CA ALA N 42 26.43 63.70 57.22
C ALA N 42 25.29 62.82 56.73
N GLN N 43 24.37 62.44 57.62
CA GLN N 43 23.16 61.74 57.20
C GLN N 43 22.26 62.62 56.36
N VAL N 44 22.32 63.94 56.60
CA VAL N 44 21.48 64.89 55.89
C VAL N 44 21.86 64.95 54.43
N ALA N 45 23.16 64.91 54.14
CA ALA N 45 23.61 65.05 52.76
C ALA N 45 23.36 63.81 51.92
N LEU N 46 23.16 62.64 52.53
CA LEU N 46 22.85 61.44 51.76
C LEU N 46 21.43 61.48 51.22
N GLN N 47 20.46 61.69 52.11
CA GLN N 47 19.06 61.57 51.73
C GLN N 47 18.56 62.73 50.88
N LYS N 48 19.30 63.83 50.80
CA LYS N 48 18.88 64.94 49.97
C LYS N 48 19.48 64.88 48.57
N GLN N 49 20.31 63.90 48.30
CA GLN N 49 20.70 63.57 46.95
C GLN N 49 19.61 62.74 46.28
N PRO N 50 19.49 62.79 44.96
CA PRO N 50 18.53 61.91 44.28
C PRO N 50 18.96 60.46 44.42
N ARG N 51 17.98 59.57 44.64
CA ARG N 51 18.31 58.22 45.11
C ARG N 51 18.93 57.36 44.02
N ASP N 52 18.81 57.75 42.75
CA ASP N 52 19.46 57.01 41.67
C ASP N 52 20.94 57.39 41.55
N ALA N 53 21.67 57.10 42.61
CA ALA N 53 23.11 57.25 42.65
C ALA N 53 23.81 56.03 43.22
N SER N 54 23.12 55.20 43.99
CA SER N 54 23.72 54.01 44.55
C SER N 54 23.88 52.94 43.48
N ALA N 55 24.81 52.02 43.73
CA ALA N 55 25.02 50.92 42.81
C ALA N 55 23.90 49.90 42.87
N SER N 56 23.15 49.85 43.97
CA SER N 56 22.08 48.88 44.07
C SER N 56 20.89 49.22 43.18
N ARG N 57 20.74 50.48 42.81
CA ARG N 57 19.75 50.84 41.81
C ARG N 57 20.17 50.45 40.42
N LEU N 58 21.47 50.25 40.20
CA LEU N 58 21.99 49.92 38.88
C LEU N 58 21.76 48.44 38.61
N ARG N 59 21.45 48.12 37.35
CA ARG N 59 21.08 46.78 36.93
C ARG N 59 21.84 46.45 35.66
N ASN N 60 22.78 45.51 35.73
CA ASN N 60 23.62 45.20 34.58
C ASN N 60 22.84 44.36 33.57
N ARG N 61 22.37 45.02 32.52
CA ARG N 61 21.66 44.37 31.44
C ARG N 61 22.61 44.02 30.31
N CYS N 62 22.11 43.22 29.38
CA CYS N 62 22.90 42.83 28.22
C CYS N 62 23.10 44.02 27.30
N ARG N 63 24.29 44.12 26.73
CA ARG N 63 24.65 45.35 26.05
C ARG N 63 24.12 45.38 24.63
N LEU N 64 24.01 44.24 23.96
CA LEU N 64 23.47 44.19 22.62
C LEU N 64 21.98 43.87 22.55
N THR N 65 21.42 43.26 23.59
CA THR N 65 20.06 42.75 23.55
C THR N 65 19.14 43.44 24.53
N GLY N 66 19.59 43.63 25.78
CA GLY N 66 18.81 44.32 26.78
C GLY N 66 18.07 43.42 27.74
N ARG N 67 18.17 42.11 27.60
CA ARG N 67 17.43 41.19 28.44
C ARG N 67 18.07 41.14 29.82
N PRO N 68 17.28 41.28 30.88
CA PRO N 68 17.88 41.32 32.23
C PRO N 68 18.44 39.99 32.71
N HIS N 69 17.65 38.93 32.63
CA HIS N 69 18.08 37.65 33.17
C HIS N 69 19.03 36.96 32.20
N GLY N 70 19.98 36.22 32.75
CA GLY N 70 20.96 35.57 31.92
C GLY N 70 22.03 36.52 31.43
N PHE N 71 22.76 37.12 32.35
CA PHE N 71 23.88 38.00 32.04
C PHE N 71 25.13 37.45 32.71
N TYR N 72 26.24 37.52 31.99
CA TYR N 72 27.55 37.14 32.52
C TYR N 72 28.45 38.36 32.51
N ARG N 73 29.36 38.45 33.47
CA ARG N 73 30.24 39.59 33.54
C ARG N 73 31.65 39.31 33.06
N LYS N 74 31.95 38.08 32.65
CA LYS N 74 33.14 37.86 31.85
C LYS N 74 32.90 38.06 30.37
N PHE N 75 31.67 38.42 30.01
CA PHE N 75 31.35 38.89 28.68
C PHE N 75 30.46 40.10 28.86
N GLY N 76 29.82 40.54 27.79
CA GLY N 76 28.85 41.60 27.91
C GLY N 76 27.54 41.17 27.30
N LEU N 77 27.39 39.86 27.09
CA LEU N 77 26.32 39.33 26.28
C LEU N 77 25.30 38.61 27.13
N SER N 78 24.17 38.30 26.49
CA SER N 78 23.06 37.62 27.14
C SER N 78 23.32 36.12 27.21
N ARG N 79 22.31 35.37 27.62
CA ARG N 79 22.42 33.92 27.63
C ARG N 79 22.29 33.35 26.22
N ASN N 80 21.53 33.99 25.35
CA ASN N 80 21.21 33.43 24.05
C ASN N 80 21.73 34.24 22.88
N LYS N 81 22.45 35.32 23.12
CA LYS N 81 23.23 35.95 22.06
C LYS N 81 24.68 35.48 22.12
N LEU N 82 25.11 35.04 23.29
CA LEU N 82 26.45 34.49 23.46
C LEU N 82 26.64 33.21 22.69
N ARG N 83 25.58 32.43 22.51
CA ARG N 83 25.73 31.18 21.77
C ARG N 83 25.87 31.44 20.28
N GLU N 84 25.08 32.37 19.75
CA GLU N 84 25.08 32.61 18.31
C GLU N 84 26.35 33.32 17.87
N ALA N 85 26.96 34.08 18.77
CA ALA N 85 28.20 34.78 18.46
C ALA N 85 29.44 33.93 18.72
N ALA N 86 29.30 32.79 19.38
CA ALA N 86 30.47 31.96 19.65
C ALA N 86 30.65 30.86 18.63
N MET N 87 29.54 30.40 18.03
CA MET N 87 29.63 29.40 16.98
C MET N 87 30.20 29.98 15.69
N ARG N 88 30.25 31.30 15.56
CA ARG N 88 30.81 31.95 14.39
C ARG N 88 32.24 32.37 14.61
N GLY N 89 32.94 31.74 15.55
CA GLY N 89 34.36 31.95 15.75
C GLY N 89 34.76 33.31 16.25
N ASP N 90 33.82 34.13 16.72
CA ASP N 90 34.14 35.50 17.11
C ASP N 90 34.89 35.54 18.43
N VAL N 91 34.34 34.92 19.46
CA VAL N 91 34.90 34.98 20.80
C VAL N 91 36.21 34.20 20.82
N PRO N 92 37.33 34.84 21.10
CA PRO N 92 38.62 34.16 20.97
C PRO N 92 38.91 33.30 22.19
N GLY N 93 39.55 32.16 21.93
CA GLY N 93 39.91 31.23 22.98
C GLY N 93 38.79 30.37 23.50
N LEU N 94 37.61 30.39 22.88
CA LEU N 94 36.44 29.69 23.39
C LEU N 94 36.08 28.52 22.48
N VAL N 95 36.07 27.32 23.04
CA VAL N 95 35.74 26.09 22.34
C VAL N 95 34.81 25.26 23.20
N LYS N 96 34.37 24.13 22.66
CA LYS N 96 33.71 23.10 23.44
C LYS N 96 34.76 22.17 24.01
N ALA N 97 34.43 21.51 25.12
CA ALA N 97 35.36 20.57 25.73
C ALA N 97 34.58 19.54 26.54
N SER N 98 35.31 18.70 27.26
CA SER N 98 34.70 17.67 28.07
C SER N 98 35.50 17.43 29.35
N LEU O 1 -35.23 -59.83 -15.78
CA LEU O 1 -35.73 -60.80 -16.73
C LEU O 1 -34.67 -61.87 -16.97
N SER O 2 -35.11 -63.12 -17.13
CA SER O 2 -34.19 -64.23 -17.25
C SER O 2 -33.58 -64.29 -18.65
N VAL O 3 -32.76 -65.31 -18.88
CA VAL O 3 -32.09 -65.44 -20.18
C VAL O 3 -32.99 -66.16 -21.17
N GLU O 4 -33.61 -67.26 -20.75
CA GLU O 4 -34.49 -68.01 -21.64
C GLU O 4 -35.80 -67.27 -21.88
N GLU O 5 -36.19 -66.38 -20.98
CA GLU O 5 -37.36 -65.55 -21.23
C GLU O 5 -37.06 -64.49 -22.28
N LYS O 6 -35.79 -64.10 -22.42
CA LYS O 6 -35.41 -63.29 -23.56
C LYS O 6 -35.43 -64.10 -24.84
N ALA O 7 -34.96 -65.35 -24.77
CA ALA O 7 -34.90 -66.19 -25.96
C ALA O 7 -36.27 -66.66 -26.41
N GLN O 8 -37.26 -66.65 -25.51
CA GLN O 8 -38.60 -67.01 -25.93
C GLN O 8 -39.21 -65.90 -26.79
N ILE O 9 -38.84 -64.65 -26.53
CA ILE O 9 -39.46 -63.52 -27.21
C ILE O 9 -38.83 -63.30 -28.57
N VAL O 10 -37.50 -63.42 -28.65
CA VAL O 10 -36.77 -63.21 -29.91
C VAL O 10 -37.16 -64.27 -30.93
N ASN O 11 -37.43 -65.49 -30.46
CA ASN O 11 -37.94 -66.52 -31.37
C ASN O 11 -39.33 -66.19 -31.87
N GLU O 12 -40.14 -65.52 -31.07
CA GLU O 12 -41.53 -65.27 -31.44
C GLU O 12 -41.67 -64.11 -32.43
N TYR O 13 -41.22 -62.92 -32.03
CA TYR O 13 -41.43 -61.72 -32.83
C TYR O 13 -40.26 -61.43 -33.74
N LYS O 14 -39.58 -62.47 -34.20
CA LYS O 14 -38.55 -62.34 -35.21
C LYS O 14 -39.18 -61.94 -36.54
N GLN O 15 -38.48 -61.09 -37.29
CA GLN O 15 -38.97 -60.70 -38.61
C GLN O 15 -38.41 -61.60 -39.71
N ALA O 16 -38.48 -62.91 -39.46
CA ALA O 16 -37.82 -63.95 -40.27
C ALA O 16 -36.35 -63.64 -40.52
N GLU O 17 -35.66 -63.25 -39.45
CA GLU O 17 -34.31 -62.72 -39.55
C GLU O 17 -33.27 -63.57 -38.86
N GLY O 18 -33.48 -63.88 -37.58
CA GLY O 18 -32.42 -64.35 -36.72
C GLY O 18 -31.67 -63.20 -36.09
N ASP O 19 -32.30 -62.03 -35.98
CA ASP O 19 -31.61 -60.77 -35.73
C ASP O 19 -32.40 -59.95 -34.71
N THR O 20 -31.69 -59.29 -33.81
CA THR O 20 -32.28 -58.71 -32.62
C THR O 20 -32.37 -57.20 -32.66
N GLY O 21 -32.21 -56.59 -33.84
CA GLY O 21 -32.08 -55.15 -33.89
C GLY O 21 -33.35 -54.40 -34.25
N SER O 22 -34.26 -55.07 -34.94
CA SER O 22 -35.45 -54.43 -35.47
C SER O 22 -36.37 -53.97 -34.34
N PRO O 23 -37.14 -52.90 -34.56
CA PRO O 23 -38.01 -52.39 -33.48
C PRO O 23 -39.05 -53.37 -32.98
N GLU O 24 -39.50 -54.31 -33.80
CA GLU O 24 -40.44 -55.30 -33.30
C GLU O 24 -39.78 -56.29 -32.35
N VAL O 25 -38.46 -56.37 -32.36
CA VAL O 25 -37.77 -57.13 -31.33
C VAL O 25 -37.58 -56.28 -30.09
N GLN O 26 -37.25 -54.99 -30.28
CA GLN O 26 -36.90 -54.13 -29.17
C GLN O 26 -38.12 -53.71 -28.36
N VAL O 27 -39.23 -53.43 -29.03
CA VAL O 27 -40.44 -53.03 -28.31
C VAL O 27 -41.01 -54.20 -27.52
N ALA O 28 -40.83 -55.42 -28.03
CA ALA O 28 -41.37 -56.59 -27.36
C ALA O 28 -40.60 -56.90 -26.07
N LEU O 29 -39.29 -56.71 -26.09
CA LEU O 29 -38.49 -56.99 -24.90
C LEU O 29 -38.78 -56.02 -23.78
N LEU O 30 -39.07 -54.77 -24.11
CA LEU O 30 -39.33 -53.78 -23.06
C LEU O 30 -40.70 -54.00 -22.44
N SER O 31 -41.68 -54.36 -23.27
CA SER O 31 -43.05 -54.48 -22.80
C SER O 31 -43.23 -55.66 -21.87
N ALA O 32 -42.48 -56.74 -22.08
CA ALA O 32 -42.52 -57.86 -21.17
C ALA O 32 -41.82 -57.55 -19.85
N ASN O 33 -40.98 -56.54 -19.83
CA ASN O 33 -40.22 -56.23 -18.63
C ASN O 33 -40.93 -55.20 -17.76
N ILE O 34 -41.76 -54.34 -18.36
CA ILE O 34 -42.56 -53.41 -17.58
C ILE O 34 -43.64 -54.16 -16.81
N ASN O 35 -44.25 -55.17 -17.44
CA ASN O 35 -45.31 -55.92 -16.80
C ASN O 35 -44.79 -56.77 -15.65
N LYS O 36 -43.51 -57.15 -15.67
CA LYS O 36 -42.96 -57.93 -14.58
C LYS O 36 -42.77 -57.09 -13.33
N LEU O 37 -42.38 -55.84 -13.49
CA LEU O 37 -42.05 -54.99 -12.36
C LEU O 37 -43.25 -54.46 -11.59
N GLN O 38 -44.47 -54.59 -12.12
CA GLN O 38 -45.60 -53.93 -11.51
C GLN O 38 -45.99 -54.51 -10.17
N ASP O 39 -45.58 -55.75 -9.87
CA ASP O 39 -45.78 -56.29 -8.53
C ASP O 39 -44.57 -56.10 -7.64
N HIS O 40 -43.43 -55.70 -8.19
CA HIS O 40 -42.36 -55.25 -7.34
C HIS O 40 -42.70 -53.92 -6.69
N PHE O 41 -43.42 -53.07 -7.39
CA PHE O 41 -43.78 -51.76 -6.88
C PHE O 41 -45.14 -51.72 -6.21
N LYS O 42 -45.75 -52.89 -5.98
CA LYS O 42 -46.88 -52.96 -5.07
C LYS O 42 -46.51 -53.49 -3.70
N ALA O 43 -45.41 -54.24 -3.59
CA ALA O 43 -44.82 -54.51 -2.29
C ALA O 43 -43.96 -53.34 -1.84
N ASN O 44 -42.94 -53.03 -2.63
CA ASN O 44 -42.05 -51.92 -2.34
C ASN O 44 -42.70 -50.64 -2.81
N GLY O 45 -43.17 -49.82 -1.87
CA GLY O 45 -43.75 -48.55 -2.24
C GLY O 45 -42.74 -47.43 -2.21
N LYS O 46 -41.87 -47.41 -1.20
CA LYS O 46 -40.92 -46.34 -1.00
C LYS O 46 -39.62 -46.57 -1.75
N ASP O 47 -39.60 -47.50 -2.70
CA ASP O 47 -38.44 -47.73 -3.53
C ASP O 47 -38.44 -46.67 -4.61
N HIS O 48 -37.80 -45.54 -4.33
CA HIS O 48 -37.79 -44.45 -5.31
C HIS O 48 -36.63 -44.55 -6.27
N HIS O 49 -35.47 -45.02 -5.83
CA HIS O 49 -34.33 -45.09 -6.73
C HIS O 49 -34.49 -46.16 -7.79
N SER O 50 -35.38 -47.12 -7.59
CA SER O 50 -35.69 -48.09 -8.62
C SER O 50 -36.94 -47.72 -9.40
N ARG O 51 -37.72 -46.77 -8.89
CA ARG O 51 -38.80 -46.19 -9.68
C ARG O 51 -38.24 -45.43 -10.87
N ARG O 52 -37.05 -44.86 -10.69
CA ARG O 52 -36.41 -44.03 -11.71
C ARG O 52 -35.98 -44.84 -12.90
N GLY O 53 -35.69 -46.13 -12.71
CA GLY O 53 -35.28 -46.95 -13.82
C GLY O 53 -36.42 -47.37 -14.71
N LEU O 54 -37.62 -47.47 -14.14
CA LEU O 54 -38.78 -47.93 -14.90
C LEU O 54 -39.25 -46.87 -15.88
N ILE O 55 -39.07 -45.60 -15.55
CA ILE O 55 -39.54 -44.54 -16.41
C ILE O 55 -38.57 -44.32 -17.57
N ARG O 56 -37.35 -44.82 -17.45
CA ARG O 56 -36.46 -44.87 -18.60
C ARG O 56 -36.96 -45.83 -19.66
N MET O 57 -37.48 -46.98 -19.24
CA MET O 57 -37.95 -47.97 -20.19
C MET O 57 -39.28 -47.59 -20.82
N VAL O 58 -40.12 -46.83 -20.10
CA VAL O 58 -41.39 -46.40 -20.68
C VAL O 58 -41.16 -45.35 -21.75
N ASN O 59 -40.27 -44.39 -21.49
CA ASN O 59 -40.03 -43.34 -22.46
C ASN O 59 -39.26 -43.85 -23.65
N GLN O 60 -38.46 -44.90 -23.46
CA GLN O 60 -37.78 -45.51 -24.59
C GLN O 60 -38.76 -46.24 -25.50
N ARG O 61 -39.88 -46.69 -24.95
CA ARG O 61 -40.83 -47.43 -25.74
C ARG O 61 -41.69 -46.52 -26.59
N ARG O 62 -42.02 -45.32 -26.12
CA ARG O 62 -42.78 -44.41 -26.97
C ARG O 62 -41.92 -43.71 -28.01
N LYS O 63 -40.60 -43.86 -27.96
CA LYS O 63 -39.77 -43.30 -29.02
C LYS O 63 -39.62 -44.26 -30.19
N LEU O 64 -39.59 -45.56 -29.93
CA LEU O 64 -39.49 -46.52 -31.00
C LEU O 64 -40.80 -46.72 -31.75
N LEU O 65 -41.93 -46.43 -31.10
CA LEU O 65 -43.20 -46.52 -31.81
C LEU O 65 -43.34 -45.41 -32.83
N ASP O 66 -42.92 -44.19 -32.48
CA ASP O 66 -43.04 -43.09 -33.42
C ASP O 66 -42.03 -43.19 -34.55
N TYR O 67 -40.90 -43.85 -34.30
CA TYR O 67 -40.03 -44.21 -35.42
C TYR O 67 -40.71 -45.24 -36.30
N LEU O 68 -41.47 -46.15 -35.71
CA LEU O 68 -42.14 -47.17 -36.49
C LEU O 68 -43.32 -46.57 -37.25
N LYS O 69 -44.05 -45.65 -36.63
CA LYS O 69 -45.12 -44.96 -37.33
C LYS O 69 -44.56 -43.99 -38.37
N GLY O 70 -43.40 -43.41 -38.09
CA GLY O 70 -42.76 -42.51 -39.04
C GLY O 70 -42.18 -43.19 -40.26
N LYS O 71 -42.21 -44.51 -40.32
CA LYS O 71 -41.86 -45.24 -41.53
C LYS O 71 -43.09 -45.87 -42.16
N ASP O 72 -43.80 -46.72 -41.43
CA ASP O 72 -44.87 -47.53 -41.98
C ASP O 72 -46.09 -47.49 -41.08
N VAL O 73 -47.22 -47.90 -41.64
CA VAL O 73 -48.46 -48.04 -40.89
C VAL O 73 -48.86 -49.50 -40.76
N SER O 74 -48.60 -50.29 -41.81
CA SER O 74 -48.95 -51.72 -41.79
C SER O 74 -48.16 -52.48 -40.73
N ARG O 75 -46.88 -52.16 -40.58
CA ARG O 75 -46.10 -52.77 -39.52
C ARG O 75 -46.51 -52.27 -38.15
N TYR O 76 -47.10 -51.08 -38.09
CA TYR O 76 -47.45 -50.47 -36.82
C TYR O 76 -48.64 -51.17 -36.18
N THR O 77 -49.77 -51.18 -36.89
CA THR O 77 -51.00 -51.74 -36.34
C THR O 77 -50.95 -53.26 -36.21
N ALA O 78 -50.05 -53.93 -36.93
CA ALA O 78 -49.84 -55.35 -36.70
C ALA O 78 -49.00 -55.62 -35.45
N LEU O 79 -48.46 -54.58 -34.82
CA LEU O 79 -47.72 -54.72 -33.58
C LEU O 79 -48.46 -54.14 -32.38
N ILE O 80 -49.23 -53.07 -32.58
CA ILE O 80 -50.04 -52.50 -31.51
C ILE O 80 -51.11 -53.49 -31.07
N GLY O 81 -51.82 -54.07 -32.05
CA GLY O 81 -52.86 -55.04 -31.73
C GLY O 81 -52.35 -56.36 -31.20
N ARG O 82 -51.10 -56.69 -31.50
CA ARG O 82 -50.53 -57.95 -31.04
C ARG O 82 -49.98 -57.84 -29.63
N LEU O 83 -49.86 -56.62 -29.09
CA LEU O 83 -49.49 -56.41 -27.70
C LEU O 83 -50.54 -55.69 -26.89
N GLY O 84 -51.48 -54.99 -27.52
CA GLY O 84 -52.51 -54.29 -26.79
C GLY O 84 -52.01 -53.06 -26.06
N LEU O 85 -51.61 -52.03 -26.79
CA LEU O 85 -51.11 -50.81 -26.20
C LEU O 85 -52.02 -49.65 -26.58
N ARG O 86 -51.58 -48.45 -26.24
CA ARG O 86 -52.25 -47.18 -26.54
C ARG O 86 -53.69 -47.11 -26.01
N MET P 1 -68.39 16.77 -63.54
CA MET P 1 -67.57 16.85 -64.74
C MET P 1 -66.11 16.84 -64.38
N VAL P 2 -65.26 16.49 -65.34
CA VAL P 2 -63.83 16.69 -65.20
C VAL P 2 -63.45 17.92 -66.00
N THR P 3 -62.35 18.54 -65.62
CA THR P 3 -62.04 19.85 -66.13
C THR P 3 -60.54 20.06 -66.11
N ILE P 4 -60.08 20.95 -66.97
CA ILE P 4 -58.68 21.31 -67.06
C ILE P 4 -58.57 22.76 -66.62
N ARG P 5 -57.83 23.01 -65.56
CA ARG P 5 -57.82 24.33 -64.97
C ARG P 5 -56.44 24.61 -64.39
N LEU P 6 -56.29 25.76 -63.76
CA LEU P 6 -55.00 26.27 -63.32
C LEU P 6 -54.89 26.27 -61.81
N ALA P 7 -53.82 25.70 -61.29
CA ALA P 7 -53.47 25.80 -59.88
C ALA P 7 -52.70 27.10 -59.66
N ARG P 8 -52.03 27.22 -58.52
CA ARG P 8 -51.30 28.44 -58.17
C ARG P 8 -50.19 28.08 -57.20
N GLY P 9 -48.94 28.26 -57.63
CA GLY P 9 -47.81 28.04 -56.75
C GLY P 9 -46.84 29.21 -56.86
N GLY P 10 -46.06 29.39 -55.81
CA GLY P 10 -45.09 30.46 -55.77
C GLY P 10 -45.43 31.47 -54.68
N SER P 11 -44.56 32.47 -54.58
CA SER P 11 -44.59 33.42 -53.48
C SER P 11 -45.66 34.48 -53.73
N LYS P 12 -45.67 35.51 -52.88
CA LYS P 12 -46.55 36.64 -53.11
C LYS P 12 -46.09 37.42 -54.33
N LYS P 13 -47.04 37.80 -55.17
CA LYS P 13 -46.84 38.67 -56.33
C LYS P 13 -45.84 38.07 -57.32
N ARG P 14 -45.84 36.75 -57.42
CA ARG P 14 -45.03 36.02 -58.38
C ARG P 14 -45.67 34.65 -58.58
N PRO P 15 -46.70 34.55 -59.41
CA PRO P 15 -47.44 33.30 -59.52
C PRO P 15 -46.80 32.34 -60.50
N PHE P 16 -47.20 31.08 -60.40
CA PHE P 16 -46.69 30.02 -61.26
C PHE P 16 -47.77 28.96 -61.34
N TYR P 17 -48.43 28.85 -62.49
CA TYR P 17 -49.63 28.04 -62.56
C TYR P 17 -49.27 26.62 -62.99
N HIS P 18 -50.22 25.72 -62.86
CA HIS P 18 -50.05 24.33 -63.25
C HIS P 18 -51.29 23.84 -63.97
N LEU P 19 -51.13 23.42 -65.22
CA LEU P 19 -52.21 22.80 -65.97
C LEU P 19 -52.47 21.41 -65.40
N THR P 20 -53.50 21.30 -64.58
CA THR P 20 -53.89 20.02 -64.01
C THR P 20 -55.21 19.61 -64.62
N VAL P 21 -55.52 18.32 -64.54
CA VAL P 21 -56.86 17.84 -64.85
C VAL P 21 -57.45 17.26 -63.58
N THR P 22 -58.55 17.84 -63.13
CA THR P 22 -59.15 17.54 -61.85
C THR P 22 -60.62 17.23 -62.03
N ASN P 23 -61.18 16.51 -61.06
CA ASN P 23 -62.61 16.54 -60.91
C ASN P 23 -63.02 17.94 -60.46
N SER P 24 -64.24 18.34 -60.82
CA SER P 24 -64.61 19.74 -60.71
C SER P 24 -64.86 20.14 -59.28
N ARG P 25 -65.40 19.23 -58.47
CA ARG P 25 -65.74 19.54 -57.08
C ARG P 25 -64.54 19.22 -56.18
N ASN P 26 -63.41 19.84 -56.46
CA ASN P 26 -62.25 19.71 -55.59
C ASN P 26 -61.77 21.09 -55.21
N ALA P 27 -60.73 21.14 -54.40
CA ALA P 27 -60.10 22.40 -54.06
C ALA P 27 -59.23 22.88 -55.21
N ARG P 28 -58.63 24.06 -55.08
CA ARG P 28 -57.59 24.41 -56.04
C ARG P 28 -56.34 23.60 -55.78
N ASP P 29 -55.82 23.64 -54.55
CA ASP P 29 -54.57 22.98 -54.23
C ASP P 29 -54.76 21.54 -53.79
N GLY P 30 -55.96 21.00 -53.92
CA GLY P 30 -56.24 19.64 -53.50
C GLY P 30 -55.81 18.61 -54.52
N ARG P 31 -56.54 17.51 -54.53
CA ARG P 31 -56.21 16.35 -55.34
C ARG P 31 -56.42 16.63 -56.83
N PHE P 32 -55.87 15.74 -57.65
CA PHE P 32 -55.92 15.89 -59.09
C PHE P 32 -55.74 14.51 -59.71
N VAL P 33 -56.10 14.41 -60.99
CA VAL P 33 -55.91 13.15 -61.68
C VAL P 33 -54.49 13.03 -62.19
N GLU P 34 -54.02 14.02 -62.94
CA GLU P 34 -52.61 14.13 -63.32
C GLU P 34 -52.33 15.57 -63.70
N ARG P 35 -51.07 15.86 -63.98
CA ARG P 35 -50.61 17.20 -64.31
C ARG P 35 -49.87 17.14 -65.63
N ILE P 36 -50.04 18.16 -66.47
CA ILE P 36 -49.52 18.08 -67.83
C ILE P 36 -48.60 19.24 -68.20
N GLY P 37 -48.60 20.37 -67.51
CA GLY P 37 -47.75 21.45 -67.95
C GLY P 37 -47.63 22.52 -66.89
N PHE P 38 -47.20 23.70 -67.33
CA PHE P 38 -47.20 24.85 -66.43
C PHE P 38 -47.37 26.11 -67.25
N PHE P 39 -47.39 27.23 -66.54
CA PHE P 39 -47.61 28.54 -67.13
C PHE P 39 -46.96 29.55 -66.22
N ASN P 40 -46.02 30.32 -66.75
CA ASN P 40 -45.24 31.25 -65.94
C ASN P 40 -45.37 32.63 -66.54
N PRO P 41 -46.22 33.49 -65.98
CA PRO P 41 -46.43 34.82 -66.59
C PRO P 41 -45.25 35.75 -66.45
N VAL P 42 -44.46 35.61 -65.38
CA VAL P 42 -43.40 36.56 -65.10
C VAL P 42 -42.07 35.97 -65.55
N ALA P 43 -42.12 35.07 -66.54
CA ALA P 43 -40.93 34.41 -67.05
C ALA P 43 -40.00 35.41 -67.71
N THR P 44 -38.72 35.36 -67.33
CA THR P 44 -37.72 36.31 -67.79
C THR P 44 -36.42 35.56 -68.04
N GLY P 45 -35.78 35.86 -69.18
CA GLY P 45 -34.51 35.26 -69.49
C GLY P 45 -34.66 33.87 -70.07
N GLY P 46 -34.05 32.88 -69.42
CA GLY P 46 -34.10 31.51 -69.89
C GLY P 46 -35.35 30.75 -69.51
N GLU P 47 -36.35 31.41 -68.95
CA GLU P 47 -37.57 30.73 -68.53
C GLU P 47 -38.56 30.64 -69.68
N VAL P 48 -39.40 29.61 -69.63
CA VAL P 48 -40.37 29.32 -70.69
C VAL P 48 -41.77 29.55 -70.12
N ARG P 49 -42.59 30.29 -70.87
CA ARG P 49 -43.94 30.57 -70.41
C ARG P 49 -44.84 29.36 -70.53
N LEU P 50 -45.04 28.88 -71.74
CA LEU P 50 -45.97 27.79 -72.00
C LEU P 50 -45.20 26.50 -72.21
N SER P 51 -45.61 25.44 -71.53
CA SER P 51 -44.94 24.16 -71.66
C SER P 51 -45.92 23.01 -71.66
N VAL P 52 -46.97 23.13 -72.44
CA VAL P 52 -47.99 22.09 -72.47
C VAL P 52 -47.50 20.92 -73.31
N ASP P 53 -47.88 19.71 -72.92
CA ASP P 53 -47.55 18.50 -73.65
C ASP P 53 -48.79 18.06 -74.41
N GLN P 54 -48.64 17.87 -75.72
CA GLN P 54 -49.79 17.66 -76.57
C GLN P 54 -50.30 16.23 -76.57
N GLU P 55 -49.61 15.30 -75.92
CA GLU P 55 -50.04 13.92 -75.97
C GLU P 55 -51.23 13.67 -75.05
N ARG P 56 -51.11 14.05 -73.78
CA ARG P 56 -52.19 13.80 -72.85
C ARG P 56 -53.37 14.73 -73.10
N ALA P 57 -53.10 15.92 -73.63
CA ALA P 57 -54.18 16.81 -74.04
C ALA P 57 -54.91 16.28 -75.26
N THR P 58 -54.26 15.46 -76.08
CA THR P 58 -55.00 14.72 -77.09
C THR P 58 -55.87 13.66 -76.44
N TYR P 59 -55.39 13.05 -75.35
CA TYR P 59 -56.13 11.96 -74.73
C TYR P 59 -57.34 12.44 -73.97
N TRP P 60 -57.17 13.43 -73.09
CA TRP P 60 -58.26 13.81 -72.20
C TRP P 60 -59.36 14.56 -72.92
N LEU P 61 -59.01 15.43 -73.85
CA LEU P 61 -60.01 16.25 -74.53
C LEU P 61 -60.92 15.44 -75.43
N GLY P 62 -60.50 14.25 -75.84
CA GLY P 62 -61.39 13.35 -76.52
C GLY P 62 -62.31 12.58 -75.62
N GLN P 63 -62.23 12.76 -74.30
CA GLN P 63 -63.09 12.06 -73.38
C GLN P 63 -63.78 13.03 -72.45
N GLY P 64 -64.19 14.17 -72.98
CA GLY P 64 -65.11 15.02 -72.27
C GLY P 64 -64.51 15.88 -71.19
N ALA P 65 -63.20 16.09 -71.20
CA ALA P 65 -62.63 17.10 -70.32
C ALA P 65 -63.06 18.47 -70.79
N GLN P 66 -63.30 19.35 -69.85
CA GLN P 66 -63.95 20.62 -70.15
C GLN P 66 -63.05 21.77 -69.71
N PRO P 67 -62.39 22.47 -70.62
CA PRO P 67 -61.36 23.43 -70.21
C PRO P 67 -61.95 24.70 -69.64
N SER P 68 -61.05 25.52 -69.10
CA SER P 68 -61.41 26.78 -68.45
C SER P 68 -61.35 27.90 -69.48
N GLU P 69 -61.32 29.15 -68.99
CA GLU P 69 -61.27 30.28 -69.91
C GLU P 69 -59.84 30.60 -70.36
N ARG P 70 -58.87 30.59 -69.44
CA ARG P 70 -57.48 30.79 -69.86
C ARG P 70 -56.96 29.60 -70.63
N VAL P 71 -57.38 28.40 -70.26
CA VAL P 71 -56.91 27.20 -70.94
C VAL P 71 -57.58 27.05 -72.30
N ALA P 72 -58.65 27.79 -72.55
CA ALA P 72 -59.22 27.85 -73.89
C ALA P 72 -58.26 28.50 -74.88
N GLN P 73 -57.39 29.38 -74.40
CA GLN P 73 -56.43 30.04 -75.27
C GLN P 73 -55.02 29.47 -75.19
N LEU P 74 -54.63 28.89 -74.06
CA LEU P 74 -53.26 28.40 -73.96
C LEU P 74 -53.05 27.14 -74.76
N LEU P 75 -54.06 26.28 -74.88
CA LEU P 75 -53.96 25.17 -75.81
C LEU P 75 -54.03 25.65 -77.24
N LYS P 76 -54.70 26.78 -77.47
CA LYS P 76 -54.84 27.32 -78.82
C LYS P 76 -53.53 27.93 -79.31
N ASP P 77 -52.78 28.54 -78.40
CA ASP P 77 -51.57 29.26 -78.77
C ASP P 77 -50.35 28.37 -78.55
N ALA P 78 -50.29 27.30 -79.32
CA ALA P 78 -49.20 26.34 -79.23
C ALA P 78 -48.48 26.22 -80.58
N ARG Q 1 -53.94 -16.86 -58.36
CA ARG Q 1 -54.07 -16.91 -56.91
C ARG Q 1 -54.67 -18.22 -56.47
N THR Q 2 -53.89 -18.99 -55.71
CA THR Q 2 -54.27 -20.35 -55.34
C THR Q 2 -53.44 -20.74 -54.13
N LEU Q 3 -54.10 -21.16 -53.05
CA LEU Q 3 -53.43 -21.53 -51.83
C LEU Q 3 -53.50 -23.04 -51.60
N THR Q 4 -52.92 -23.47 -50.49
CA THR Q 4 -52.84 -24.89 -50.13
C THR Q 4 -52.70 -25.00 -48.62
N GLY Q 5 -53.51 -25.84 -48.01
CA GLY Q 5 -53.38 -26.08 -46.59
C GLY Q 5 -53.84 -27.47 -46.21
N ARG Q 6 -53.98 -27.74 -44.92
CA ARG Q 6 -54.48 -29.03 -44.47
C ARG Q 6 -55.65 -28.82 -43.53
N VAL Q 7 -56.56 -29.77 -43.55
CA VAL Q 7 -57.85 -29.67 -42.89
C VAL Q 7 -57.71 -30.04 -41.42
N VAL Q 8 -58.39 -29.29 -40.55
CA VAL Q 8 -58.45 -29.63 -39.13
C VAL Q 8 -59.87 -29.85 -38.61
N SER Q 9 -60.90 -29.57 -39.39
CA SER Q 9 -62.25 -29.61 -38.84
C SER Q 9 -63.25 -30.15 -39.85
N ASP Q 10 -64.20 -30.95 -39.35
CA ASP Q 10 -65.34 -31.44 -40.12
C ASP Q 10 -66.64 -31.28 -39.36
N LYS Q 11 -66.66 -30.42 -38.34
CA LYS Q 11 -67.81 -30.39 -37.44
C LYS Q 11 -69.00 -29.68 -38.06
N MET Q 12 -68.77 -28.63 -38.83
CA MET Q 12 -69.88 -27.86 -39.36
C MET Q 12 -70.46 -28.53 -40.60
N ASP Q 13 -71.50 -27.90 -41.14
CA ASP Q 13 -72.27 -28.44 -42.24
C ASP Q 13 -71.84 -27.72 -43.52
N LYS Q 14 -71.32 -28.48 -44.48
CA LYS Q 14 -70.76 -27.97 -45.75
C LYS Q 14 -69.68 -26.92 -45.52
N THR Q 15 -68.90 -27.03 -44.45
CA THR Q 15 -67.90 -26.04 -44.16
C THR Q 15 -66.67 -26.72 -43.58
N VAL Q 16 -65.51 -26.42 -44.14
CA VAL Q 16 -64.26 -27.04 -43.76
C VAL Q 16 -63.34 -25.94 -43.25
N THR Q 17 -62.26 -26.32 -42.58
CA THR Q 17 -61.35 -25.36 -41.99
C THR Q 17 -59.92 -25.80 -42.26
N VAL Q 18 -59.09 -24.89 -42.75
CA VAL Q 18 -57.73 -25.23 -43.14
C VAL Q 18 -56.74 -24.53 -42.21
N LEU Q 19 -55.49 -25.00 -42.26
CA LEU Q 19 -54.34 -24.30 -41.70
C LEU Q 19 -53.37 -23.99 -42.81
N ILE Q 20 -53.03 -22.73 -42.99
CA ILE Q 20 -52.08 -22.33 -44.00
C ILE Q 20 -50.85 -21.80 -43.28
N GLU Q 21 -49.76 -22.55 -43.34
CA GLU Q 21 -48.54 -22.09 -42.70
C GLU Q 21 -47.88 -21.01 -43.55
N ARG Q 22 -46.93 -20.31 -42.94
CA ARG Q 22 -46.35 -19.15 -43.58
C ARG Q 22 -45.06 -18.82 -42.87
N ARG Q 23 -44.00 -18.53 -43.62
CA ARG Q 23 -42.75 -18.08 -43.03
C ARG Q 23 -42.58 -16.61 -43.38
N VAL Q 24 -42.94 -15.75 -42.44
CA VAL Q 24 -42.60 -14.35 -42.54
C VAL Q 24 -41.29 -14.13 -41.81
N LYS Q 25 -40.56 -13.10 -42.19
CA LYS Q 25 -39.32 -12.81 -41.48
C LYS Q 25 -39.59 -11.76 -40.43
N HIS Q 26 -38.82 -11.80 -39.41
CA HIS Q 26 -38.98 -10.79 -38.38
C HIS Q 26 -38.33 -9.50 -38.88
N PRO Q 27 -38.96 -8.35 -38.65
CA PRO Q 27 -38.51 -7.13 -39.34
C PRO Q 27 -37.18 -6.58 -38.86
N ILE Q 28 -36.70 -6.96 -37.68
CA ILE Q 28 -35.50 -6.32 -37.14
C ILE Q 28 -34.44 -7.35 -36.77
N TYR Q 29 -34.85 -8.58 -36.48
CA TYR Q 29 -33.89 -9.59 -36.05
C TYR Q 29 -33.53 -10.59 -37.12
N GLY Q 30 -34.06 -10.43 -38.34
CA GLY Q 30 -33.55 -11.15 -39.50
C GLY Q 30 -33.75 -12.65 -39.49
N LYS Q 31 -34.80 -13.13 -38.83
CA LYS Q 31 -35.02 -14.56 -38.69
C LYS Q 31 -36.42 -14.91 -39.19
N TYR Q 32 -36.55 -16.05 -39.86
CA TYR Q 32 -37.82 -16.48 -40.43
C TYR Q 32 -38.60 -17.28 -39.40
N VAL Q 33 -39.61 -16.66 -38.81
CA VAL Q 33 -40.53 -17.37 -37.93
C VAL Q 33 -41.56 -18.09 -38.77
N LYS Q 34 -42.35 -18.95 -38.13
CA LYS Q 34 -43.53 -19.53 -38.74
C LYS Q 34 -44.75 -18.99 -38.02
N ARG Q 35 -45.67 -18.40 -38.76
CA ARG Q 35 -46.91 -17.93 -38.18
C ARG Q 35 -48.08 -18.43 -39.03
N SER Q 36 -49.12 -18.90 -38.35
CA SER Q 36 -50.16 -19.68 -39.00
C SER Q 36 -51.21 -18.79 -39.65
N THR Q 37 -52.20 -19.43 -40.26
CA THR Q 37 -53.38 -18.77 -40.84
C THR Q 37 -54.49 -19.81 -40.87
N LYS Q 38 -55.70 -19.41 -40.47
CA LYS Q 38 -56.82 -20.33 -40.35
C LYS Q 38 -58.04 -19.72 -41.01
N LEU Q 39 -58.51 -20.34 -42.09
CA LEU Q 39 -59.62 -19.85 -42.90
C LEU Q 39 -60.82 -20.77 -42.75
N HIS Q 40 -61.92 -20.37 -43.38
CA HIS Q 40 -63.13 -21.19 -43.49
C HIS Q 40 -63.43 -21.36 -44.97
N ALA Q 41 -62.86 -22.40 -45.57
CA ALA Q 41 -63.18 -22.69 -46.95
C ALA Q 41 -64.57 -23.30 -47.05
N HIS Q 42 -65.36 -22.81 -47.99
CA HIS Q 42 -66.68 -23.38 -48.23
C HIS Q 42 -66.57 -24.77 -48.80
N ASP Q 43 -66.85 -25.77 -47.99
CA ASP Q 43 -67.00 -27.11 -48.54
C ASP Q 43 -68.30 -27.18 -49.33
N GLU Q 44 -68.39 -28.15 -50.22
CA GLU Q 44 -69.54 -28.23 -51.11
C GLU Q 44 -70.29 -29.54 -51.05
N SER Q 45 -69.66 -30.63 -50.62
CA SER Q 45 -70.28 -31.95 -50.73
C SER Q 45 -70.08 -32.80 -49.50
N ASN Q 46 -69.55 -32.23 -48.41
CA ASN Q 46 -69.44 -32.87 -47.09
C ASN Q 46 -68.59 -34.14 -47.15
N GLN Q 47 -67.41 -34.01 -47.78
CA GLN Q 47 -66.67 -35.22 -48.14
C GLN Q 47 -65.16 -35.13 -47.91
N CYS Q 48 -64.70 -34.17 -47.11
CA CYS Q 48 -63.29 -34.09 -46.76
C CYS Q 48 -63.08 -34.58 -45.33
N ARG Q 49 -61.89 -35.14 -45.08
CA ARG Q 49 -61.56 -35.76 -43.81
C ARG Q 49 -60.58 -34.89 -43.05
N ILE Q 50 -60.52 -35.10 -41.74
CA ILE Q 50 -59.58 -34.37 -40.89
C ILE Q 50 -58.18 -34.92 -41.12
N GLY Q 51 -57.36 -34.18 -41.85
CA GLY Q 51 -56.00 -34.60 -42.08
C GLY Q 51 -55.64 -34.64 -43.55
N ASP Q 52 -56.46 -34.02 -44.38
CA ASP Q 52 -56.25 -34.06 -45.82
C ASP Q 52 -55.18 -33.06 -46.23
N LEU Q 53 -55.07 -32.82 -47.53
CA LEU Q 53 -54.20 -31.78 -48.08
C LEU Q 53 -54.94 -31.22 -49.29
N VAL Q 54 -55.55 -30.05 -49.13
CA VAL Q 54 -56.51 -29.55 -50.11
C VAL Q 54 -56.03 -28.23 -50.71
N THR Q 55 -56.87 -27.66 -51.58
CA THR Q 55 -56.52 -26.47 -52.36
C THR Q 55 -57.71 -25.54 -52.43
N ILE Q 56 -57.49 -24.26 -52.13
CA ILE Q 56 -58.57 -23.30 -52.01
C ILE Q 56 -58.36 -22.16 -53.00
N ARG Q 57 -59.43 -21.41 -53.25
CA ARG Q 57 -59.38 -20.19 -54.04
C ARG Q 57 -60.48 -19.27 -53.55
N GLU Q 58 -60.43 -18.02 -53.96
CA GLU Q 58 -61.28 -16.98 -53.40
C GLU Q 58 -62.45 -16.67 -54.31
N THR Q 59 -63.65 -16.67 -53.74
CA THR Q 59 -64.87 -16.28 -54.43
C THR Q 59 -65.50 -15.09 -53.72
N ARG Q 60 -66.70 -14.74 -54.15
CA ARG Q 60 -67.54 -13.80 -53.43
C ARG Q 60 -68.01 -14.46 -52.14
N PRO Q 61 -68.40 -13.69 -51.12
CA PRO Q 61 -68.80 -14.30 -49.84
C PRO Q 61 -70.08 -15.11 -49.96
N LEU Q 62 -70.09 -16.26 -49.29
CA LEU Q 62 -71.18 -17.21 -49.34
C LEU Q 62 -72.02 -17.20 -48.07
N ALA Q 63 -71.38 -17.30 -46.92
CA ALA Q 63 -71.93 -16.81 -45.66
C ALA Q 63 -70.99 -15.73 -45.19
N LYS Q 64 -71.22 -15.20 -44.00
CA LYS Q 64 -70.18 -14.35 -43.45
C LYS Q 64 -69.04 -15.23 -42.96
N THR Q 65 -67.84 -14.64 -42.90
CA THR Q 65 -66.59 -15.31 -42.50
C THR Q 65 -66.31 -16.58 -43.32
N LYS Q 66 -66.80 -16.64 -44.55
CA LYS Q 66 -66.61 -17.81 -45.41
C LYS Q 66 -66.64 -17.29 -46.84
N ALA Q 67 -65.47 -17.02 -47.39
CA ALA Q 67 -65.36 -16.54 -48.75
C ALA Q 67 -64.48 -17.42 -49.61
N TRP Q 68 -63.72 -18.31 -49.03
CA TRP Q 68 -62.88 -19.22 -49.77
C TRP Q 68 -63.66 -20.49 -50.08
N THR Q 69 -63.27 -21.15 -51.17
CA THR Q 69 -63.95 -22.37 -51.56
C THR Q 69 -62.95 -23.51 -51.70
N LEU Q 70 -63.41 -24.64 -52.25
CA LEU Q 70 -62.57 -25.81 -52.42
C LEU Q 70 -62.31 -26.03 -53.90
N VAL Q 71 -61.04 -26.13 -54.29
CA VAL Q 71 -60.73 -26.41 -55.68
C VAL Q 71 -60.79 -27.91 -55.91
N ASP Q 72 -59.91 -28.65 -55.25
CA ASP Q 72 -59.82 -30.10 -55.42
C ASP Q 72 -59.00 -30.67 -54.29
N ILE Q 73 -59.23 -31.94 -53.98
CA ILE Q 73 -58.43 -32.65 -52.97
C ILE Q 73 -57.18 -33.18 -53.64
N VAL Q 74 -56.02 -32.84 -53.07
CA VAL Q 74 -54.75 -33.23 -53.69
C VAL Q 74 -54.34 -34.62 -53.23
N GLU Q 75 -54.17 -34.81 -51.92
CA GLU Q 75 -53.80 -36.10 -51.41
C GLU Q 75 -54.40 -36.30 -50.03
N ARG Q 76 -54.54 -37.56 -49.65
CA ARG Q 76 -55.21 -37.94 -48.42
C ARG Q 76 -54.37 -37.63 -47.20
N PHE R 1 10.96 -53.67 1.62
CA PHE R 1 10.17 -54.28 0.56
C PHE R 1 9.26 -55.35 1.14
N PHE R 2 9.16 -55.37 2.47
CA PHE R 2 8.20 -56.26 3.12
C PHE R 2 6.77 -55.84 2.82
N ARG R 3 6.54 -54.54 2.61
CA ARG R 3 5.22 -54.10 2.16
C ARG R 3 5.01 -54.36 0.68
N ARG R 4 6.07 -54.68 -0.06
CA ARG R 4 5.91 -54.99 -1.47
C ARG R 4 5.56 -56.46 -1.69
N ARG R 5 6.18 -57.36 -0.92
CA ARG R 5 5.93 -58.79 -1.10
C ARG R 5 4.55 -59.20 -0.64
N ARG R 6 3.98 -58.51 0.34
CA ARG R 6 2.67 -58.89 0.85
C ARG R 6 1.57 -58.49 -0.10
N PHE R 7 1.84 -57.56 -1.03
CA PHE R 7 0.97 -57.37 -2.17
C PHE R 7 0.90 -58.63 -3.01
N CYS R 8 2.03 -59.30 -3.16
CA CYS R 8 2.10 -60.56 -3.90
C CYS R 8 1.69 -61.76 -3.06
N ARG R 9 1.28 -61.55 -1.81
CA ARG R 9 0.76 -62.66 -1.03
C ARG R 9 -0.60 -63.12 -1.52
N PHE R 10 -1.30 -62.28 -2.29
CA PHE R 10 -2.56 -62.65 -2.91
C PHE R 10 -2.56 -62.55 -4.43
N THR R 11 -1.68 -61.74 -5.02
CA THR R 11 -1.69 -61.53 -6.46
C THR R 11 -0.75 -62.44 -7.21
N ALA R 12 0.34 -62.89 -6.58
CA ALA R 12 1.22 -63.84 -7.26
C ALA R 12 0.59 -65.22 -7.33
N GLU R 13 -0.25 -65.57 -6.37
CA GLU R 13 -0.94 -66.84 -6.36
C GLU R 13 -2.36 -66.67 -6.92
N GLY R 14 -2.94 -67.80 -7.32
CA GLY R 14 -4.31 -67.80 -7.80
C GLY R 14 -5.30 -68.05 -6.69
N VAL R 15 -5.17 -67.29 -5.62
CA VAL R 15 -5.94 -67.48 -4.39
C VAL R 15 -6.97 -66.36 -4.30
N LYS R 16 -7.48 -65.93 -5.46
CA LYS R 16 -8.26 -64.70 -5.60
C LYS R 16 -9.49 -64.67 -4.70
N GLU R 17 -10.27 -65.74 -4.69
CA GLU R 17 -11.40 -65.84 -3.76
C GLU R 17 -10.88 -66.40 -2.45
N ILE R 18 -10.51 -65.50 -1.55
CA ILE R 18 -10.07 -65.91 -0.22
C ILE R 18 -11.28 -66.36 0.58
N ASP R 19 -11.05 -67.24 1.55
CA ASP R 19 -12.09 -67.73 2.42
C ASP R 19 -11.82 -67.34 3.85
N TYR R 20 -12.87 -67.38 4.66
CA TYR R 20 -12.79 -67.15 6.09
C TYR R 20 -12.42 -68.40 6.86
N LYS R 21 -11.80 -69.37 6.18
CA LYS R 21 -11.44 -70.65 6.75
C LYS R 21 -9.95 -70.76 7.04
N ASP R 22 -9.09 -70.21 6.18
CA ASP R 22 -7.65 -70.29 6.40
C ASP R 22 -7.27 -69.28 7.47
N LEU R 23 -7.34 -69.71 8.73
CA LEU R 23 -6.95 -68.84 9.83
C LEU R 23 -5.44 -68.66 9.89
N ASN R 24 -4.68 -69.57 9.30
CA ASN R 24 -3.23 -69.39 9.28
C ASN R 24 -2.83 -68.22 8.39
N THR R 25 -3.67 -67.86 7.43
CA THR R 25 -3.44 -66.67 6.63
C THR R 25 -3.91 -65.41 7.37
N LEU R 26 -5.10 -65.46 7.97
CA LEU R 26 -5.72 -64.27 8.53
C LEU R 26 -5.02 -63.79 9.78
N LYS R 27 -4.33 -64.68 10.50
CA LYS R 27 -3.62 -64.23 11.68
C LYS R 27 -2.37 -63.43 11.36
N ALA R 28 -1.92 -63.44 10.11
CA ALA R 28 -0.84 -62.56 9.72
C ALA R 28 -1.29 -61.11 9.56
N TYR R 29 -2.60 -60.88 9.43
CA TYR R 29 -3.12 -59.55 9.12
C TYR R 29 -3.91 -58.94 10.27
N VAL R 30 -3.76 -59.45 11.47
CA VAL R 30 -4.45 -58.95 12.64
C VAL R 30 -3.41 -58.58 13.68
N SER R 31 -3.56 -57.39 14.29
CA SER R 31 -2.60 -56.92 15.27
C SER R 31 -2.74 -57.69 16.58
N GLU R 32 -1.86 -57.37 17.53
CA GLU R 32 -1.81 -58.11 18.79
C GLU R 32 -3.03 -57.84 19.66
N THR R 33 -3.67 -56.69 19.50
CA THR R 33 -4.84 -56.36 20.31
C THR R 33 -6.08 -56.99 19.72
N GLY R 34 -6.24 -56.93 18.41
CA GLY R 34 -7.38 -57.53 17.76
C GLY R 34 -7.85 -56.71 16.57
N LYS R 35 -7.45 -55.46 16.51
CA LYS R 35 -7.92 -54.60 15.43
C LYS R 35 -7.15 -54.91 14.14
N ILE R 36 -7.78 -54.59 13.04
CA ILE R 36 -7.31 -54.96 11.71
C ILE R 36 -6.28 -53.94 11.22
N VAL R 37 -5.29 -54.42 10.48
CA VAL R 37 -4.14 -53.63 10.06
C VAL R 37 -4.52 -52.68 8.93
N PRO R 38 -3.77 -51.60 8.69
CA PRO R 38 -4.01 -50.79 7.50
C PRO R 38 -3.51 -51.45 6.23
N SER R 39 -3.58 -50.74 5.10
CA SER R 39 -3.09 -51.26 3.84
C SER R 39 -1.87 -50.51 3.33
N ARG R 40 -1.34 -49.57 4.11
CA ARG R 40 -0.02 -49.02 3.84
C ARG R 40 1.04 -49.66 4.72
N ILE R 41 0.67 -50.64 5.53
CA ILE R 41 1.61 -51.42 6.30
C ILE R 41 1.87 -52.76 5.64
N THR R 42 0.81 -53.47 5.27
CA THR R 42 0.97 -54.66 4.46
C THR R 42 1.29 -54.31 3.02
N GLY R 43 0.76 -53.20 2.53
CA GLY R 43 0.96 -52.86 1.14
C GLY R 43 0.20 -53.71 0.17
N THR R 44 -0.86 -54.39 0.61
CA THR R 44 -1.68 -55.19 -0.28
C THR R 44 -2.49 -54.29 -1.21
N LYS R 45 -2.81 -54.83 -2.38
CA LYS R 45 -3.61 -54.08 -3.34
C LYS R 45 -5.03 -53.91 -2.81
N ALA R 46 -5.62 -52.75 -3.09
CA ALA R 46 -6.89 -52.38 -2.50
C ALA R 46 -8.07 -53.13 -3.07
N LYS R 47 -7.90 -53.94 -4.11
CA LYS R 47 -8.93 -54.90 -4.45
C LYS R 47 -9.05 -55.96 -3.38
N TYR R 48 -7.93 -56.43 -2.87
CA TYR R 48 -7.95 -57.53 -1.91
C TYR R 48 -8.14 -57.06 -0.48
N GLN R 49 -7.72 -55.84 -0.18
CA GLN R 49 -7.91 -55.28 1.16
C GLN R 49 -9.38 -55.17 1.51
N ARG R 50 -10.22 -54.77 0.53
CA ARG R 50 -11.66 -54.80 0.75
C ARG R 50 -12.15 -56.23 0.86
N GLN R 51 -11.58 -57.13 0.08
CA GLN R 51 -11.96 -58.53 0.18
C GLN R 51 -11.43 -59.17 1.43
N LEU R 52 -10.31 -58.66 1.98
CA LEU R 52 -9.77 -59.18 3.21
C LEU R 52 -10.61 -58.77 4.41
N ALA R 53 -11.25 -57.61 4.34
CA ALA R 53 -12.01 -57.13 5.49
C ALA R 53 -13.33 -57.86 5.67
N THR R 54 -13.84 -58.50 4.63
CA THR R 54 -15.07 -59.25 4.79
C THR R 54 -14.79 -60.59 5.49
N ALA R 55 -13.70 -61.24 5.12
CA ALA R 55 -13.35 -62.52 5.72
C ALA R 55 -12.93 -62.38 7.17
N ILE R 56 -12.52 -61.20 7.60
CA ILE R 56 -12.33 -60.98 9.03
C ILE R 56 -13.67 -60.88 9.73
N LYS R 57 -14.58 -60.07 9.18
CA LYS R 57 -15.85 -59.82 9.86
C LYS R 57 -16.76 -61.03 9.88
N ARG R 58 -16.56 -61.99 8.98
CA ARG R 58 -17.32 -63.23 9.06
C ARG R 58 -16.68 -64.20 10.04
N ALA R 59 -15.37 -64.30 10.02
CA ALA R 59 -14.69 -65.18 10.97
C ALA R 59 -14.80 -64.66 12.39
N ARG R 60 -14.91 -63.34 12.56
CA ARG R 60 -15.17 -62.78 13.87
C ARG R 60 -16.56 -63.15 14.36
N TYR R 61 -17.52 -63.30 13.46
CA TYR R 61 -18.89 -63.60 13.84
C TYR R 61 -19.04 -65.02 14.34
N LEU R 62 -18.26 -65.95 13.79
CA LEU R 62 -18.31 -67.35 14.14
C LEU R 62 -17.39 -67.70 15.29
N ALA R 63 -16.94 -66.69 16.05
CA ALA R 63 -16.05 -66.84 17.22
C ALA R 63 -14.75 -67.55 16.88
N LEU R 64 -14.25 -67.35 15.67
CA LEU R 64 -12.94 -67.87 15.29
C LEU R 64 -11.82 -66.88 15.57
N LEU R 65 -12.15 -65.62 15.85
CA LEU R 65 -11.20 -64.56 16.08
C LEU R 65 -11.84 -63.63 17.11
N PRO R 66 -11.09 -63.14 18.07
CA PRO R 66 -11.68 -62.27 19.10
C PRO R 66 -11.89 -60.87 18.57
N TYR R 67 -12.42 -60.02 19.43
CA TYR R 67 -12.52 -58.59 19.13
C TYR R 67 -11.47 -57.79 19.88
N THR R 68 -11.37 -58.00 21.18
CA THR R 68 -10.59 -57.17 22.07
C THR R 68 -9.92 -58.13 23.06
N ASP R 69 -9.02 -57.60 23.88
CA ASP R 69 -8.44 -58.40 24.95
C ASP R 69 -9.37 -58.58 26.15
N SER R 70 -10.58 -58.01 26.12
CA SER R 70 -11.49 -58.13 27.25
C SER R 70 -12.07 -59.53 27.33
N HIS R 71 -12.82 -59.94 26.31
CA HIS R 71 -13.26 -61.32 26.22
C HIS R 71 -12.21 -62.13 25.48
N PRO S 1 18.58 44.32 63.61
CA PRO S 1 18.35 45.13 62.41
C PRO S 1 18.53 46.60 62.69
N ARG S 2 19.20 47.31 61.77
CA ARG S 2 19.59 48.71 61.91
C ARG S 2 20.39 48.91 63.21
N SER S 3 21.60 48.35 63.17
CA SER S 3 22.46 48.20 64.33
C SER S 3 22.81 49.56 64.94
N LEU S 4 23.15 49.52 66.23
CA LEU S 4 23.10 50.70 67.08
C LEU S 4 24.22 51.70 66.79
N LYS S 5 25.18 51.35 65.94
CA LYS S 5 26.12 52.34 65.42
C LYS S 5 25.38 53.44 64.68
N LYS S 6 24.52 53.05 63.74
CA LYS S 6 23.62 53.97 63.06
C LYS S 6 22.28 53.86 63.78
N GLY S 7 22.09 54.72 64.79
CA GLY S 7 21.02 54.55 65.73
C GLY S 7 19.61 54.81 65.21
N PRO S 8 19.27 56.06 64.96
CA PRO S 8 17.89 56.38 64.58
C PRO S 8 17.70 56.40 63.07
N PHE S 9 16.44 56.43 62.66
CA PHE S 9 16.08 56.72 61.28
C PHE S 9 14.79 57.50 61.25
N ILE S 10 14.80 58.62 60.53
CA ILE S 10 13.61 59.39 60.22
C ILE S 10 13.87 60.11 58.92
N ASP S 11 12.80 60.48 58.24
CA ASP S 11 12.95 61.09 56.93
C ASP S 11 13.05 62.61 57.08
N LEU S 12 13.75 63.24 56.13
CA LEU S 12 14.10 64.64 56.27
C LEU S 12 12.90 65.55 56.07
N HIS S 13 12.12 65.33 55.00
CA HIS S 13 10.97 66.18 54.77
C HIS S 13 9.86 65.92 55.78
N LEU S 14 9.81 64.71 56.32
CA LEU S 14 8.88 64.42 57.41
C LEU S 14 9.23 65.22 58.65
N LEU S 15 10.52 65.42 58.91
CA LEU S 15 10.96 66.05 60.15
C LEU S 15 10.59 67.53 60.18
N LYS S 16 10.79 68.25 59.07
CA LYS S 16 10.39 69.64 59.03
C LYS S 16 8.88 69.81 58.96
N LYS S 17 8.15 68.81 58.48
CA LYS S 17 6.69 68.83 58.50
C LYS S 17 6.12 68.29 59.79
N VAL S 18 6.97 68.07 60.79
CA VAL S 18 6.53 67.68 62.12
C VAL S 18 7.08 68.63 63.18
N GLU S 19 8.39 68.87 63.17
CA GLU S 19 9.02 69.69 64.20
C GLU S 19 8.55 71.14 64.13
N VAL S 20 8.35 71.66 62.92
CA VAL S 20 7.72 72.96 62.77
C VAL S 20 6.21 72.82 63.03
N ALA S 21 5.62 71.69 62.66
CA ALA S 21 4.21 71.46 62.91
C ALA S 21 3.91 71.03 64.35
N VAL S 22 4.91 71.01 65.23
CA VAL S 22 4.65 70.99 66.67
C VAL S 22 4.39 72.40 67.17
N GLU S 23 5.14 73.38 66.63
CA GLU S 23 5.06 74.77 67.07
C GLU S 23 3.70 75.40 66.77
N LYS S 24 2.96 74.86 65.82
CA LYS S 24 1.54 75.12 65.67
C LYS S 24 0.86 73.77 65.81
N ASN S 25 0.13 73.59 66.90
CA ASN S 25 -0.16 72.25 67.44
C ASN S 25 -1.23 71.52 66.62
N ASP S 26 -1.69 70.39 67.16
CA ASP S 26 -2.41 69.37 66.40
C ASP S 26 -3.80 69.81 65.99
N ARG S 27 -3.90 70.40 64.80
CA ARG S 27 -5.16 70.80 64.21
C ARG S 27 -5.37 70.18 62.83
N LYS S 28 -4.55 69.20 62.45
CA LYS S 28 -4.57 68.65 61.11
C LYS S 28 -3.90 67.29 61.14
N PRO S 29 -4.33 66.36 60.29
CA PRO S 29 -3.58 65.13 60.11
C PRO S 29 -2.44 65.32 59.12
N ILE S 30 -1.40 64.52 59.29
CA ILE S 30 -0.21 64.61 58.45
C ILE S 30 -0.33 63.54 57.38
N LYS S 31 -0.50 63.96 56.13
CA LYS S 31 -0.62 63.04 55.01
C LYS S 31 0.76 62.80 54.41
N THR S 32 1.25 61.57 54.51
CA THR S 32 2.61 61.24 54.13
C THR S 32 2.63 59.86 53.49
N TRP S 33 3.32 59.74 52.36
CA TRP S 33 3.49 58.44 51.71
C TRP S 33 4.62 57.63 52.32
N SER S 34 5.45 58.22 53.16
CA SER S 34 6.61 57.51 53.67
C SER S 34 6.20 56.49 54.72
N ARG S 35 6.84 55.33 54.67
CA ARG S 35 6.60 54.27 55.63
C ARG S 35 7.88 53.69 56.18
N ARG S 36 9.04 54.18 55.75
CA ARG S 36 10.31 53.60 56.17
C ARG S 36 10.79 54.14 57.50
N SER S 37 10.13 55.15 58.05
CA SER S 37 10.63 55.82 59.24
C SER S 37 9.88 55.37 60.48
N MET S 38 10.56 55.46 61.62
CA MET S 38 10.01 55.10 62.92
C MET S 38 9.15 56.23 63.45
N ILE S 39 8.62 56.07 64.66
CA ILE S 39 8.10 57.21 65.40
C ILE S 39 9.01 57.44 66.60
N LEU S 40 8.93 58.63 67.16
CA LEU S 40 9.92 59.11 68.10
C LEU S 40 9.21 59.82 69.25
N PRO S 41 9.85 59.91 70.43
CA PRO S 41 9.25 60.67 71.54
C PRO S 41 9.16 62.17 71.31
N HIS S 42 9.67 62.69 70.20
CA HIS S 42 9.33 64.01 69.72
C HIS S 42 7.98 64.06 69.03
N MET S 43 7.28 62.91 68.91
CA MET S 43 6.06 62.84 68.12
C MET S 43 4.92 62.12 68.83
N VAL S 44 4.92 62.10 70.17
CA VAL S 44 3.92 61.33 70.90
C VAL S 44 2.59 62.06 70.86
N GLY S 45 1.61 61.47 70.18
CA GLY S 45 0.24 61.95 70.20
C GLY S 45 -0.26 62.59 68.93
N LEU S 46 0.44 62.44 67.82
CA LEU S 46 0.07 63.16 66.60
C LEU S 46 -0.94 62.35 65.79
N THR S 47 -1.26 62.85 64.59
CA THR S 47 -2.23 62.23 63.70
C THR S 47 -1.61 62.16 62.31
N ILE S 48 -1.35 60.95 61.84
CA ILE S 48 -0.61 60.72 60.61
C ILE S 48 -1.53 59.98 59.64
N ALA S 49 -1.52 60.38 58.37
CA ALA S 49 -2.32 59.72 57.34
C ALA S 49 -1.38 58.87 56.48
N VAL S 50 -1.14 57.64 56.93
CA VAL S 50 -0.17 56.75 56.31
C VAL S 50 -0.79 56.12 55.07
N HIS S 51 -0.01 56.06 53.98
CA HIS S 51 -0.51 55.59 52.70
C HIS S 51 -0.71 54.08 52.71
N ASN S 52 -1.96 53.66 52.49
CA ASN S 52 -2.29 52.24 52.42
C ASN S 52 -1.65 51.60 51.19
N GLY S 53 -1.63 52.32 50.09
CA GLY S 53 -1.27 51.76 48.81
C GLY S 53 -2.23 52.32 47.78
N ARG S 54 -3.47 52.55 48.21
CA ARG S 54 -4.44 53.28 47.41
C ARG S 54 -5.20 54.36 48.16
N GLN S 55 -5.02 54.49 49.48
CA GLN S 55 -5.57 55.63 50.19
C GLN S 55 -4.69 55.91 51.41
N HIS S 56 -5.05 56.93 52.18
CA HIS S 56 -4.41 57.22 53.46
C HIS S 56 -5.32 56.84 54.61
N VAL S 57 -4.75 56.26 55.65
CA VAL S 57 -5.52 55.89 56.84
C VAL S 57 -4.99 56.66 58.05
N PRO S 58 -5.86 57.08 58.97
CA PRO S 58 -5.39 57.86 60.12
C PRO S 58 -4.72 57.00 61.18
N VAL S 59 -3.81 57.63 61.92
CA VAL S 59 -3.02 56.95 62.95
C VAL S 59 -3.13 57.75 64.25
N LEU S 60 -3.54 57.08 65.33
CA LEU S 60 -3.54 57.67 66.66
C LEU S 60 -2.24 57.29 67.35
N VAL S 61 -1.35 58.24 67.50
CA VAL S 61 -0.03 57.96 68.07
C VAL S 61 -0.16 57.91 69.59
N ASN S 62 0.35 56.83 70.18
CA ASN S 62 0.35 56.64 71.62
C ASN S 62 1.79 56.63 72.11
N GLU S 63 1.94 56.52 73.44
CA GLU S 63 3.28 56.54 74.01
C GLU S 63 4.01 55.22 73.88
N ASP S 64 3.28 54.11 73.76
CA ASP S 64 3.89 52.79 73.74
C ASP S 64 3.95 52.20 72.32
N MET S 65 4.15 53.07 71.33
CA MET S 65 4.27 52.70 69.93
C MET S 65 5.65 53.04 69.38
N VAL S 66 6.61 53.30 70.26
CA VAL S 66 7.76 54.14 69.92
C VAL S 66 8.76 53.40 69.03
N GLY S 67 9.01 52.13 69.30
CA GLY S 67 10.04 51.43 68.54
C GLY S 67 9.59 50.97 67.17
N HIS S 68 8.31 50.72 67.01
CA HIS S 68 7.82 50.10 65.78
C HIS S 68 7.60 51.17 64.72
N LYS S 69 7.79 50.78 63.47
CA LYS S 69 7.66 51.73 62.38
C LYS S 69 6.19 51.93 62.00
N LEU S 70 5.96 52.83 61.05
CA LEU S 70 4.61 53.13 60.59
C LEU S 70 4.01 52.00 59.77
N GLY S 71 4.83 51.07 59.29
CA GLY S 71 4.33 50.03 58.42
C GLY S 71 3.46 49.00 59.10
N GLU S 72 3.57 48.87 60.41
CA GLU S 72 2.78 47.89 61.14
C GLU S 72 1.35 48.35 61.40
N PHE S 73 0.99 49.55 61.00
CA PHE S 73 -0.31 50.11 61.31
C PHE S 73 -1.10 50.52 60.09
N ALA S 74 -0.50 50.48 58.90
CA ALA S 74 -1.25 50.52 57.66
C ALA S 74 -1.40 49.10 57.13
N ALA S 75 -2.56 48.83 56.55
CA ALA S 75 -2.78 47.52 55.98
C ALA S 75 -2.08 47.42 54.62
N THR S 76 -2.02 46.20 54.09
CA THR S 76 -1.72 45.98 52.68
C THR S 76 -2.80 45.19 51.97
N ARG S 77 -3.15 44.03 52.51
CA ARG S 77 -3.96 43.04 51.83
C ARG S 77 -5.16 42.69 52.70
N THR S 78 -6.32 42.55 52.06
CA THR S 78 -7.58 42.54 52.80
C THR S 78 -7.87 41.18 53.45
N TYR S 79 -8.07 40.15 52.63
CA TYR S 79 -8.46 38.79 53.04
C TYR S 79 -9.73 38.83 53.91
N ARG S 80 -10.83 39.20 53.26
CA ARG S 80 -12.11 39.23 53.94
C ARG S 80 -12.69 37.81 54.03
N ASN T 1 -81.48 32.96 -40.99
CA ASN T 1 -81.67 31.97 -42.02
C ASN T 1 -81.69 32.62 -43.39
N THR T 2 -82.26 31.92 -44.37
CA THR T 2 -82.37 32.40 -45.73
C THR T 2 -83.83 32.44 -46.14
N PRO T 3 -84.18 33.16 -47.20
CA PRO T 3 -85.50 32.96 -47.81
C PRO T 3 -85.48 31.89 -48.87
N SER T 4 -84.43 31.07 -48.92
CA SER T 4 -84.34 29.97 -49.87
C SER T 4 -84.39 28.61 -49.23
N ALA T 5 -83.97 28.48 -47.97
CA ALA T 5 -84.19 27.22 -47.26
C ALA T 5 -85.64 27.07 -46.85
N LYS T 6 -86.32 28.19 -46.60
CA LYS T 6 -87.74 28.14 -46.28
C LYS T 6 -88.58 27.86 -47.51
N LYS T 7 -88.00 27.96 -48.70
CA LYS T 7 -88.69 27.50 -49.88
C LYS T 7 -88.50 26.00 -50.07
N ARG T 8 -87.30 25.48 -49.80
CA ARG T 8 -87.11 24.05 -49.92
C ARG T 8 -87.77 23.30 -48.77
N ALA T 9 -88.14 23.99 -47.69
CA ALA T 9 -88.89 23.35 -46.64
C ALA T 9 -90.33 23.13 -47.05
N LYS T 10 -90.98 24.14 -47.64
CA LYS T 10 -92.36 23.99 -48.10
C LYS T 10 -92.46 23.01 -49.25
N GLN T 11 -91.41 22.90 -50.04
CA GLN T 11 -91.37 22.09 -51.23
C GLN T 11 -91.01 20.64 -50.91
N ALA T 12 -90.89 20.31 -49.62
CA ALA T 12 -90.64 18.95 -49.20
C ALA T 12 -91.90 18.18 -48.87
N GLU T 13 -92.84 18.81 -48.16
CA GLU T 13 -94.09 18.11 -47.87
C GLU T 13 -94.98 18.00 -49.10
N LYS T 14 -94.84 18.91 -50.06
CA LYS T 14 -95.61 18.80 -51.29
C LYS T 14 -95.17 17.62 -52.13
N ARG T 15 -93.98 17.09 -51.90
CA ARG T 15 -93.55 15.85 -52.55
C ARG T 15 -93.62 14.66 -51.63
N ARG T 16 -93.49 14.86 -50.31
CA ARG T 16 -93.63 13.76 -49.36
C ARG T 16 -95.04 13.22 -49.36
N SER T 17 -96.02 14.12 -49.39
CA SER T 17 -97.41 13.68 -49.50
C SER T 17 -97.70 13.11 -50.86
N HIS T 18 -97.06 13.63 -51.89
CA HIS T 18 -97.33 13.18 -53.24
C HIS T 18 -96.68 11.84 -53.53
N ASN T 19 -95.51 11.59 -52.97
CA ASN T 19 -94.85 10.32 -53.26
C ASN T 19 -95.47 9.18 -52.46
N ALA T 20 -96.04 9.49 -51.30
CA ALA T 20 -96.61 8.44 -50.44
C ALA T 20 -97.83 7.79 -51.09
N SER T 21 -98.62 8.57 -51.81
CA SER T 21 -99.75 8.01 -52.54
C SER T 21 -99.29 7.10 -53.66
N LEU T 22 -98.26 7.52 -54.39
CA LEU T 22 -97.73 6.69 -55.46
C LEU T 22 -96.92 5.52 -54.94
N ARG T 23 -96.49 5.57 -53.68
CA ARG T 23 -95.70 4.48 -53.14
C ARG T 23 -96.56 3.41 -52.51
N SER T 24 -97.59 3.80 -51.75
CA SER T 24 -98.41 2.81 -51.09
C SER T 24 -99.33 2.09 -52.05
N MET T 25 -99.62 2.70 -53.20
CA MET T 25 -100.44 2.04 -54.21
C MET T 25 -99.73 0.83 -54.80
N VAL T 26 -98.41 0.93 -54.92
CA VAL T 26 -97.64 -0.21 -55.39
C VAL T 26 -97.79 -1.37 -54.42
N ARG T 27 -97.71 -1.10 -53.13
CA ARG T 27 -97.69 -2.18 -52.15
C ARG T 27 -99.06 -2.84 -51.98
N THR T 28 -100.15 -2.13 -52.27
CA THR T 28 -101.44 -2.79 -52.20
C THR T 28 -101.64 -3.74 -53.38
N TYR T 29 -101.10 -3.42 -54.54
CA TYR T 29 -101.23 -4.35 -55.64
C TYR T 29 -100.22 -5.49 -55.59
N ILE T 30 -99.34 -5.52 -54.61
CA ILE T 30 -98.44 -6.64 -54.42
C ILE T 30 -98.93 -7.55 -53.29
N LYS T 31 -99.49 -6.97 -52.22
CA LYS T 31 -100.08 -7.78 -51.16
C LYS T 31 -101.35 -8.50 -51.61
N ASN T 32 -101.99 -8.03 -52.68
CA ASN T 32 -103.10 -8.80 -53.23
C ASN T 32 -102.63 -10.09 -53.87
N VAL T 33 -101.43 -10.10 -54.43
CA VAL T 33 -100.94 -11.32 -55.04
C VAL T 33 -100.45 -12.30 -53.97
N VAL T 34 -99.78 -11.79 -52.94
CA VAL T 34 -99.17 -12.66 -51.95
C VAL T 34 -100.23 -13.30 -51.05
N LYS T 35 -101.28 -12.55 -50.72
CA LYS T 35 -102.39 -13.14 -49.97
C LYS T 35 -103.21 -14.10 -50.81
N ALA T 36 -103.12 -14.02 -52.13
CA ALA T 36 -103.80 -14.99 -52.98
C ALA T 36 -102.98 -16.24 -53.22
N ILE T 37 -101.69 -16.22 -52.92
CA ILE T 37 -100.89 -17.43 -53.03
C ILE T 37 -101.17 -18.37 -51.87
N ASP T 38 -101.31 -17.81 -50.66
CA ASP T 38 -101.37 -18.61 -49.45
C ASP T 38 -102.65 -19.42 -49.33
N ALA T 39 -103.71 -19.03 -50.03
CA ALA T 39 -104.94 -19.81 -50.04
C ALA T 39 -104.96 -20.84 -51.16
N LYS T 40 -103.81 -21.10 -51.78
CA LYS T 40 -103.62 -22.09 -52.85
C LYS T 40 -104.54 -21.82 -54.04
N ASP T 41 -104.65 -20.56 -54.41
CA ASP T 41 -105.55 -20.12 -55.46
C ASP T 41 -104.77 -19.99 -56.76
N LEU T 42 -105.16 -20.77 -57.77
CA LEU T 42 -104.42 -20.69 -59.03
C LEU T 42 -104.95 -19.60 -59.93
N GLU T 43 -106.26 -19.46 -60.07
CA GLU T 43 -106.79 -18.47 -60.98
C GLU T 43 -107.13 -17.15 -60.31
N LYS T 44 -107.21 -17.14 -58.98
CA LYS T 44 -107.45 -15.86 -58.30
C LYS T 44 -106.17 -15.04 -58.26
N ALA T 45 -105.04 -15.69 -58.02
CA ALA T 45 -103.76 -15.00 -58.04
C ALA T 45 -103.35 -14.64 -59.46
N GLN T 46 -103.79 -15.42 -60.45
CA GLN T 46 -103.44 -15.14 -61.83
C GLN T 46 -104.09 -13.85 -62.32
N ALA T 47 -105.29 -13.55 -61.84
CA ALA T 47 -105.93 -12.30 -62.22
C ALA T 47 -105.30 -11.11 -61.52
N ALA T 48 -104.87 -11.30 -60.27
CA ALA T 48 -104.22 -10.22 -59.54
C ALA T 48 -102.84 -9.93 -60.11
N PHE T 49 -102.15 -10.96 -60.60
CA PHE T 49 -100.84 -10.79 -61.19
C PHE T 49 -100.89 -10.01 -62.48
N THR T 50 -102.00 -10.11 -63.21
CA THR T 50 -102.10 -9.47 -64.52
C THR T 50 -102.23 -7.96 -64.39
N ALA T 51 -103.12 -7.50 -63.52
CA ALA T 51 -103.37 -6.08 -63.35
C ALA T 51 -102.50 -5.44 -62.28
N ALA T 52 -101.35 -6.04 -61.97
CA ALA T 52 -100.39 -5.42 -61.09
C ALA T 52 -99.02 -5.26 -61.72
N VAL T 53 -98.73 -5.97 -62.80
CA VAL T 53 -97.52 -5.68 -63.57
C VAL T 53 -97.54 -4.27 -64.17
N PRO T 54 -98.62 -3.78 -64.81
CA PRO T 54 -98.56 -2.38 -65.28
C PRO T 54 -98.53 -1.34 -64.18
N VAL T 55 -98.98 -1.65 -62.97
CA VAL T 55 -98.94 -0.64 -61.93
C VAL T 55 -97.54 -0.46 -61.39
N ILE T 56 -96.78 -1.56 -61.28
CA ILE T 56 -95.41 -1.47 -60.77
C ILE T 56 -94.51 -0.76 -61.76
N ASP T 57 -94.57 -1.14 -63.03
CA ASP T 57 -93.63 -0.59 -64.00
C ASP T 57 -93.94 0.86 -64.36
N ARG T 58 -95.19 1.26 -64.26
CA ARG T 58 -95.50 2.67 -64.50
C ARG T 58 -95.02 3.53 -63.35
N MET T 59 -94.98 2.97 -62.14
CA MET T 59 -94.39 3.67 -61.00
C MET T 59 -92.88 3.54 -60.95
N ALA T 60 -92.27 2.85 -61.89
CA ALA T 60 -90.82 2.74 -61.91
C ALA T 60 -90.16 3.86 -62.70
N ASP T 61 -90.72 4.23 -63.85
CA ASP T 61 -90.09 5.28 -64.64
C ASP T 61 -90.45 6.67 -64.15
N LYS T 62 -91.45 6.79 -63.27
CA LYS T 62 -91.64 8.05 -62.55
C LYS T 62 -90.48 8.36 -61.64
N GLY T 63 -89.81 7.33 -61.12
CA GLY T 63 -88.68 7.51 -60.25
C GLY T 63 -89.04 7.44 -58.79
N ILE T 64 -89.98 6.57 -58.45
CA ILE T 64 -90.40 6.42 -57.05
C ILE T 64 -89.61 5.29 -56.43
N ILE T 65 -89.79 4.09 -56.93
CA ILE T 65 -88.92 3.00 -56.61
C ILE T 65 -87.86 2.93 -57.69
N HIS T 66 -86.72 2.34 -57.37
CA HIS T 66 -85.64 2.26 -58.33
C HIS T 66 -85.94 1.14 -59.33
N LYS T 67 -85.39 1.26 -60.54
CA LYS T 67 -85.72 0.35 -61.63
C LYS T 67 -85.19 -1.05 -61.40
N ASN T 68 -84.17 -1.23 -60.56
CA ASN T 68 -83.76 -2.58 -60.21
C ASN T 68 -84.60 -3.18 -59.09
N LYS T 69 -85.40 -2.38 -58.40
CA LYS T 69 -86.29 -2.96 -57.41
C LYS T 69 -87.54 -3.51 -58.07
N ALA T 70 -88.03 -2.82 -59.11
CA ALA T 70 -89.17 -3.33 -59.86
C ALA T 70 -88.78 -4.58 -60.66
N ALA T 71 -87.51 -4.72 -61.01
CA ALA T 71 -87.05 -5.93 -61.66
C ALA T 71 -86.97 -7.12 -60.72
N ARG T 72 -87.11 -6.90 -59.42
CA ARG T 72 -86.96 -7.97 -58.45
C ARG T 72 -88.28 -8.60 -58.05
N HIS T 73 -89.36 -7.83 -57.98
CA HIS T 73 -90.65 -8.41 -57.62
C HIS T 73 -91.19 -9.28 -58.74
N LYS T 74 -91.00 -8.84 -59.99
CA LYS T 74 -91.55 -9.56 -61.12
C LYS T 74 -90.90 -10.91 -61.31
N SER T 75 -89.62 -11.04 -60.94
CA SER T 75 -88.95 -12.33 -61.06
C SER T 75 -89.42 -13.29 -59.99
N ARG T 76 -89.61 -12.82 -58.77
CA ARG T 76 -89.94 -13.73 -57.68
C ARG T 76 -91.39 -14.15 -57.71
N LEU T 77 -92.29 -13.25 -58.09
CA LEU T 77 -93.71 -13.60 -58.09
C LEU T 77 -94.05 -14.55 -59.23
N SER T 78 -93.28 -14.52 -60.31
CA SER T 78 -93.43 -15.56 -61.33
C SER T 78 -92.95 -16.91 -60.81
N GLY T 79 -91.95 -16.90 -59.95
CA GLY T 79 -91.45 -18.13 -59.39
C GLY T 79 -92.38 -18.81 -58.41
N HIS T 80 -93.41 -18.12 -57.95
CA HIS T 80 -94.40 -18.75 -57.09
C HIS T 80 -95.65 -19.17 -57.83
N ILE T 81 -95.86 -18.67 -59.05
CA ILE T 81 -97.00 -19.13 -59.83
C ILE T 81 -96.68 -20.41 -60.56
N LYS T 82 -95.44 -20.56 -61.03
CA LYS T 82 -95.02 -21.83 -61.62
C LYS T 82 -94.87 -22.93 -60.59
N ALA T 83 -94.88 -22.61 -59.29
CA ALA T 83 -94.93 -23.60 -58.24
C ALA T 83 -96.35 -24.00 -57.88
N LEU T 84 -97.34 -23.54 -58.64
CA LEU T 84 -98.71 -24.01 -58.48
C LEU T 84 -99.15 -24.75 -59.74
N SER T 85 -98.27 -25.60 -60.26
CA SER T 85 -98.59 -26.40 -61.43
C SER T 85 -97.96 -27.78 -61.31
N LYS U 1 -1.30 -55.92 26.93
CA LYS U 1 -0.94 -56.82 28.02
C LYS U 1 0.57 -57.04 28.07
N VAL U 2 1.13 -56.86 29.26
CA VAL U 2 2.57 -56.97 29.50
C VAL U 2 2.79 -57.87 30.70
N LYS U 3 3.52 -58.95 30.51
CA LYS U 3 3.88 -59.85 31.60
C LYS U 3 5.28 -59.51 32.10
N GLU U 4 5.76 -60.30 33.05
CA GLU U 4 7.14 -60.17 33.52
C GLU U 4 7.81 -61.54 33.59
N GLU U 6 14.43 -60.42 35.51
CA GLU U 6 13.34 -59.53 35.18
C GLU U 6 13.27 -58.33 36.11
N PRO U 7 14.00 -57.26 35.79
CA PRO U 7 13.86 -56.02 36.55
C PRO U 7 12.58 -55.31 36.16
N PHE U 8 12.23 -54.31 36.95
CA PHE U 8 10.93 -53.67 36.83
C PHE U 8 10.92 -52.54 35.83
N ASP U 9 12.05 -51.85 35.65
CA ASP U 9 12.09 -50.70 34.74
C ASP U 9 11.95 -51.15 33.29
N VAL U 10 12.35 -52.38 32.99
CA VAL U 10 12.20 -52.91 31.63
C VAL U 10 10.73 -53.12 31.30
N ALA U 11 9.98 -53.71 32.23
CA ALA U 11 8.57 -54.00 31.95
C ALA U 11 7.70 -52.76 31.93
N LEU U 12 8.15 -51.66 32.55
CA LEU U 12 7.47 -50.38 32.40
C LEU U 12 7.57 -49.87 30.98
N ARG U 13 8.80 -49.77 30.46
CA ARG U 13 9.00 -49.27 29.12
C ARG U 13 8.53 -50.24 28.06
N ARG U 14 8.39 -51.52 28.40
CA ARG U 14 7.66 -52.43 27.52
C ARG U 14 6.16 -52.28 27.62
N PHE U 15 5.66 -51.49 28.58
CA PHE U 15 4.23 -51.27 28.73
C PHE U 15 3.79 -49.89 28.29
N LYS U 16 4.61 -48.86 28.58
CA LYS U 16 4.33 -47.52 28.06
C LYS U 16 4.36 -47.50 26.55
N ARG U 17 5.23 -48.31 25.96
CA ARG U 17 5.38 -48.33 24.51
C ARG U 17 4.35 -49.24 23.86
N SER U 18 4.01 -50.36 24.50
CA SER U 18 3.05 -51.28 23.90
C SER U 18 1.65 -50.72 23.93
N CYS U 19 1.34 -49.86 24.90
CA CYS U 19 0.05 -49.17 24.89
C CYS U 19 -0.01 -48.18 23.75
N GLU U 20 1.05 -47.40 23.56
CA GLU U 20 1.06 -46.37 22.52
C GLU U 20 1.13 -46.99 21.13
N LYS U 21 1.90 -48.06 20.98
CA LYS U 21 1.97 -48.75 19.69
C LYS U 21 0.69 -49.52 19.36
N ALA U 22 -0.16 -49.78 20.36
CA ALA U 22 -1.48 -50.30 20.07
C ALA U 22 -2.48 -49.18 19.81
N GLY U 23 -2.44 -48.13 20.63
CA GLY U 23 -3.38 -47.03 20.54
C GLY U 23 -4.17 -46.89 21.83
N ALA U 24 -5.46 -46.57 21.68
CA ALA U 24 -6.42 -46.44 22.79
C ALA U 24 -5.99 -45.39 23.81
N LEU U 25 -5.27 -44.39 23.37
CA LEU U 25 -4.95 -43.24 24.20
C LEU U 25 -5.30 -41.94 23.50
N ALA U 26 -5.09 -41.87 22.18
CA ALA U 26 -5.61 -40.75 21.42
C ALA U 26 -7.09 -40.91 21.13
N GLU U 27 -7.58 -42.14 21.05
CA GLU U 27 -8.99 -42.37 20.76
C GLU U 27 -9.87 -41.98 21.94
N VAL U 28 -9.37 -42.18 23.16
CA VAL U 28 -10.09 -41.74 24.35
C VAL U 28 -10.20 -40.23 24.38
N ARG U 29 -9.15 -39.55 23.91
CA ARG U 29 -9.09 -38.10 23.96
C ARG U 29 -10.05 -37.45 22.96
N SER U 30 -10.57 -38.21 22.00
CA SER U 30 -11.55 -37.73 21.04
C SER U 30 -12.94 -38.27 21.32
N ARG U 31 -13.24 -38.58 22.58
CA ARG U 31 -14.56 -39.03 22.98
C ARG U 31 -15.24 -38.05 23.93
N GLU U 32 -14.67 -36.87 24.11
CA GLU U 32 -15.10 -35.96 25.16
C GLU U 32 -15.78 -34.72 24.61
N PHE U 33 -15.94 -34.64 23.29
CA PHE U 33 -16.72 -33.59 22.66
C PHE U 33 -17.16 -34.15 21.32
N TYR U 34 -18.43 -33.97 21.00
CA TYR U 34 -18.96 -34.51 19.76
C TYR U 34 -18.67 -33.56 18.62
N GLU U 35 -18.06 -34.07 17.55
CA GLU U 35 -17.87 -33.29 16.34
C GLU U 35 -18.98 -33.58 15.36
N LYS U 36 -19.59 -32.51 14.88
CA LYS U 36 -20.55 -32.60 13.80
C LYS U 36 -19.82 -33.07 12.55
N PRO U 37 -20.48 -33.84 11.68
CA PRO U 37 -19.76 -34.49 10.57
C PRO U 37 -19.13 -33.54 9.55
N THR U 38 -19.49 -32.25 9.55
CA THR U 38 -18.73 -31.30 8.76
C THR U 38 -17.34 -31.09 9.33
N ALA U 39 -17.25 -30.96 10.66
CA ALA U 39 -15.97 -30.81 11.31
C ALA U 39 -15.12 -32.07 11.22
N GLU U 40 -15.75 -33.23 11.04
CA GLU U 40 -14.99 -34.43 10.70
C GLU U 40 -14.64 -34.51 9.23
N ARG U 41 -15.29 -33.71 8.37
CA ARG U 41 -14.80 -33.55 7.02
C ARG U 41 -13.73 -32.47 6.90
N LYS U 42 -13.40 -31.77 7.98
CA LYS U 42 -12.24 -30.89 7.92
C LYS U 42 -10.95 -31.63 8.23
N ARG U 43 -11.01 -32.64 9.11
CA ARG U 43 -9.86 -33.50 9.31
C ARG U 43 -9.56 -34.29 8.05
N LYS U 44 -10.60 -34.76 7.37
CA LYS U 44 -10.41 -35.48 6.12
C LYS U 44 -9.90 -34.58 5.00
N ALA U 45 -10.10 -33.27 5.12
CA ALA U 45 -9.63 -32.35 4.10
C ALA U 45 -8.22 -31.84 4.39
N ALA U 46 -7.96 -31.43 5.63
CA ALA U 46 -6.66 -30.84 5.92
C ALA U 46 -5.56 -31.88 5.99
N ALA U 47 -5.88 -33.12 6.37
CA ALA U 47 -4.84 -34.13 6.46
C ALA U 47 -4.46 -34.68 5.10
N ALA U 48 -5.37 -34.65 4.13
CA ALA U 48 -5.02 -35.08 2.78
C ALA U 48 -4.12 -34.08 2.10
N VAL U 49 -4.27 -32.79 2.42
CA VAL U 49 -3.36 -31.77 1.90
C VAL U 49 -1.99 -31.92 2.55
N LYS U 50 -1.96 -32.20 3.86
CA LYS U 50 -0.69 -32.34 4.55
C LYS U 50 0.04 -33.63 4.20
N ARG U 51 -0.57 -34.54 3.47
CA ARG U 51 0.16 -35.73 3.01
C ARG U 51 0.64 -35.58 1.58
N HIS U 52 -0.16 -34.99 0.70
CA HIS U 52 0.28 -34.87 -0.69
C HIS U 52 1.28 -33.74 -0.86
N ALA U 53 1.24 -32.73 0.01
CA ALA U 53 2.27 -31.71 0.01
C ALA U 53 3.56 -32.18 0.65
N LYS U 54 3.48 -33.19 1.52
CA LYS U 54 4.68 -33.73 2.13
C LYS U 54 5.42 -34.64 1.18
N LYS U 55 4.73 -35.24 0.22
CA LYS U 55 5.39 -36.05 -0.80
C LYS U 55 6.12 -35.20 -1.81
N VAL U 56 5.89 -33.90 -1.86
CA VAL U 56 6.51 -33.01 -2.82
C VAL U 56 7.56 -32.12 -2.18
N GLN U 57 7.32 -31.66 -0.94
CA GLN U 57 8.31 -30.88 -0.22
C GLN U 57 9.53 -31.72 0.15
N ARG U 58 9.35 -33.02 0.36
CA ARG U 58 10.50 -33.89 0.59
C ARG U 58 11.33 -34.09 -0.67
N GLU U 59 10.73 -33.95 -1.85
CA GLU U 59 11.50 -34.06 -3.09
C GLU U 59 12.49 -32.92 -3.26
N GLN U 60 12.21 -31.76 -2.65
CA GLN U 60 13.18 -30.68 -2.62
C GLN U 60 14.39 -31.05 -1.77
N ARG U 61 14.17 -31.80 -0.69
CA ARG U 61 15.27 -32.39 0.06
C ARG U 61 15.90 -33.55 -0.71
N ARG U 62 15.10 -34.25 -1.52
CA ARG U 62 15.59 -35.32 -2.38
C ARG U 62 16.12 -34.82 -3.72
N ARG U 63 16.49 -33.56 -3.83
CA ARG U 63 17.16 -33.05 -5.03
C ARG U 63 18.64 -33.41 -5.02
#